data_5GAM
#
_entry.id   5GAM
#
_cell.length_a   1.0
_cell.length_b   1.0
_cell.length_c   1.0
_cell.angle_alpha   90.0
_cell.angle_beta   90.0
_cell.angle_gamma   90.0
#
_symmetry.space_group_name_H-M   'P 1'
#
loop_
_entity.id
_entity.type
_entity.pdbx_description
1 polymer 'U5 snRNA'
2 polymer 'Pre-mRNA-splicing factor 8'
3 polymer 'Pre-mRNA-splicing factor SNU114'
4 polymer "U6 snRNA, 5' end"
5 polymer 'Small nuclear ribonucleoprotein-associated protein B'
6 polymer 'Small nuclear ribonucleoprotein E'
7 polymer 'Small nuclear ribonucleoprotein F'
8 polymer 'Small nuclear ribonucleoprotein G'
9 polymer 'Unknown polypeptide'
10 polymer 'Small nuclear ribonucleoprotein Sm D3'
11 polymer 'Small nuclear ribonucleoprotein Sm D1'
12 polymer 'Small nuclear ribonucleoprotein Sm D2'
13 non-polymer "GUANOSINE-5'-TRIPHOSPHATE"
#
loop_
_entity_poly.entity_id
_entity_poly.type
_entity_poly.pdbx_seq_one_letter_code
_entity_poly.pdbx_strand_id
1 'polyribonucleotide'
;AAGCAGCUUUACAGAUCAAUGGCGGAGGGAGGUCAACAUCAAGAACUGUGGGCCUUUUAUUGCCUAUAGAACUUAUAACG
AACAUGGUUCUUGCCUUUUACCAGAACCAUCCGGGUGUUGUCUCCAUAGAAACAGGUAAAGCUGUCCGUUACUGUGGGCU
UGCCAUAUUUUUUGGAAC
;
U
2 'polypeptide(L)'
;MSGLPPPPPGFEEDSDLALPPPPPPPPGYEIEELDNPMVPSSVNEDTFLPPPPPPPSNFEINAEEIVDFTLPPPPPPPGL
DELETKAEKKVELHGKRKLDIGKDTFVTRKSRKRAKKMTKKAKRSNLYTPKAEMPPEHLRKIINTHSDMASKMYNTDKKA
FLGALKYLPHAILKLLENMPHPWEQAKEVKVLYHTSGAITFVNETPRVIEPVYTAQWSATWIAMRREKRDRTHFKRMRFP
PFDDDEPPLSYEQHIENIEPLDPINLPLDSQDDEYVKDWLYDSRPLEEDSKKVNGTSYKKWSFDLPEMSNLYRLSTPLRD
EVTDKNYYYLFDKKSFFNGKALNNAIPGGPKFEPLYPREEEEDYNEFNSIDRVIFRVPIRSEYKVAFPHLYNSRPRSVRI
PWYNNPVSCIIQNDEEYDTPALFFDPSLNPIPHFIDNNSSLNVSNTKENGDFTLPEDFAPLLAEEEELILPNTKDAMSLY
HSPFPFNRTKGKMVRAQDVALAKKWFLQHPDEEYPVKVKVSYQKLLKNYVLNELHPTLPTNHNKTKLLKSLKNTKYFQQT
TIDWVEAGLQLCRQGHNMLNLLIHRKGLTYLHLDYNFNLKPTKTLTTKERKKSRLGNSFHLMRELLKMMKLIVDTHVQFR
LGNVDAFQLADGIHYILNHIGQLTGIYRYKYKVMHQIRACKDLKHIIYYKFNKNLGKGPGCGFWQPAWRVWLNFLRGTIP
LLERYIGNLITRQFE
;
A
3 'polypeptide(L)'
;MEGDDLFDEFGNLIGVDPFDSDEEESVLDEQEQYQTNTFEGSGNNNEIESRQLTSLGSKKELGISLEHPYGKEVEVLMET
KNTQSPQTPLVEPVTERTKLQEHTIFTQLKKNIPKTRYNRDYMLSMANIPERIINVGVIGPLHSGKTSLMDLLVIDSHKR
IPDMSKNVELGWKPLRYLDNLKQEIDRGLSIKLNGSTLLCTDLESKSRMINFLDAPGHVNFMDETAVALAASDLVLIVID
VVEGVTFVVEQLIKQSIKNNVAMCFVINKLDRLILDLKLPPMDAYLKLNHIIANINSFTKGNVFSPIDNNIIFASTKLGF
TFTIKEFVSYYYAHSIPSSKIDDFTTRLWGSVYYHKGNFRTKPFENVEKYPTFVEFILIPLYKIFSYALSMEKDKLKNLL
RSNFRVNLSQEALQYDPQPFLKHVLQLIFRQQTGLVDAITRCYQPFELFDNKTAHLSIPGKSTPEGTLWAHVLKTVDYGG
AEWSLVRIYSGLLKRGDTVRILDTSQSESRQKRQLHDISKTETSNEDEDSKTETPSCEVEEIGLLGGRYVYPVHEAHKGQ
IVLIKGISSAYIKSATLYSVKSKEDMKQLKFFKPLDYITEAVFKIVLQPLLPRELPKLLDALNKISKYYPGVIIKVEESG
EHVILGNGELYMDCLLYDLRASYAKIEIKISDPLTVFSESCSNESFASIPVSNSISRLGEENLPGLSISVAAEPMDSKMI
QDLSRNTLGKGQNCLDIDGIMDNPRKLSKILRTEYGWDSLASRNVWSFYNGNVLINDTLPDEISPELLSKYKEQIIQGFY
WAVKEGPLAEEPIYGVQYKLLSISVPSDVNIDVMKSQIIPLMKKACYVGLLTAIPILLEPIYEVDITVHAPLLPIVEELM
KKRRGSRIYKTIKVAGTPLLEVRGQVPVIESAGFETDLRLSTNGLGMCQLYFWHKIWRKVPGDVLDKDAFIPKLKPAPIN
SLSRDFVMKTRRRKGISTGGFMSNDGPTLEKYISAELYAQLRENGLVP
;
C
4 'polyribonucleotide' GUUCGCGAAGUAACCCUUCGUGGACAUUUGG W
5 'polypeptide(L)'
;MSKIQVAHSSRLANLIDYKLRVLTQDGRVYIGQLMAFDKHMNLVLNECIEERVPKTQLDKLRPRKDSKDGTTLNIKVEKR
VLGLTILRGEQILSTVVEDKPLLSKKERLVRDKKEKKQAQKQTKLRKEKEKKPGKIAKPNTANAKHTSSNSREIAQPSSS
RYNGGNDNIGANRSRFNNEAPPQTRKFQPPPGFKRK
;
b
6 'polypeptide(L)'
;MSNKVKTKAMVPPINCIFNFLQQQTPVTIWLFEQIGIRIKGKIVGFDEFMNVVIDEAVEIPVNSADGKEDVEKGTPLGKI
LLKGDNITLITSAD
;
e
7 'polypeptide(L)'
;MSESSDISAMQPVNPKPFLKGLVNHRVGVKLKFNSTEYRGTLVSTDNYFNLQLNEAEEFVAGVSHGTLGEIFIRCNNVLY
IRELPN
;
f
8 'polypeptide(L)' MVSTPELKKYMDKKILLNINGSRKVAGILRGYDIFLNVVLDDAMEINGEDPANNHQLGLQTVIRGNSIISLEALDAI g
9 'polypeptide(L)'
;(UNK)(UNK)(UNK)(UNK)(UNK)(UNK)(UNK)(UNK)(UNK)(UNK)(UNK)(UNK)(UNK)(UNK)(UNK)(UNK)
(UNK)(UNK)
;
x
10 'polypeptide(L)'
;MTMNGIPVKLLNEAQGHIVSLELTTGATYRGKLVESEDSMNVQLRDVIATEPQGAVTHMDQIFVRGSQIKFIVVPDLLKN
APLFKKNSSRPMPPIRGPKRR
;
d
11 'polypeptide(L)'
;MKLVNFLKKLRNEQVTIELKNGTTVWGTLQSVSPQMNAILTDVKLTLPQPRLNKLNSNGIAMASLYLTGGQQPTASDNIA
SLQYINIRGNTIRQIILPDSLNLDSLLVDQKQLNSLRRSGQIANDPSKKRRRDFGAPANKRPRRGL
;
h
12 'polypeptide(L)'
;MSSQIIDRPKHELSRAELEELEEFEFKHGPMSLINDAMVTRTPVIISLRNNHKIIARVKAFDRHCNMVLENVKELWTEKK
GKNVINRERFISKLFLRGDSVIVVLKTPVE
;
j
#
loop_
_chem_comp.id
_chem_comp.type
_chem_comp.name
_chem_comp.formula
A RNA linking ADENOSINE-5'-MONOPHOSPHATE 'C10 H14 N5 O7 P'
C RNA linking CYTIDINE-5'-MONOPHOSPHATE 'C9 H14 N3 O8 P'
G RNA linking GUANOSINE-5'-MONOPHOSPHATE 'C10 H14 N5 O8 P'
GTP non-polymer GUANOSINE-5'-TRIPHOSPHATE 'C10 H16 N5 O14 P3'
U RNA linking URIDINE-5'-MONOPHOSPHATE 'C9 H13 N2 O9 P'
#
# COMPACT_ATOMS: atom_id res chain seq x y z
N LYS B 110 -21.02 32.40 41.41
CA LYS B 110 -22.36 31.77 41.30
C LYS B 110 -23.37 32.80 40.83
N SER B 111 -23.29 33.98 41.44
CA SER B 111 -24.18 35.10 41.10
C SER B 111 -24.05 35.45 39.63
N ARG B 112 -22.80 35.54 39.20
CA ARG B 112 -22.47 35.88 37.80
C ARG B 112 -23.10 34.86 36.85
N LYS B 113 -22.93 33.59 37.22
CA LYS B 113 -23.46 32.47 36.45
C LYS B 113 -24.97 32.60 36.30
N ARG B 114 -25.60 32.89 37.43
CA ARG B 114 -27.06 33.06 37.51
C ARG B 114 -27.51 34.16 36.55
N ALA B 115 -26.79 35.26 36.61
CA ALA B 115 -27.05 36.44 35.78
C ALA B 115 -26.99 36.07 34.31
N LYS B 116 -25.93 35.33 33.98
CA LYS B 116 -25.69 34.87 32.61
C LYS B 116 -26.87 34.03 32.12
N LYS B 117 -27.29 33.12 32.99
CA LYS B 117 -28.41 32.21 32.72
C LYS B 117 -29.67 33.01 32.41
N MET B 118 -29.90 34.01 33.25
CA MET B 118 -31.07 34.90 33.15
C MET B 118 -31.06 35.59 31.79
N THR B 119 -29.88 36.10 31.44
CA THR B 119 -29.67 36.81 30.18
C THR B 119 -30.01 35.90 29.00
N LYS B 120 -29.52 34.67 29.09
CA LYS B 120 -29.73 33.64 28.06
C LYS B 120 -31.23 33.40 27.88
N LYS B 121 -31.91 33.26 29.01
CA LYS B 121 -33.35 33.00 29.06
C LYS B 121 -34.28 34.11 28.52
N ALA B 122 -34.27 35.25 29.19
CA ALA B 122 -35.25 36.33 28.97
C ALA B 122 -35.02 37.19 27.72
N LYS B 123 -33.86 37.05 27.08
CA LYS B 123 -33.54 37.80 25.86
C LYS B 123 -34.45 37.39 24.70
N ARG B 124 -34.48 36.08 24.41
CA ARG B 124 -35.30 35.50 23.35
C ARG B 124 -35.92 34.17 23.77
N SER B 125 -37.09 33.86 23.19
CA SER B 125 -37.78 32.57 23.37
C SER B 125 -38.17 32.26 24.83
N ASN B 126 -39.32 32.81 25.24
CA ASN B 126 -39.91 32.50 26.54
C ASN B 126 -40.57 31.12 26.51
N LEU B 127 -40.69 30.50 27.68
CA LEU B 127 -41.27 29.15 27.80
C LEU B 127 -42.74 29.06 27.37
N TYR B 128 -42.98 28.39 26.24
CA TYR B 128 -44.32 27.96 25.85
C TYR B 128 -44.52 26.55 26.39
N THR B 129 -45.56 26.37 27.20
CA THR B 129 -45.76 25.10 27.92
C THR B 129 -46.02 23.93 26.95
N PRO B 130 -45.39 22.76 27.20
CA PRO B 130 -45.68 21.58 26.40
C PRO B 130 -46.99 20.95 26.87
N LYS B 131 -47.97 20.84 25.98
CA LYS B 131 -49.29 20.37 26.35
C LYS B 131 -49.29 18.87 26.54
N ALA B 132 -50.18 18.38 27.39
CA ALA B 132 -50.21 16.97 27.76
C ALA B 132 -50.87 16.10 26.69
N GLU B 133 -50.64 14.80 26.79
CA GLU B 133 -51.24 13.81 25.90
C GLU B 133 -52.59 13.39 26.46
N MET B 134 -53.66 13.82 25.80
CA MET B 134 -55.03 13.63 26.32
C MET B 134 -55.53 12.21 26.03
N PRO B 135 -56.69 11.83 26.60
CA PRO B 135 -57.26 10.52 26.26
C PRO B 135 -57.89 10.46 24.86
N PRO B 136 -57.95 9.25 24.25
CA PRO B 136 -58.70 9.06 22.99
C PRO B 136 -60.22 9.16 23.14
N GLU B 137 -60.68 8.86 24.36
CA GLU B 137 -62.10 8.95 24.71
C GLU B 137 -62.63 10.36 24.45
N HIS B 138 -61.85 11.34 24.89
CA HIS B 138 -62.16 12.75 24.74
C HIS B 138 -62.38 13.09 23.26
N LEU B 139 -61.41 12.62 22.47
CA LEU B 139 -61.40 12.83 21.02
C LEU B 139 -62.67 12.26 20.40
N ARG B 140 -62.99 11.05 20.81
CA ARG B 140 -64.17 10.31 20.34
C ARG B 140 -65.43 11.13 20.63
N LYS B 141 -65.50 11.62 21.86
CA LYS B 141 -66.62 12.42 22.34
C LYS B 141 -66.81 13.65 21.45
N ILE B 142 -65.68 14.31 21.19
CA ILE B 142 -65.64 15.52 20.36
C ILE B 142 -66.20 15.22 18.98
N ILE B 143 -65.73 14.10 18.42
CA ILE B 143 -66.14 13.64 17.10
C ILE B 143 -67.66 13.46 17.05
N ASN B 144 -68.15 12.80 18.10
CA ASN B 144 -69.58 12.50 18.25
C ASN B 144 -70.39 13.80 18.24
N THR B 145 -69.88 14.75 19.02
CA THR B 145 -70.51 16.06 19.16
C THR B 145 -70.60 16.75 17.80
N HIS B 146 -69.49 16.69 17.08
CA HIS B 146 -69.38 17.29 15.75
C HIS B 146 -70.43 16.69 14.82
N SER B 147 -70.52 15.37 14.87
CA SER B 147 -71.47 14.60 14.05
C SER B 147 -72.89 15.06 14.34
N ASP B 148 -73.18 15.18 15.63
CA ASP B 148 -74.50 15.61 16.12
C ASP B 148 -74.85 16.99 15.54
N MET B 149 -73.86 17.87 15.63
CA MET B 149 -73.99 19.25 15.13
C MET B 149 -74.34 19.25 13.65
N ALA B 150 -73.63 18.46 12.85
CA ALA B 150 -73.86 18.36 11.39
C ALA B 150 -73.71 19.69 10.66
N ASN B 155 -74.73 23.97 9.33
CA ASN B 155 -73.29 24.05 9.54
C ASN B 155 -72.92 25.13 10.57
N THR B 156 -71.73 24.98 11.16
CA THR B 156 -71.19 25.96 12.11
C THR B 156 -70.54 27.12 11.36
N ASP B 157 -69.55 26.79 10.52
CA ASP B 157 -68.83 27.77 9.70
C ASP B 157 -68.08 28.83 10.52
N LYS B 158 -67.36 28.37 11.55
CA LYS B 158 -66.51 29.25 12.37
C LYS B 158 -65.25 29.62 11.59
N LYS B 159 -64.49 30.58 12.11
CA LYS B 159 -63.33 31.12 11.39
C LYS B 159 -62.15 30.19 11.55
N ALA B 160 -61.93 29.78 12.80
CA ALA B 160 -60.83 28.89 13.16
C ALA B 160 -60.91 27.59 12.37
N PHE B 161 -62.12 27.04 12.34
CA PHE B 161 -62.42 25.80 11.64
C PHE B 161 -62.06 25.92 10.16
N LEU B 162 -62.49 27.03 9.59
CA LEU B 162 -62.26 27.36 8.18
C LEU B 162 -60.75 27.38 7.90
N GLY B 163 -60.03 28.05 8.79
CA GLY B 163 -58.59 28.20 8.70
C GLY B 163 -57.91 26.83 8.68
N ALA B 164 -58.35 25.96 9.58
CA ALA B 164 -57.68 24.68 9.79
C ALA B 164 -57.82 23.79 8.58
N LEU B 165 -58.97 23.87 7.92
CA LEU B 165 -59.22 23.08 6.72
C LEU B 165 -58.11 23.14 5.68
N LYS B 166 -57.43 24.28 5.55
CA LYS B 166 -56.28 24.46 4.64
C LYS B 166 -55.28 23.30 4.54
N TYR B 167 -55.08 22.56 5.63
CA TYR B 167 -54.04 21.53 5.73
C TYR B 167 -54.53 20.09 5.60
N LEU B 168 -55.64 19.86 4.89
CA LEU B 168 -56.21 18.53 4.77
C LEU B 168 -55.41 17.58 3.89
N PRO B 169 -54.88 18.04 2.75
CA PRO B 169 -54.11 17.11 1.95
C PRO B 169 -52.84 16.66 2.65
N HIS B 170 -52.21 17.59 3.39
CA HIS B 170 -51.04 17.28 4.21
C HIS B 170 -51.38 16.18 5.22
N ALA B 171 -52.52 16.37 5.87
CA ALA B 171 -53.04 15.44 6.86
C ALA B 171 -53.20 14.05 6.27
N ILE B 172 -53.81 14.04 5.10
CA ILE B 172 -54.07 12.81 4.33
C ILE B 172 -52.76 12.08 4.07
N LEU B 173 -51.78 12.85 3.61
CA LEU B 173 -50.46 12.34 3.28
C LEU B 173 -49.83 11.68 4.51
N LYS B 174 -49.94 12.39 5.62
CA LYS B 174 -49.39 11.94 6.90
C LYS B 174 -50.01 10.59 7.29
N LEU B 175 -51.32 10.54 7.14
CA LEU B 175 -52.10 9.34 7.46
C LEU B 175 -51.61 8.16 6.63
N LEU B 176 -51.44 8.43 5.34
CA LEU B 176 -50.97 7.43 4.38
C LEU B 176 -49.61 6.88 4.81
N GLU B 177 -48.74 7.82 5.18
CA GLU B 177 -47.38 7.50 5.63
C GLU B 177 -47.42 6.56 6.82
N ASN B 178 -48.29 6.81 7.79
CA ASN B 178 -48.38 5.88 8.93
C ASN B 178 -49.34 4.70 8.68
N MET B 179 -49.33 4.15 7.46
CA MET B 179 -50.09 2.93 7.19
C MET B 179 -49.53 1.80 8.02
N PRO B 180 -50.39 0.96 8.55
CA PRO B 180 -49.94 -0.21 9.27
C PRO B 180 -49.46 -1.28 8.30
N HIS B 181 -48.23 -1.74 8.47
CA HIS B 181 -47.67 -2.76 7.60
C HIS B 181 -48.26 -4.12 7.96
N PRO B 182 -48.36 -5.05 6.98
CA PRO B 182 -48.90 -6.40 7.19
C PRO B 182 -48.47 -7.12 8.47
N TRP B 183 -47.26 -6.83 8.94
CA TRP B 183 -46.77 -7.42 10.19
C TRP B 183 -47.32 -6.77 11.47
N GLU B 184 -48.02 -5.64 11.34
CA GLU B 184 -48.55 -4.91 12.49
C GLU B 184 -50.08 -5.05 12.60
N GLN B 185 -50.55 -5.49 13.79
CA GLN B 185 -51.97 -5.65 14.08
C GLN B 185 -52.71 -4.33 13.90
N ALA B 186 -52.26 -3.32 14.66
CA ALA B 186 -52.90 -2.02 14.73
C ALA B 186 -51.86 -0.96 15.02
N LYS B 187 -51.68 -0.04 14.07
CA LYS B 187 -50.73 1.06 14.25
C LYS B 187 -51.35 2.05 15.23
N GLU B 188 -50.96 1.95 16.49
CA GLU B 188 -51.36 2.96 17.46
C GLU B 188 -50.48 4.17 17.24
N VAL B 189 -51.12 5.31 16.98
CA VAL B 189 -50.48 6.49 16.40
C VAL B 189 -50.92 7.77 17.12
N LYS B 190 -49.99 8.72 17.24
CA LYS B 190 -50.22 10.03 17.85
C LYS B 190 -50.77 10.98 16.80
N VAL B 191 -51.59 11.94 17.24
CA VAL B 191 -52.44 12.73 16.36
C VAL B 191 -52.61 14.15 16.89
N LEU B 192 -52.75 15.12 15.98
CA LEU B 192 -53.27 16.45 16.32
C LEU B 192 -54.71 16.54 15.84
N TYR B 193 -55.54 17.22 16.62
CA TYR B 193 -56.96 17.36 16.26
C TYR B 193 -57.59 18.66 16.77
N HIS B 194 -58.42 19.26 15.94
CA HIS B 194 -59.02 20.57 16.20
C HIS B 194 -60.09 20.47 17.29
N THR B 195 -60.26 21.53 18.07
CA THR B 195 -61.25 21.53 19.16
C THR B 195 -62.65 21.10 18.70
N SER B 196 -63.02 21.46 17.47
CA SER B 196 -64.31 21.09 16.89
C SER B 196 -64.49 19.58 16.73
N GLY B 197 -63.41 18.91 16.32
CA GLY B 197 -63.47 17.55 15.81
C GLY B 197 -63.28 17.55 14.31
N ALA B 198 -62.23 18.23 13.87
CA ALA B 198 -61.91 18.40 12.46
C ALA B 198 -60.42 18.19 12.26
N ILE B 199 -60.02 18.08 10.99
CA ILE B 199 -58.62 18.04 10.54
C ILE B 199 -57.71 17.19 11.42
N THR B 200 -58.22 16.03 11.82
CA THR B 200 -57.64 15.20 12.85
C THR B 200 -56.54 14.36 12.21
N PHE B 201 -55.31 14.90 12.23
CA PHE B 201 -54.24 14.29 11.45
C PHE B 201 -53.06 13.78 12.24
N VAL B 202 -52.43 12.75 11.68
CA VAL B 202 -51.37 12.03 12.34
C VAL B 202 -50.19 12.96 12.62
N ASN B 203 -49.51 12.72 13.75
CA ASN B 203 -48.36 13.51 14.16
C ASN B 203 -47.08 12.83 13.77
N GLU B 204 -46.85 11.63 14.31
CA GLU B 204 -45.53 10.99 14.24
C GLU B 204 -45.13 10.71 12.80
N THR B 205 -43.84 10.88 12.51
CA THR B 205 -43.26 10.39 11.26
C THR B 205 -42.93 8.90 11.47
N PRO B 206 -43.21 8.07 10.45
CA PRO B 206 -42.86 6.67 10.57
C PRO B 206 -41.42 6.52 10.16
N ARG B 207 -40.76 5.55 10.76
CA ARG B 207 -39.35 5.35 10.50
C ARG B 207 -38.95 4.02 11.03
N VAL B 208 -37.79 3.57 10.60
CA VAL B 208 -37.45 2.19 10.74
C VAL B 208 -35.96 1.96 10.71
N ILE B 209 -35.55 0.90 11.39
CA ILE B 209 -34.23 0.37 11.23
C ILE B 209 -34.34 -0.28 9.86
N GLU B 210 -33.56 0.26 8.92
CA GLU B 210 -33.69 -0.05 7.50
C GLU B 210 -33.43 -1.51 7.11
N PRO B 211 -32.33 -2.11 7.61
CA PRO B 211 -32.15 -3.53 7.36
C PRO B 211 -33.24 -4.36 8.00
N VAL B 212 -33.65 -3.97 9.21
CA VAL B 212 -34.74 -4.63 9.93
C VAL B 212 -36.01 -4.56 9.11
N TYR B 213 -36.29 -3.37 8.58
CA TYR B 213 -37.47 -3.12 7.76
C TYR B 213 -37.48 -4.05 6.56
N THR B 214 -36.31 -4.13 5.91
CA THR B 214 -36.13 -4.97 4.73
C THR B 214 -36.44 -6.42 5.06
N ALA B 215 -35.90 -6.85 6.19
CA ALA B 215 -36.08 -8.22 6.70
C ALA B 215 -37.57 -8.52 6.87
N GLN B 216 -38.24 -7.56 7.50
CA GLN B 216 -39.68 -7.66 7.77
C GLN B 216 -40.45 -7.84 6.46
N TRP B 217 -40.08 -7.00 5.50
CA TRP B 217 -40.72 -7.01 4.18
C TRP B 217 -40.54 -8.38 3.52
N SER B 218 -39.32 -8.88 3.61
CA SER B 218 -38.96 -10.20 3.05
C SER B 218 -39.82 -11.28 3.66
N ALA B 219 -39.96 -11.21 4.97
CA ALA B 219 -40.76 -12.17 5.75
C ALA B 219 -42.20 -12.16 5.25
N THR B 220 -42.71 -10.93 5.09
CA THR B 220 -44.09 -10.72 4.61
C THR B 220 -44.28 -11.36 3.24
N TRP B 221 -43.31 -11.12 2.38
CA TRP B 221 -43.28 -11.65 1.01
C TRP B 221 -43.37 -13.16 1.04
N ILE B 222 -42.54 -13.74 1.89
CA ILE B 222 -42.45 -15.19 2.07
C ILE B 222 -43.81 -15.75 2.48
N ALA B 223 -44.41 -15.07 3.44
CA ALA B 223 -45.72 -15.44 3.98
C ALA B 223 -46.76 -15.45 2.87
N MET B 224 -46.72 -14.39 2.07
CA MET B 224 -47.64 -14.21 0.94
C MET B 224 -47.50 -15.38 -0.03
N ARG B 225 -46.25 -15.71 -0.33
CA ARG B 225 -45.90 -16.80 -1.23
C ARG B 225 -46.51 -18.11 -0.73
N ARG B 226 -46.31 -18.33 0.56
CA ARG B 226 -46.80 -19.54 1.24
C ARG B 226 -48.32 -19.64 1.10
N GLU B 227 -48.97 -18.52 1.34
CA GLU B 227 -50.43 -18.40 1.26
C GLU B 227 -50.90 -18.78 -0.14
N LYS B 228 -50.20 -18.22 -1.13
CA LYS B 228 -50.49 -18.47 -2.54
C LYS B 228 -50.41 -19.97 -2.85
N ARG B 229 -49.34 -20.56 -2.35
CA ARG B 229 -49.06 -22.00 -2.52
C ARG B 229 -50.22 -22.82 -1.96
N ASP B 230 -50.63 -22.43 -0.76
CA ASP B 230 -51.71 -23.09 -0.02
C ASP B 230 -53.14 -23.02 -0.57
N ARG B 231 -53.69 -21.81 -0.51
CA ARG B 231 -55.11 -21.57 -0.79
C ARG B 231 -55.39 -21.67 -2.28
N THR B 232 -56.55 -22.24 -2.60
CA THR B 232 -56.94 -22.53 -3.98
C THR B 232 -57.82 -21.43 -4.54
N HIS B 233 -59.01 -21.28 -3.97
CA HIS B 233 -59.94 -20.23 -4.34
C HIS B 233 -59.68 -19.02 -3.45
N PHE B 234 -58.67 -18.24 -3.84
CA PHE B 234 -58.32 -17.02 -3.11
C PHE B 234 -59.33 -15.93 -3.47
N LYS B 235 -60.15 -15.57 -2.49
CA LYS B 235 -61.20 -14.56 -2.66
C LYS B 235 -60.60 -13.15 -2.56
N ARG B 236 -60.50 -12.48 -3.71
CA ARG B 236 -59.98 -11.12 -3.77
C ARG B 236 -61.01 -10.13 -3.21
N MET B 237 -60.53 -8.98 -2.75
CA MET B 237 -61.39 -7.97 -2.14
C MET B 237 -62.16 -7.21 -3.22
N ARG B 238 -63.45 -7.00 -2.96
CA ARG B 238 -64.32 -6.22 -3.86
C ARG B 238 -64.25 -4.73 -3.53
N PHE B 239 -64.21 -3.87 -4.56
CA PHE B 239 -64.18 -2.41 -4.39
C PHE B 239 -65.23 -1.70 -5.23
N PRO B 240 -65.75 -0.57 -4.76
CA PRO B 240 -65.45 -0.03 -3.43
C PRO B 240 -66.12 -0.88 -2.35
N PRO B 241 -65.49 -0.99 -1.17
CA PRO B 241 -65.80 -2.01 -0.16
C PRO B 241 -67.19 -1.87 0.46
N PHE B 242 -67.68 -0.64 0.57
CA PHE B 242 -68.97 -0.38 1.20
C PHE B 242 -69.94 0.31 0.25
N ASP B 243 -71.20 0.35 0.66
CA ASP B 243 -72.25 0.99 -0.12
C ASP B 243 -72.05 2.50 -0.11
N ASP B 244 -71.57 3.03 -1.24
CA ASP B 244 -71.31 4.46 -1.39
C ASP B 244 -72.56 5.31 -1.23
N ASP B 245 -73.71 4.78 -1.67
CA ASP B 245 -75.01 5.44 -1.50
C ASP B 245 -75.32 5.70 -0.04
N GLU B 246 -75.15 4.67 0.80
CA GLU B 246 -75.32 4.80 2.25
C GLU B 246 -74.11 5.50 2.88
N PRO B 247 -74.14 5.75 4.20
CA PRO B 247 -72.99 6.30 4.92
C PRO B 247 -72.39 5.35 5.97
N PRO B 248 -72.06 4.09 5.60
CA PRO B 248 -71.53 3.17 6.60
C PRO B 248 -70.11 3.54 7.07
N LEU B 249 -70.07 4.37 8.11
CA LEU B 249 -68.85 4.64 8.87
C LEU B 249 -68.90 3.79 10.13
N SER B 250 -67.83 3.83 10.93
CA SER B 250 -67.75 2.95 12.10
C SER B 250 -66.63 3.37 13.06
N TYR B 251 -66.93 3.30 14.37
CA TYR B 251 -65.94 3.64 15.43
C TYR B 251 -66.09 2.74 16.67
N GLU B 252 -67.26 2.86 17.28
CA GLU B 252 -67.61 2.12 18.49
C GLU B 252 -67.50 0.61 18.23
N GLN B 253 -68.04 0.20 17.10
CA GLN B 253 -68.03 -1.20 16.68
C GLN B 253 -66.59 -1.72 16.60
N HIS B 254 -65.76 -0.90 15.96
CA HIS B 254 -64.34 -1.22 15.76
C HIS B 254 -63.66 -1.41 17.12
N ILE B 255 -63.95 -0.48 18.02
CA ILE B 255 -63.30 -0.44 19.32
C ILE B 255 -63.54 -1.72 20.10
N GLU B 256 -64.79 -2.15 20.19
CA GLU B 256 -65.16 -3.33 20.98
C GLU B 256 -65.47 -4.51 20.05
N ASN B 257 -64.58 -4.72 19.08
CA ASN B 257 -64.70 -5.80 18.11
C ASN B 257 -63.94 -6.99 18.64
N ILE B 258 -64.13 -8.14 17.98
CA ILE B 258 -63.31 -9.32 18.22
C ILE B 258 -61.82 -9.01 18.06
N GLU B 259 -60.98 -9.86 18.64
CA GLU B 259 -59.54 -9.69 18.62
C GLU B 259 -59.04 -9.54 17.17
N PRO B 260 -58.33 -8.43 16.86
CA PRO B 260 -57.69 -8.27 15.55
C PRO B 260 -56.86 -9.50 15.16
N LEU B 261 -57.41 -10.28 14.23
CA LEU B 261 -56.90 -11.62 13.94
C LEU B 261 -55.52 -11.65 13.30
N ASP B 262 -54.73 -12.65 13.69
CA ASP B 262 -53.36 -12.94 13.19
C ASP B 262 -52.91 -12.19 11.93
N PRO B 263 -52.13 -11.10 12.10
CA PRO B 263 -51.48 -10.44 10.95
C PRO B 263 -50.35 -11.25 10.30
N ILE B 264 -49.75 -10.67 9.28
CA ILE B 264 -48.82 -11.38 8.41
C ILE B 264 -47.41 -11.38 8.98
N ASN B 265 -47.06 -12.47 9.67
CA ASN B 265 -45.68 -12.72 10.06
C ASN B 265 -45.41 -14.22 10.01
N LEU B 266 -44.40 -14.61 9.25
CA LEU B 266 -44.12 -16.02 9.04
C LEU B 266 -43.58 -16.65 10.33
N PRO B 267 -43.82 -17.96 10.52
CA PRO B 267 -43.33 -18.66 11.72
C PRO B 267 -41.82 -18.91 11.66
N LEU B 268 -41.10 -18.44 12.67
CA LEU B 268 -39.64 -18.56 12.75
C LEU B 268 -39.22 -19.67 13.70
N ASP B 269 -38.29 -20.51 13.25
CA ASP B 269 -37.72 -21.56 14.09
C ASP B 269 -36.70 -21.00 15.09
N SER B 270 -36.56 -21.68 16.22
CA SER B 270 -35.65 -21.27 17.29
C SER B 270 -34.17 -21.46 16.94
N GLN B 271 -33.87 -22.34 15.99
CA GLN B 271 -32.49 -22.66 15.62
C GLN B 271 -31.86 -21.52 14.84
N ASP B 272 -32.47 -21.22 13.69
CA ASP B 272 -31.86 -20.40 12.65
C ASP B 272 -31.99 -18.91 12.96
N ASP B 273 -33.23 -18.43 13.07
CA ASP B 273 -33.52 -17.01 13.33
C ASP B 273 -33.92 -16.81 14.79
N GLU B 274 -32.99 -17.14 15.68
CA GLU B 274 -33.20 -17.10 17.13
C GLU B 274 -33.14 -15.69 17.67
N TYR B 275 -32.24 -14.89 17.12
CA TYR B 275 -31.94 -13.58 17.70
C TYR B 275 -32.99 -12.52 17.39
N VAL B 276 -33.82 -12.74 16.37
CA VAL B 276 -34.82 -11.74 15.96
C VAL B 276 -36.24 -12.03 16.48
N LYS B 277 -36.67 -13.29 16.40
CA LYS B 277 -38.11 -13.65 16.48
C LYS B 277 -38.90 -13.06 17.65
N ASP B 278 -38.23 -12.78 18.75
CA ASP B 278 -38.87 -12.14 19.91
C ASP B 278 -39.28 -10.68 19.67
N TRP B 279 -38.52 -9.96 18.82
CA TRP B 279 -38.77 -8.53 18.57
C TRP B 279 -39.16 -8.15 17.12
N LEU B 280 -38.62 -8.85 16.12
CA LEU B 280 -38.77 -8.48 14.69
C LEU B 280 -40.11 -7.89 14.30
N TYR B 281 -41.19 -8.62 14.57
CA TYR B 281 -42.54 -8.14 14.22
C TYR B 281 -43.16 -7.41 15.40
N ASP B 282 -43.05 -6.09 15.38
CA ASP B 282 -43.67 -5.21 16.37
C ASP B 282 -43.84 -3.83 15.75
N SER B 283 -44.63 -2.98 16.41
CA SER B 283 -45.01 -1.67 15.87
C SER B 283 -43.87 -0.82 15.31
N ARG B 284 -42.89 -0.52 16.17
CA ARG B 284 -41.96 0.58 15.91
C ARG B 284 -40.96 0.48 14.73
N PRO B 285 -40.29 -0.65 14.46
CA PRO B 285 -40.41 -1.92 15.16
C PRO B 285 -39.59 -1.96 16.41
N LEU B 286 -39.64 -3.11 17.09
CA LEU B 286 -39.01 -3.27 18.39
C LEU B 286 -37.49 -3.24 18.23
N GLU B 287 -36.76 -3.74 19.23
CA GLU B 287 -35.40 -3.32 19.49
C GLU B 287 -35.47 -1.81 19.76
N GLU B 288 -36.59 -1.41 20.36
CA GLU B 288 -36.95 -0.01 20.53
C GLU B 288 -36.59 0.54 21.91
N ASP B 289 -36.48 -0.33 22.92
CA ASP B 289 -36.34 0.10 24.30
C ASP B 289 -34.95 -0.11 24.91
N SER B 290 -33.95 -0.42 24.08
CA SER B 290 -32.70 -1.06 24.55
C SER B 290 -31.42 -0.18 24.38
N LYS B 291 -30.26 -0.82 24.48
CA LYS B 291 -28.97 -0.28 24.01
C LYS B 291 -28.83 -0.33 22.47
N LYS B 292 -29.58 -1.22 21.83
CA LYS B 292 -29.57 -1.37 20.36
C LYS B 292 -30.24 -0.23 19.58
N VAL B 293 -30.89 0.69 20.28
CA VAL B 293 -31.21 1.99 19.69
C VAL B 293 -30.91 3.18 20.60
N ASN B 294 -30.91 4.35 19.97
CA ASN B 294 -30.85 5.64 20.64
C ASN B 294 -31.89 5.66 21.75
N GLY B 295 -33.13 5.36 21.38
CA GLY B 295 -34.24 5.28 22.33
C GLY B 295 -35.58 5.23 21.62
N THR B 296 -36.59 5.81 22.24
CA THR B 296 -37.93 5.80 21.66
C THR B 296 -38.04 6.81 20.50
N SER B 297 -37.18 7.83 20.50
CA SER B 297 -37.11 8.78 19.36
C SER B 297 -36.67 8.07 18.08
N TYR B 298 -35.84 7.04 18.26
CA TYR B 298 -35.69 5.97 17.27
C TYR B 298 -34.96 6.45 16.02
N LYS B 299 -33.91 7.24 16.22
CA LYS B 299 -33.19 7.88 15.13
C LYS B 299 -31.91 7.16 14.76
N LYS B 300 -31.18 6.63 15.75
CA LYS B 300 -29.92 5.95 15.52
C LYS B 300 -29.99 4.53 16.06
N TRP B 301 -29.70 3.57 15.20
CA TRP B 301 -29.79 2.16 15.52
C TRP B 301 -28.40 1.55 15.54
N SER B 302 -28.18 0.65 16.49
CA SER B 302 -26.95 -0.14 16.57
C SER B 302 -27.29 -1.62 16.70
N PHE B 303 -26.37 -2.48 16.28
CA PHE B 303 -26.63 -3.92 16.27
C PHE B 303 -25.39 -4.69 16.67
N ASP B 304 -25.62 -5.92 17.11
CA ASP B 304 -24.56 -6.93 17.18
C ASP B 304 -24.61 -7.69 15.86
N LEU B 305 -23.71 -8.66 15.71
CA LEU B 305 -23.55 -9.40 14.48
C LEU B 305 -24.64 -10.41 14.16
N PRO B 306 -24.93 -11.32 15.13
CA PRO B 306 -25.75 -12.49 14.81
C PRO B 306 -27.13 -12.07 14.34
N GLU B 307 -27.69 -11.09 15.05
CA GLU B 307 -29.02 -10.56 14.72
C GLU B 307 -29.03 -9.99 13.30
N MET B 308 -27.98 -9.24 13.01
CA MET B 308 -27.81 -8.61 11.69
C MET B 308 -27.78 -9.68 10.60
N SER B 309 -27.01 -10.72 10.87
CA SER B 309 -26.86 -11.86 9.96
C SER B 309 -28.21 -12.49 9.67
N ASN B 310 -28.95 -12.69 10.74
CA ASN B 310 -30.29 -13.30 10.69
C ASN B 310 -31.20 -12.47 9.79
N LEU B 311 -31.15 -11.16 10.02
CA LEU B 311 -31.94 -10.19 9.26
C LEU B 311 -31.63 -10.29 7.77
N TYR B 312 -30.33 -10.35 7.49
CA TYR B 312 -29.82 -10.44 6.13
C TYR B 312 -30.37 -11.68 5.45
N ARG B 313 -30.31 -12.78 6.19
CA ARG B 313 -30.77 -14.09 5.72
C ARG B 313 -32.26 -14.01 5.35
N LEU B 314 -33.01 -13.38 6.25
CA LEU B 314 -34.45 -13.20 6.08
C LEU B 314 -34.74 -12.43 4.81
N SER B 315 -33.99 -11.35 4.63
CA SER B 315 -34.09 -10.48 3.46
C SER B 315 -33.89 -11.27 2.18
N THR B 316 -32.81 -12.06 2.11
CA THR B 316 -32.32 -12.62 0.83
C THR B 316 -33.43 -12.92 -0.21
N PRO B 317 -34.49 -13.65 0.19
CA PRO B 317 -35.70 -13.80 -0.64
C PRO B 317 -36.15 -12.54 -1.36
N LEU B 318 -36.20 -11.43 -0.65
CA LEU B 318 -36.55 -10.15 -1.24
C LEU B 318 -35.36 -9.53 -1.96
N ARG B 319 -34.35 -9.08 -1.22
CA ARG B 319 -33.26 -8.30 -1.82
C ARG B 319 -31.96 -9.09 -2.08
N ASP B 320 -32.05 -9.91 -3.12
CA ASP B 320 -30.91 -10.50 -3.77
C ASP B 320 -30.49 -9.51 -4.87
N GLU B 321 -29.74 -8.50 -4.45
CA GLU B 321 -29.04 -7.63 -5.38
C GLU B 321 -27.67 -8.24 -5.56
N VAL B 322 -27.26 -8.49 -6.80
CA VAL B 322 -25.96 -9.08 -7.07
C VAL B 322 -24.92 -7.96 -7.07
N THR B 323 -24.14 -7.86 -5.99
CA THR B 323 -23.24 -6.72 -5.77
C THR B 323 -21.77 -7.00 -6.13
N ASP B 324 -21.58 -7.61 -7.31
CA ASP B 324 -20.29 -7.58 -7.99
C ASP B 324 -20.32 -6.27 -8.76
N LYS B 325 -19.65 -5.23 -8.27
CA LYS B 325 -19.70 -3.90 -8.89
C LYS B 325 -19.59 -3.97 -10.43
N ASN B 326 -18.83 -4.94 -10.94
CA ASN B 326 -18.73 -5.21 -12.38
C ASN B 326 -20.02 -5.62 -13.06
N TYR B 327 -20.90 -6.32 -12.35
CA TYR B 327 -22.25 -6.63 -12.86
C TYR B 327 -22.94 -5.45 -13.50
N TYR B 328 -22.80 -4.30 -12.83
CA TYR B 328 -23.36 -3.07 -13.32
C TYR B 328 -22.49 -2.33 -14.36
N TYR B 329 -21.66 -3.05 -15.13
CA TYR B 329 -20.91 -2.42 -16.23
C TYR B 329 -21.90 -1.90 -17.25
N LEU B 330 -21.87 -0.59 -17.44
CA LEU B 330 -22.84 0.13 -18.28
C LEU B 330 -24.29 0.14 -17.75
N PHE B 331 -24.47 -0.17 -16.46
CA PHE B 331 -25.71 0.05 -15.73
C PHE B 331 -25.50 0.87 -14.43
N ASP B 332 -24.44 1.68 -14.42
CA ASP B 332 -24.22 2.69 -13.39
C ASP B 332 -24.89 3.98 -13.84
N LYS B 333 -25.30 4.79 -12.86
CA LYS B 333 -26.03 6.02 -13.13
C LYS B 333 -25.26 6.93 -14.06
N LYS B 334 -23.93 6.98 -13.87
CA LYS B 334 -23.05 7.75 -14.75
C LYS B 334 -23.18 7.27 -16.19
N SER B 335 -23.17 5.95 -16.33
CA SER B 335 -23.27 5.31 -17.65
C SER B 335 -24.59 5.72 -18.32
N PHE B 336 -25.66 5.67 -17.53
CA PHE B 336 -26.99 6.01 -18.04
C PHE B 336 -27.03 7.45 -18.50
N PHE B 337 -26.42 8.32 -17.71
CA PHE B 337 -26.32 9.75 -18.02
C PHE B 337 -25.63 9.95 -19.35
N ASN B 338 -24.52 9.23 -19.51
CA ASN B 338 -23.69 9.28 -20.72
C ASN B 338 -24.53 8.89 -21.93
N GLY B 339 -25.27 7.80 -21.76
CA GLY B 339 -26.15 7.25 -22.80
C GLY B 339 -27.17 8.30 -23.22
N LYS B 340 -27.76 8.92 -22.22
CA LYS B 340 -28.78 9.97 -22.41
C LYS B 340 -28.21 11.11 -23.24
N ALA B 341 -27.03 11.59 -22.83
CA ALA B 341 -26.41 12.75 -23.47
C ALA B 341 -25.57 12.40 -24.71
N LEU B 342 -25.64 11.15 -25.15
CA LEU B 342 -25.12 10.73 -26.44
C LEU B 342 -26.24 10.31 -27.40
N ASN B 343 -27.49 10.37 -26.95
CA ASN B 343 -28.60 9.71 -27.63
C ASN B 343 -28.18 8.30 -28.00
N ASN B 344 -27.87 7.54 -26.96
CA ASN B 344 -27.45 6.15 -27.10
C ASN B 344 -28.09 5.28 -26.04
N ALA B 345 -28.14 3.99 -26.35
CA ALA B 345 -28.97 3.05 -25.65
C ALA B 345 -28.25 1.74 -25.43
N ILE B 346 -28.91 0.88 -24.64
CA ILE B 346 -28.45 -0.47 -24.34
C ILE B 346 -29.72 -1.30 -24.38
N PRO B 347 -29.71 -2.46 -25.08
CA PRO B 347 -30.96 -3.22 -25.21
C PRO B 347 -31.85 -3.22 -23.96
N GLY B 348 -31.25 -3.49 -22.81
CA GLY B 348 -31.94 -3.45 -21.52
C GLY B 348 -32.15 -2.07 -20.93
N GLY B 349 -31.22 -1.16 -21.18
CA GLY B 349 -31.31 0.21 -20.66
C GLY B 349 -32.37 1.10 -21.31
N PRO B 350 -32.53 2.35 -20.80
CA PRO B 350 -33.61 3.22 -21.21
C PRO B 350 -33.23 4.09 -22.40
N LYS B 351 -34.20 4.84 -22.91
CA LYS B 351 -33.97 5.81 -24.00
C LYS B 351 -34.80 7.06 -23.81
N PHE B 352 -34.28 8.17 -24.33
CA PHE B 352 -34.76 9.53 -24.02
C PHE B 352 -34.91 10.37 -25.29
N GLU B 353 -35.32 11.63 -25.08
CA GLU B 353 -35.08 12.68 -26.08
C GLU B 353 -33.57 12.99 -26.08
N PRO B 354 -33.05 13.50 -27.21
CA PRO B 354 -31.63 13.44 -27.47
C PRO B 354 -30.72 14.45 -26.76
N LEU B 355 -31.30 15.36 -25.96
CA LEU B 355 -30.52 16.24 -25.04
C LEU B 355 -29.76 17.38 -25.73
N TYR B 356 -29.23 17.13 -26.92
CA TYR B 356 -28.82 18.18 -27.84
C TYR B 356 -29.58 18.02 -29.16
N PRO B 357 -29.58 19.05 -30.02
CA PRO B 357 -30.27 18.93 -31.32
C PRO B 357 -29.56 17.96 -32.27
N ARG B 358 -30.31 16.99 -32.79
CA ARG B 358 -29.77 16.00 -33.71
C ARG B 358 -29.57 16.63 -35.10
N GLU B 359 -28.43 17.29 -35.27
CA GLU B 359 -28.08 17.98 -36.52
C GLU B 359 -26.74 17.46 -37.03
N GLU B 360 -26.80 16.38 -37.80
CA GLU B 360 -25.60 15.74 -38.35
C GLU B 360 -25.04 16.55 -39.52
N GLU B 361 -25.50 16.25 -40.74
CA GLU B 361 -24.97 16.86 -41.98
C GLU B 361 -23.44 16.72 -42.06
N GLU B 362 -22.98 15.47 -42.11
CA GLU B 362 -21.55 15.16 -42.13
C GLU B 362 -20.87 15.64 -43.41
N ASP B 363 -21.53 15.41 -44.55
CA ASP B 363 -21.02 15.82 -45.86
C ASP B 363 -19.82 15.02 -46.38
N TYR B 364 -19.66 13.79 -45.86
CA TYR B 364 -18.63 12.82 -46.31
C TYR B 364 -17.31 13.50 -46.76
N ASN B 365 -16.59 14.07 -45.80
CA ASN B 365 -15.38 14.87 -46.06
C ASN B 365 -14.15 14.02 -46.41
N GLU B 366 -13.04 14.70 -46.74
CA GLU B 366 -11.72 14.07 -46.91
C GLU B 366 -11.39 13.12 -45.77
N PHE B 367 -11.80 13.52 -44.56
CA PHE B 367 -11.76 12.68 -43.36
C PHE B 367 -13.20 12.19 -43.12
N ASN B 368 -13.33 10.92 -42.72
CA ASN B 368 -14.62 10.22 -42.61
C ASN B 368 -15.35 9.98 -43.93
N SER B 369 -14.60 9.60 -44.97
CA SER B 369 -15.20 9.10 -46.22
C SER B 369 -15.52 7.63 -46.09
N ILE B 370 -16.18 7.08 -47.11
CA ILE B 370 -16.50 5.65 -47.14
C ILE B 370 -15.26 4.88 -47.58
N ASP B 371 -14.53 5.42 -48.55
CA ASP B 371 -13.34 4.79 -49.08
C ASP B 371 -12.05 5.12 -48.31
N ARG B 372 -12.13 5.98 -47.28
CA ARG B 372 -10.98 6.28 -46.42
C ARG B 372 -10.96 5.36 -45.20
N VAL B 373 -12.04 5.38 -44.42
CA VAL B 373 -12.16 4.52 -43.23
C VAL B 373 -12.47 3.08 -43.63
N ILE B 374 -12.20 2.16 -42.70
CA ILE B 374 -12.48 0.75 -42.91
C ILE B 374 -13.48 0.28 -41.87
N PHE B 375 -14.72 0.05 -42.33
CA PHE B 375 -15.81 -0.37 -41.44
C PHE B 375 -15.62 -1.84 -41.09
N ARG B 376 -14.73 -2.08 -40.13
CA ARG B 376 -14.37 -3.42 -39.69
C ARG B 376 -15.14 -3.81 -38.43
N VAL B 377 -15.10 -2.92 -37.44
CA VAL B 377 -15.96 -3.04 -36.28
C VAL B 377 -17.35 -2.49 -36.61
N PRO B 378 -18.41 -3.15 -36.12
CA PRO B 378 -19.75 -2.59 -36.26
C PRO B 378 -20.00 -1.25 -35.52
N ILE B 379 -19.20 -0.95 -34.49
CA ILE B 379 -19.36 0.24 -33.62
C ILE B 379 -20.81 0.44 -33.12
N ARG B 380 -21.28 -0.57 -32.40
CA ARG B 380 -22.59 -0.55 -31.73
C ARG B 380 -22.73 0.60 -30.74
N SER B 381 -23.97 0.83 -30.30
CA SER B 381 -24.26 1.85 -29.30
C SER B 381 -23.56 1.56 -27.97
N GLU B 382 -23.49 0.27 -27.62
CA GLU B 382 -22.91 -0.18 -26.34
C GLU B 382 -21.53 0.41 -26.11
N TYR B 383 -20.71 0.36 -27.15
CA TYR B 383 -19.35 0.89 -27.11
C TYR B 383 -19.37 2.38 -26.79
N LYS B 384 -20.16 3.15 -27.54
CA LYS B 384 -20.13 4.64 -27.50
C LYS B 384 -20.20 5.24 -26.09
N VAL B 385 -20.93 4.60 -25.19
CA VAL B 385 -21.06 5.07 -23.82
C VAL B 385 -19.92 4.56 -22.94
N ALA B 386 -19.43 3.36 -23.24
CA ALA B 386 -18.32 2.74 -22.50
C ALA B 386 -16.99 3.46 -22.70
N PHE B 387 -16.87 4.15 -23.84
CA PHE B 387 -15.68 4.92 -24.14
C PHE B 387 -16.09 6.27 -24.71
N PRO B 388 -16.73 7.10 -23.88
CA PRO B 388 -17.43 8.28 -24.37
C PRO B 388 -16.57 9.16 -25.27
N HIS B 389 -15.30 9.31 -24.93
CA HIS B 389 -14.47 10.26 -25.64
C HIS B 389 -13.83 9.73 -26.92
N LEU B 390 -13.90 8.42 -27.15
CA LEU B 390 -13.24 7.83 -28.31
C LEU B 390 -14.22 7.60 -29.45
N TYR B 391 -15.22 6.78 -29.19
CA TYR B 391 -16.10 6.30 -30.25
C TYR B 391 -17.12 7.37 -30.64
N ASN B 392 -17.70 8.03 -29.65
CA ASN B 392 -18.49 9.22 -29.88
C ASN B 392 -17.58 10.43 -30.12
N SER B 393 -17.81 11.12 -31.24
CA SER B 393 -17.20 12.43 -31.48
C SER B 393 -18.12 13.51 -30.92
N ARG B 394 -17.53 14.57 -30.40
CA ARG B 394 -18.27 15.66 -29.74
C ARG B 394 -19.14 15.13 -28.60
N PRO B 395 -18.50 14.74 -27.48
CA PRO B 395 -19.20 14.36 -26.27
C PRO B 395 -19.36 15.57 -25.34
N ARG B 396 -20.46 16.30 -25.52
CA ARG B 396 -20.79 17.42 -24.66
C ARG B 396 -21.44 16.89 -23.40
N SER B 397 -20.92 17.29 -22.24
CA SER B 397 -21.49 16.92 -20.93
C SER B 397 -21.70 15.41 -20.80
N VAL B 398 -20.59 14.69 -20.83
CA VAL B 398 -20.57 13.23 -20.72
C VAL B 398 -19.53 12.87 -19.69
N ARG B 399 -19.97 12.22 -18.63
CA ARG B 399 -19.14 12.00 -17.46
C ARG B 399 -18.24 10.80 -17.73
N ILE B 400 -17.09 10.80 -17.07
CA ILE B 400 -16.14 9.72 -17.20
C ILE B 400 -16.65 8.51 -16.41
N PRO B 401 -16.87 7.37 -17.08
CA PRO B 401 -17.36 6.15 -16.42
C PRO B 401 -16.24 5.37 -15.73
N TRP B 402 -16.58 4.32 -14.99
CA TRP B 402 -15.58 3.49 -14.29
C TRP B 402 -14.89 2.45 -15.20
N TYR B 403 -14.12 1.52 -14.63
CA TYR B 403 -13.42 0.48 -15.40
C TYR B 403 -12.96 -0.80 -14.59
N ASN B 404 -13.61 -1.10 -13.47
CA ASN B 404 -13.12 -2.00 -12.36
C ASN B 404 -12.52 -3.42 -12.66
N ASN B 405 -11.96 -4.03 -11.61
CA ASN B 405 -11.46 -5.44 -11.51
C ASN B 405 -12.50 -6.59 -11.36
N PRO B 406 -12.09 -7.90 -11.56
CA PRO B 406 -13.03 -9.04 -11.53
C PRO B 406 -13.17 -9.69 -10.17
N VAL B 407 -14.34 -10.25 -9.90
CA VAL B 407 -14.66 -10.80 -8.58
C VAL B 407 -14.44 -12.30 -8.53
N SER B 408 -13.76 -12.74 -7.48
CA SER B 408 -13.72 -14.13 -7.07
C SER B 408 -14.54 -14.20 -5.80
N CYS B 409 -15.54 -15.09 -5.77
CA CYS B 409 -16.38 -15.25 -4.59
C CYS B 409 -17.06 -16.62 -4.48
N ILE B 410 -17.55 -16.88 -3.27
CA ILE B 410 -18.33 -18.05 -2.96
C ILE B 410 -19.39 -17.64 -1.93
N ILE B 411 -20.66 -17.81 -2.29
CA ILE B 411 -21.80 -17.57 -1.40
C ILE B 411 -22.62 -18.85 -1.40
N GLN B 412 -22.81 -19.45 -0.21
CA GLN B 412 -23.43 -20.78 -0.10
C GLN B 412 -24.49 -20.89 1.00
N ASN B 413 -25.26 -21.98 0.93
CA ASN B 413 -26.27 -22.32 1.94
C ASN B 413 -26.14 -23.80 2.33
N ASP B 414 -24.97 -24.15 2.84
CA ASP B 414 -24.62 -25.52 3.28
C ASP B 414 -24.12 -25.52 4.74
N GLU B 415 -23.94 -26.72 5.28
CA GLU B 415 -23.52 -26.89 6.68
C GLU B 415 -22.04 -26.59 6.91
N GLU B 416 -21.18 -27.16 6.07
CA GLU B 416 -19.72 -26.98 6.16
C GLU B 416 -19.32 -25.56 5.77
N TYR B 417 -18.17 -25.10 6.26
CA TYR B 417 -17.69 -23.75 5.96
C TYR B 417 -16.17 -23.62 5.79
N ASP B 418 -15.77 -22.67 4.94
CA ASP B 418 -14.38 -22.27 4.70
C ASP B 418 -13.58 -23.40 4.03
N THR B 419 -14.00 -23.74 2.81
CA THR B 419 -13.41 -24.82 2.02
C THR B 419 -13.36 -24.46 0.54
N PRO B 420 -12.44 -25.06 -0.23
CA PRO B 420 -12.55 -24.94 -1.68
C PRO B 420 -13.73 -25.78 -2.20
N ALA B 421 -14.72 -25.14 -2.80
CA ALA B 421 -15.88 -25.84 -3.36
C ALA B 421 -15.73 -26.05 -4.86
N LEU B 422 -15.59 -24.92 -5.58
CA LEU B 422 -15.55 -24.89 -7.04
C LEU B 422 -14.43 -23.95 -7.51
N PHE B 423 -13.22 -24.26 -7.08
CA PHE B 423 -11.99 -23.62 -7.57
C PHE B 423 -11.17 -24.65 -8.32
N PHE B 424 -10.02 -24.21 -8.84
CA PHE B 424 -9.03 -25.09 -9.45
C PHE B 424 -7.89 -25.35 -8.48
N ASP B 425 -7.41 -26.59 -8.43
CA ASP B 425 -6.47 -27.00 -7.38
C ASP B 425 -5.00 -26.75 -7.73
N PRO B 426 -4.25 -26.17 -6.79
CA PRO B 426 -2.81 -25.90 -6.97
C PRO B 426 -1.96 -27.09 -7.44
N SER B 427 -0.67 -26.83 -7.64
CA SER B 427 0.25 -27.85 -8.17
C SER B 427 0.55 -28.97 -7.17
N LEU B 428 1.23 -28.64 -6.07
CA LEU B 428 1.71 -29.63 -5.11
C LEU B 428 0.57 -30.12 -4.20
N PHE B 458 7.08 -21.91 22.99
CA PHE B 458 6.21 -20.75 22.79
C PHE B 458 5.29 -20.97 21.60
N ALA B 459 3.99 -21.00 21.87
CA ALA B 459 2.99 -21.14 20.82
C ALA B 459 2.91 -19.90 19.94
N PRO B 460 2.64 -20.12 18.66
CA PRO B 460 2.31 -19.03 17.74
C PRO B 460 1.01 -18.36 18.16
N LEU B 461 0.92 -17.05 17.97
CA LEU B 461 0.49 -16.13 19.03
C LEU B 461 -0.93 -16.40 19.53
N LEU B 462 -1.83 -16.77 18.62
CA LEU B 462 -3.04 -17.43 19.04
C LEU B 462 -2.86 -18.92 18.77
N ALA B 463 -2.73 -19.68 19.85
CA ALA B 463 -2.68 -21.12 19.78
C ALA B 463 -3.59 -21.69 20.84
N GLU B 464 -4.82 -22.03 20.43
CA GLU B 464 -5.88 -22.49 21.33
C GLU B 464 -6.20 -21.49 22.45
N GLU B 465 -6.18 -20.21 22.11
CA GLU B 465 -7.31 -19.32 22.31
C GLU B 465 -8.49 -19.77 21.48
N GLU B 466 -8.21 -20.20 20.25
CA GLU B 466 -9.26 -20.37 19.26
C GLU B 466 -9.15 -21.69 18.49
N GLU B 467 -10.28 -22.12 17.95
CA GLU B 467 -10.32 -22.90 16.72
C GLU B 467 -10.83 -22.02 15.59
N LEU B 468 -10.16 -22.06 14.46
CA LEU B 468 -10.08 -20.94 13.51
C LEU B 468 -11.44 -20.39 13.11
N ILE B 469 -12.50 -21.16 13.29
CA ILE B 469 -13.82 -20.66 12.96
C ILE B 469 -14.73 -20.62 14.18
N LEU B 470 -15.21 -19.43 14.51
CA LEU B 470 -16.26 -19.27 15.51
C LEU B 470 -17.63 -19.59 14.91
N PRO B 471 -18.65 -19.76 15.75
CA PRO B 471 -19.95 -20.19 15.24
C PRO B 471 -20.66 -19.16 14.34
N ASN B 472 -20.39 -17.87 14.57
CA ASN B 472 -20.97 -16.80 13.77
C ASN B 472 -20.19 -16.45 12.49
N THR B 473 -18.89 -16.73 12.47
CA THR B 473 -18.01 -16.26 11.38
C THR B 473 -18.33 -16.81 9.99
N LYS B 474 -19.03 -17.94 9.93
CA LYS B 474 -19.65 -18.45 8.71
C LYS B 474 -20.43 -17.35 7.98
N ASP B 475 -21.30 -16.67 8.74
CA ASP B 475 -22.20 -15.64 8.23
C ASP B 475 -21.69 -14.22 8.37
N ALA B 476 -20.72 -14.02 9.28
CA ALA B 476 -20.05 -12.74 9.43
C ALA B 476 -19.40 -12.32 8.12
N MET B 477 -18.72 -13.28 7.49
CA MET B 477 -18.03 -13.04 6.22
C MET B 477 -19.03 -12.57 5.16
N SER B 478 -20.16 -13.28 5.12
CA SER B 478 -21.24 -12.98 4.18
C SER B 478 -21.72 -11.55 4.37
N LEU B 479 -21.93 -11.21 5.63
CA LEU B 479 -22.40 -9.87 6.03
C LEU B 479 -21.43 -8.81 5.53
N TYR B 480 -20.15 -9.09 5.75
CA TYR B 480 -19.05 -8.20 5.35
C TYR B 480 -19.10 -7.96 3.86
N HIS B 481 -19.27 -9.05 3.12
CA HIS B 481 -19.43 -8.93 1.65
C HIS B 481 -20.65 -8.13 1.12
N SER B 482 -21.65 -7.90 1.98
CA SER B 482 -23.04 -7.62 1.56
C SER B 482 -23.28 -6.26 0.85
N PRO B 483 -24.55 -5.96 0.49
CA PRO B 483 -24.90 -4.59 0.07
C PRO B 483 -25.09 -3.66 1.25
N PHE B 484 -25.35 -2.38 0.97
CA PHE B 484 -25.33 -1.30 1.99
C PHE B 484 -25.84 -1.66 3.38
N PRO B 485 -27.15 -1.98 3.51
CA PRO B 485 -27.83 -1.97 4.80
C PRO B 485 -27.06 -2.71 5.89
N PHE B 486 -26.54 -3.88 5.52
CA PHE B 486 -26.13 -4.90 6.47
C PHE B 486 -24.62 -4.94 6.68
N ASN B 487 -23.84 -4.68 5.64
CA ASN B 487 -22.38 -4.49 5.80
C ASN B 487 -22.02 -3.54 6.93
N ARG B 488 -23.00 -2.73 7.36
CA ARG B 488 -22.86 -1.88 8.53
C ARG B 488 -23.67 -2.40 9.71
N THR B 489 -23.08 -2.32 10.90
CA THR B 489 -23.73 -2.77 12.14
C THR B 489 -24.29 -1.62 12.96
N LYS B 490 -24.27 -0.42 12.39
CA LYS B 490 -24.99 0.71 12.95
C LYS B 490 -25.49 1.62 11.86
N GLY B 491 -26.51 2.42 12.16
CA GLY B 491 -26.97 3.43 11.20
C GLY B 491 -28.00 4.42 11.68
N LYS B 492 -28.38 5.33 10.79
CA LYS B 492 -29.48 6.27 10.99
C LYS B 492 -30.74 5.63 10.43
N MET B 493 -31.88 5.95 11.04
CA MET B 493 -33.17 5.42 10.60
C MET B 493 -33.83 6.35 9.62
N VAL B 494 -34.73 5.79 8.81
CA VAL B 494 -35.25 6.46 7.61
C VAL B 494 -36.73 6.19 7.44
N ARG B 495 -37.39 7.03 6.64
CA ARG B 495 -38.86 7.18 6.69
C ARG B 495 -39.76 5.98 6.35
N ALA B 496 -39.23 4.90 5.76
CA ALA B 496 -40.05 3.77 5.25
C ALA B 496 -40.87 4.15 4.00
N GLN B 497 -41.23 5.44 3.86
CA GLN B 497 -41.41 6.05 2.53
C GLN B 497 -40.05 6.38 1.86
N ASP B 498 -38.96 6.23 2.61
CA ASP B 498 -37.63 5.94 2.04
C ASP B 498 -37.52 4.41 2.06
N VAL B 499 -36.30 3.89 1.90
CA VAL B 499 -36.09 2.43 1.90
C VAL B 499 -36.80 1.82 0.71
N ALA B 500 -36.27 2.13 -0.47
CA ALA B 500 -36.76 1.59 -1.71
C ALA B 500 -36.23 0.17 -1.83
N LEU B 501 -37.17 -0.78 -1.87
CA LEU B 501 -36.84 -2.18 -2.04
C LEU B 501 -37.07 -2.61 -3.47
N ALA B 502 -37.72 -1.74 -4.25
CA ALA B 502 -37.87 -1.98 -5.67
C ALA B 502 -36.55 -1.68 -6.34
N LYS B 503 -36.06 -0.47 -6.10
CA LYS B 503 -34.88 0.08 -6.76
C LYS B 503 -33.87 -0.98 -7.15
N LYS B 504 -33.49 -1.81 -6.19
CA LYS B 504 -32.40 -2.77 -6.41
C LYS B 504 -32.76 -3.83 -7.43
N TRP B 505 -34.05 -4.15 -7.58
CA TRP B 505 -34.46 -5.10 -8.63
C TRP B 505 -34.42 -4.42 -9.97
N PHE B 506 -35.02 -3.23 -10.08
CA PHE B 506 -35.11 -2.59 -11.39
C PHE B 506 -33.84 -1.93 -11.90
N LEU B 507 -32.76 -2.00 -11.11
CA LEU B 507 -31.43 -1.67 -11.60
C LEU B 507 -30.64 -2.89 -12.08
N GLN B 508 -31.17 -4.10 -11.86
CA GLN B 508 -30.38 -5.33 -11.98
C GLN B 508 -30.57 -6.07 -13.30
N HIS B 509 -30.51 -5.33 -14.41
CA HIS B 509 -30.15 -5.88 -15.73
C HIS B 509 -30.63 -7.33 -15.99
N PRO B 510 -31.96 -7.53 -16.12
CA PRO B 510 -32.59 -8.85 -16.02
C PRO B 510 -32.76 -9.61 -17.33
N ASP B 511 -32.58 -8.91 -18.46
CA ASP B 511 -33.27 -9.24 -19.71
C ASP B 511 -32.79 -10.53 -20.38
N GLU B 512 -33.30 -11.65 -19.86
CA GLU B 512 -33.03 -12.98 -20.38
C GLU B 512 -34.08 -13.93 -19.83
N GLU B 513 -35.01 -14.37 -20.70
CA GLU B 513 -36.08 -15.32 -20.36
C GLU B 513 -37.27 -14.73 -19.58
N TYR B 514 -37.42 -13.41 -19.60
CA TYR B 514 -38.61 -12.74 -19.06
C TYR B 514 -39.52 -12.40 -20.24
N PRO B 515 -40.80 -12.10 -19.96
CA PRO B 515 -41.68 -11.56 -21.00
C PRO B 515 -41.46 -10.06 -21.24
N VAL B 516 -41.85 -9.61 -22.42
CA VAL B 516 -41.46 -8.31 -22.96
C VAL B 516 -42.05 -7.18 -22.17
N LYS B 517 -43.29 -7.37 -21.68
CA LYS B 517 -43.96 -6.36 -20.87
C LYS B 517 -43.15 -6.04 -19.62
N VAL B 518 -42.67 -7.10 -18.99
CA VAL B 518 -41.86 -6.99 -17.77
C VAL B 518 -40.61 -6.15 -18.05
N LYS B 519 -39.97 -6.48 -19.17
CA LYS B 519 -38.75 -5.79 -19.61
C LYS B 519 -39.02 -4.30 -19.79
N VAL B 520 -40.14 -4.02 -20.46
CA VAL B 520 -40.57 -2.66 -20.73
C VAL B 520 -40.74 -1.88 -19.42
N SER B 521 -41.41 -2.54 -18.48
CA SER B 521 -41.67 -1.98 -17.16
C SER B 521 -40.37 -1.61 -16.47
N TYR B 522 -39.43 -2.55 -16.53
CA TYR B 522 -38.10 -2.40 -15.94
C TYR B 522 -37.41 -1.16 -16.52
N GLN B 523 -37.48 -1.07 -17.84
CA GLN B 523 -36.88 0.04 -18.59
C GLN B 523 -37.45 1.37 -18.11
N LYS B 524 -38.77 1.39 -17.99
CA LYS B 524 -39.52 2.57 -17.55
C LYS B 524 -39.03 3.00 -16.17
N LEU B 525 -38.92 2.01 -15.29
CA LEU B 525 -38.47 2.22 -13.91
C LEU B 525 -37.08 2.86 -13.91
N LEU B 526 -36.22 2.31 -14.74
CA LEU B 526 -34.83 2.77 -14.88
C LEU B 526 -34.82 4.24 -15.30
N LYS B 527 -35.64 4.53 -16.29
CA LYS B 527 -35.78 5.88 -16.84
C LYS B 527 -36.18 6.86 -15.74
N ASN B 528 -37.18 6.42 -14.97
CA ASN B 528 -37.71 7.22 -13.86
C ASN B 528 -36.61 7.55 -12.86
N TYR B 529 -35.85 6.50 -12.54
CA TYR B 529 -34.73 6.60 -11.59
C TYR B 529 -33.70 7.59 -12.16
N VAL B 530 -33.33 7.29 -13.41
CA VAL B 530 -32.16 7.92 -14.05
C VAL B 530 -32.38 9.43 -14.12
N LEU B 531 -33.60 9.79 -14.56
CA LEU B 531 -33.91 11.22 -14.71
C LEU B 531 -33.83 11.93 -13.37
N ASN B 532 -34.36 11.27 -12.34
CA ASN B 532 -34.33 11.80 -10.97
C ASN B 532 -32.90 12.06 -10.54
N GLU B 533 -32.06 11.07 -10.80
CA GLU B 533 -30.64 11.11 -10.46
C GLU B 533 -29.98 12.31 -11.13
N LEU B 534 -30.28 12.46 -12.41
CA LEU B 534 -29.76 13.57 -13.22
C LEU B 534 -30.11 14.92 -12.59
N HIS B 535 -31.35 15.13 -12.15
CA HIS B 535 -31.72 16.42 -11.56
C HIS B 535 -32.05 16.29 -10.06
N PRO B 536 -31.03 16.36 -9.20
CA PRO B 536 -31.32 16.35 -7.77
C PRO B 536 -31.91 17.69 -7.30
N THR B 537 -32.16 17.82 -5.99
CA THR B 537 -32.77 19.02 -5.42
C THR B 537 -32.18 19.34 -4.05
N LEU B 538 -31.95 20.62 -3.76
CA LEU B 538 -31.37 21.08 -2.49
C LEU B 538 -32.34 21.98 -1.74
N PRO B 539 -32.68 21.64 -0.47
CA PRO B 539 -33.51 22.48 0.38
C PRO B 539 -32.71 23.31 1.41
N THR B 540 -33.41 24.04 2.28
CA THR B 540 -32.78 24.85 3.33
C THR B 540 -33.74 25.08 4.52
N ASN B 541 -33.29 25.90 5.49
CA ASN B 541 -34.06 26.26 6.72
C ASN B 541 -35.58 26.35 6.61
N HIS B 542 -36.30 25.72 7.55
CA HIS B 542 -37.76 25.65 7.50
C HIS B 542 -38.41 25.27 8.84
N ASN B 543 -39.67 25.68 9.00
CA ASN B 543 -40.50 25.40 10.18
C ASN B 543 -41.70 24.53 9.77
N LYS B 544 -41.80 23.34 10.34
CA LYS B 544 -42.79 22.34 9.91
C LYS B 544 -44.18 22.60 10.51
N THR B 545 -45.23 22.26 9.75
CA THR B 545 -46.57 22.75 10.03
C THR B 545 -47.16 22.11 11.25
N LYS B 546 -47.05 20.78 11.33
CA LYS B 546 -47.67 20.00 12.41
C LYS B 546 -47.12 20.48 13.76
N LEU B 547 -45.80 20.65 13.80
CA LEU B 547 -45.15 21.08 15.05
C LEU B 547 -45.64 22.46 15.44
N LEU B 548 -45.77 23.34 14.46
CA LEU B 548 -46.26 24.71 14.68
C LEU B 548 -47.65 24.67 15.29
N LYS B 549 -48.53 23.85 14.71
CA LYS B 549 -49.89 23.74 15.22
C LYS B 549 -49.87 23.23 16.65
N SER B 550 -49.05 22.22 16.90
CA SER B 550 -48.92 21.64 18.24
C SER B 550 -48.56 22.74 19.24
N LEU B 551 -47.60 23.56 18.85
CA LEU B 551 -47.08 24.62 19.71
C LEU B 551 -48.01 25.83 19.96
N LYS B 552 -48.19 26.61 18.91
CA LYS B 552 -48.81 27.92 19.01
C LYS B 552 -50.32 27.83 19.11
N ASN B 553 -50.91 26.93 18.33
CA ASN B 553 -52.35 26.81 18.26
C ASN B 553 -52.94 26.11 19.47
N THR B 554 -53.63 26.87 20.30
CA THR B 554 -55.06 26.76 20.46
C THR B 554 -55.73 27.12 19.15
N LYS B 555 -56.76 26.38 18.76
CA LYS B 555 -57.65 25.68 19.68
C LYS B 555 -57.25 24.22 19.94
N TYR B 556 -56.13 23.79 19.39
CA TYR B 556 -55.81 22.37 19.37
C TYR B 556 -55.65 21.81 20.78
N PHE B 557 -56.30 20.68 21.03
CA PHE B 557 -55.74 19.57 21.77
C PHE B 557 -54.75 18.82 20.91
N GLN B 558 -53.84 18.09 21.55
CA GLN B 558 -52.84 17.34 20.81
C GLN B 558 -52.63 15.93 21.32
N GLN B 559 -51.74 15.20 20.63
CA GLN B 559 -51.17 13.91 20.99
C GLN B 559 -52.10 12.98 21.78
N THR B 560 -53.21 12.64 21.14
CA THR B 560 -54.07 11.56 21.58
C THR B 560 -53.70 10.32 20.80
N THR B 561 -53.22 9.29 21.50
CA THR B 561 -52.83 8.04 20.86
C THR B 561 -54.07 7.27 20.40
N ILE B 562 -54.36 7.37 19.10
CA ILE B 562 -55.52 6.73 18.52
C ILE B 562 -55.03 5.50 17.79
N ASP B 563 -55.87 4.47 17.70
CA ASP B 563 -55.70 3.45 16.68
C ASP B 563 -55.62 4.18 15.34
N TRP B 564 -54.70 3.75 14.48
CA TRP B 564 -54.53 4.44 13.21
C TRP B 564 -55.78 4.33 12.38
N VAL B 565 -56.45 3.17 12.42
CA VAL B 565 -57.66 2.96 11.63
C VAL B 565 -58.73 3.97 12.00
N GLU B 566 -58.89 4.17 13.29
CA GLU B 566 -59.87 5.12 13.84
C GLU B 566 -59.58 6.53 13.31
N ALA B 567 -58.30 6.88 13.37
CA ALA B 567 -57.83 8.18 12.89
C ALA B 567 -58.18 8.38 11.43
N GLY B 568 -57.91 7.34 10.66
CA GLY B 568 -58.17 7.32 9.21
C GLY B 568 -59.65 7.58 8.95
N LEU B 569 -60.47 6.87 9.71
CA LEU B 569 -61.93 6.96 9.62
C LEU B 569 -62.38 8.39 9.86
N GLN B 570 -61.81 8.97 10.93
CA GLN B 570 -62.11 10.34 11.34
C GLN B 570 -61.78 11.31 10.20
N LEU B 571 -60.61 11.10 9.62
CA LEU B 571 -60.10 11.92 8.52
C LEU B 571 -61.08 11.87 7.34
N CYS B 572 -61.50 10.65 7.04
CA CYS B 572 -62.43 10.39 5.94
C CYS B 572 -63.73 11.15 6.16
N ARG B 573 -64.22 11.06 7.39
CA ARG B 573 -65.45 11.74 7.81
C ARG B 573 -65.28 13.25 7.63
N GLN B 574 -64.18 13.70 8.24
CA GLN B 574 -63.78 15.12 8.26
C GLN B 574 -63.58 15.59 6.85
N GLY B 575 -62.94 14.78 6.01
CA GLY B 575 -62.69 15.14 4.61
C GLY B 575 -64.01 15.39 3.90
N HIS B 576 -64.94 14.47 4.13
CA HIS B 576 -66.28 14.53 3.53
C HIS B 576 -66.97 15.83 3.93
N ASN B 577 -66.87 16.13 5.21
CA ASN B 577 -67.48 17.32 5.80
C ASN B 577 -66.92 18.57 5.12
N MET B 578 -65.61 18.58 4.97
CA MET B 578 -64.87 19.68 4.35
C MET B 578 -65.36 19.92 2.96
N LEU B 579 -65.53 18.83 2.20
CA LEU B 579 -66.00 18.92 0.82
C LEU B 579 -67.38 19.59 0.77
N ASN B 580 -68.24 19.13 1.67
CA ASN B 580 -69.60 19.66 1.78
C ASN B 580 -69.57 21.16 2.05
N LEU B 581 -68.72 21.53 2.99
CA LEU B 581 -68.53 22.94 3.40
C LEU B 581 -68.13 23.78 2.19
N LEU B 582 -67.17 23.25 1.45
CA LEU B 582 -66.64 23.91 0.25
C LEU B 582 -67.76 24.15 -0.75
N ILE B 583 -68.56 23.11 -0.95
CA ILE B 583 -69.69 23.13 -1.87
C ILE B 583 -70.66 24.24 -1.47
N HIS B 584 -70.96 24.27 -0.17
CA HIS B 584 -71.86 25.26 0.42
C HIS B 584 -71.36 26.67 0.13
N ARG B 585 -70.07 26.85 0.36
CA ARG B 585 -69.40 28.13 0.14
C ARG B 585 -69.56 28.58 -1.31
N LYS B 586 -69.34 27.67 -2.25
CA LYS B 586 -69.66 27.91 -3.66
C LYS B 586 -71.18 27.91 -3.86
N GLY B 587 -71.64 28.01 -5.10
CA GLY B 587 -73.07 27.92 -5.40
C GLY B 587 -73.63 26.63 -4.83
N LEU B 588 -74.68 26.73 -4.00
CA LEU B 588 -75.25 25.55 -3.33
C LEU B 588 -75.86 24.64 -4.38
N THR B 589 -75.38 23.40 -4.42
CA THR B 589 -75.61 22.52 -5.55
C THR B 589 -76.74 21.51 -5.36
N TYR B 590 -77.12 20.92 -6.49
CA TYR B 590 -78.06 19.81 -6.57
C TYR B 590 -77.30 18.52 -6.25
N LEU B 591 -76.05 18.44 -6.70
CA LEU B 591 -75.18 17.28 -6.48
C LEU B 591 -74.79 17.05 -5.03
N HIS B 592 -74.59 15.78 -4.71
CA HIS B 592 -74.31 15.31 -3.36
C HIS B 592 -73.18 14.28 -3.42
N LEU B 593 -72.37 14.28 -2.37
CA LEU B 593 -71.26 13.34 -2.26
C LEU B 593 -71.73 11.98 -1.77
N ASP B 594 -71.18 10.92 -2.35
CA ASP B 594 -71.21 9.61 -1.73
C ASP B 594 -70.28 9.68 -0.53
N TYR B 595 -70.57 8.91 0.51
CA TYR B 595 -69.68 8.85 1.67
C TYR B 595 -68.32 8.24 1.31
N ASN B 596 -68.30 7.33 0.33
CA ASN B 596 -67.06 6.95 -0.39
C ASN B 596 -66.74 7.89 -1.56
N PHE B 597 -67.00 9.19 -1.35
CA PHE B 597 -66.49 10.29 -2.17
C PHE B 597 -66.84 10.42 -3.65
N ASN B 598 -67.46 9.39 -4.24
CA ASN B 598 -67.90 9.47 -5.62
C ASN B 598 -69.02 10.49 -5.74
N LEU B 599 -68.64 11.72 -6.09
CA LEU B 599 -69.59 12.81 -6.27
C LEU B 599 -70.45 12.57 -7.52
N LYS B 600 -71.72 12.96 -7.44
CA LYS B 600 -72.66 12.81 -8.54
C LYS B 600 -73.91 13.68 -8.33
N PRO B 601 -74.60 14.06 -9.43
CA PRO B 601 -75.78 14.91 -9.32
C PRO B 601 -77.00 14.15 -8.79
N THR B 602 -77.81 14.82 -7.99
CA THR B 602 -79.03 14.21 -7.44
C THR B 602 -80.09 14.14 -8.54
N LYS B 603 -80.42 15.30 -9.10
CA LYS B 603 -81.39 15.42 -10.18
C LYS B 603 -81.39 16.84 -10.72
N THR B 604 -82.25 17.10 -11.70
CA THR B 604 -82.46 18.44 -12.25
C THR B 604 -81.17 18.93 -12.95
N LEU B 605 -80.85 18.28 -14.07
CA LEU B 605 -79.64 18.56 -14.84
C LEU B 605 -79.93 19.64 -15.88
N THR B 606 -79.23 20.77 -15.78
CA THR B 606 -79.37 21.88 -16.74
C THR B 606 -78.02 22.46 -17.14
N THR B 607 -78.03 23.31 -18.16
CA THR B 607 -76.81 23.96 -18.66
C THR B 607 -76.29 24.96 -17.64
N LYS B 608 -77.22 25.75 -17.12
CA LYS B 608 -76.91 26.76 -16.10
C LYS B 608 -76.27 26.10 -14.89
N GLU B 609 -76.90 25.00 -14.48
CA GLU B 609 -76.43 24.23 -13.32
C GLU B 609 -75.00 23.76 -13.52
N ARG B 610 -74.78 23.23 -14.73
CA ARG B 610 -73.46 22.73 -15.13
C ARG B 610 -72.42 23.83 -15.03
N LYS B 611 -72.80 24.99 -15.55
CA LYS B 611 -71.93 26.18 -15.56
C LYS B 611 -71.55 26.55 -14.13
N LYS B 612 -72.56 26.55 -13.28
CA LYS B 612 -72.41 26.88 -11.86
C LYS B 612 -71.42 25.93 -11.20
N SER B 613 -71.66 24.63 -11.45
CA SER B 613 -71.06 23.53 -10.71
C SER B 613 -70.04 22.73 -11.53
N ARG B 614 -69.28 23.41 -12.39
CA ARG B 614 -68.08 22.82 -12.98
C ARG B 614 -66.98 22.74 -11.91
N LEU B 615 -66.89 23.80 -11.09
CA LEU B 615 -65.80 24.04 -10.11
C LEU B 615 -64.38 23.75 -10.67
N GLY B 616 -63.38 23.57 -9.80
CA GLY B 616 -61.99 23.42 -10.25
C GLY B 616 -61.55 21.96 -10.39
N ASN B 617 -60.49 21.77 -11.16
CA ASN B 617 -59.78 20.50 -11.21
C ASN B 617 -59.11 20.19 -9.90
N SER B 618 -58.63 21.20 -9.18
CA SER B 618 -57.96 21.02 -7.91
C SER B 618 -58.87 20.30 -6.92
N PHE B 619 -60.11 20.79 -6.88
CA PHE B 619 -61.13 20.25 -5.97
C PHE B 619 -61.36 18.76 -6.30
N HIS B 620 -61.47 18.48 -7.58
CA HIS B 620 -61.70 17.09 -7.98
C HIS B 620 -60.53 16.20 -7.63
N LEU B 621 -59.33 16.72 -7.79
CA LEU B 621 -58.09 16.01 -7.40
C LEU B 621 -58.15 15.66 -5.91
N MET B 622 -58.53 16.66 -5.13
CA MET B 622 -58.62 16.53 -3.67
C MET B 622 -59.61 15.42 -3.31
N ARG B 623 -60.74 15.45 -3.99
CA ARG B 623 -61.82 14.48 -3.80
C ARG B 623 -61.30 13.07 -4.07
N GLU B 624 -60.57 12.95 -5.17
CA GLU B 624 -59.99 11.69 -5.62
C GLU B 624 -59.06 11.14 -4.54
N LEU B 625 -58.22 12.04 -4.04
CA LEU B 625 -57.25 11.73 -2.99
C LEU B 625 -57.96 11.18 -1.75
N LEU B 626 -59.02 11.88 -1.38
CA LEU B 626 -59.84 11.51 -0.23
C LEU B 626 -60.40 10.11 -0.39
N LYS B 627 -60.92 9.87 -1.58
CA LYS B 627 -61.50 8.58 -1.98
C LYS B 627 -60.49 7.48 -1.81
N MET B 628 -59.27 7.74 -2.30
CA MET B 628 -58.16 6.80 -2.22
C MET B 628 -57.90 6.41 -0.77
N MET B 629 -57.84 7.45 0.06
CA MET B 629 -57.60 7.30 1.50
C MET B 629 -58.66 6.41 2.12
N LYS B 630 -59.89 6.71 1.78
CA LYS B 630 -61.07 5.98 2.25
C LYS B 630 -60.95 4.50 1.91
N LEU B 631 -60.57 4.25 0.66
CA LEU B 631 -60.42 2.91 0.12
C LEU B 631 -59.37 2.15 0.92
N ILE B 632 -58.25 2.84 1.18
CA ILE B 632 -57.20 2.15 1.96
C ILE B 632 -57.65 1.97 3.39
N VAL B 633 -58.21 3.05 3.95
CA VAL B 633 -58.76 3.05 5.32
C VAL B 633 -59.86 1.99 5.41
N ASP B 634 -60.72 1.92 4.38
CA ASP B 634 -61.82 0.99 4.38
C ASP B 634 -61.29 -0.42 4.38
N THR B 635 -60.22 -0.71 3.65
CA THR B 635 -59.67 -2.06 3.66
C THR B 635 -59.20 -2.44 5.07
N HIS B 636 -58.55 -1.49 5.73
CA HIS B 636 -58.08 -1.72 7.09
C HIS B 636 -59.23 -1.99 8.03
N VAL B 637 -60.29 -1.22 7.87
CA VAL B 637 -61.53 -1.36 8.65
C VAL B 637 -62.08 -2.78 8.48
N GLN B 638 -62.13 -3.20 7.23
CA GLN B 638 -62.63 -4.53 6.85
C GLN B 638 -61.82 -5.61 7.56
N PHE B 639 -60.51 -5.43 7.51
CA PHE B 639 -59.56 -6.36 8.13
C PHE B 639 -59.83 -6.48 9.61
N ARG B 640 -60.01 -5.32 10.23
CA ARG B 640 -60.28 -5.21 11.67
C ARG B 640 -61.55 -5.99 12.03
N LEU B 641 -62.62 -5.81 11.25
CA LEU B 641 -63.82 -6.65 11.42
C LEU B 641 -63.64 -8.02 10.73
N GLY B 642 -64.63 -8.90 10.82
CA GLY B 642 -64.53 -10.23 10.22
C GLY B 642 -64.69 -10.23 8.70
N ASN B 643 -65.07 -11.40 8.16
CA ASN B 643 -65.40 -11.57 6.74
C ASN B 643 -64.31 -11.03 5.82
N VAL B 644 -63.07 -11.44 6.12
CA VAL B 644 -61.88 -10.85 5.51
C VAL B 644 -60.68 -11.75 5.81
N ASP B 645 -59.48 -11.30 5.45
CA ASP B 645 -58.24 -11.91 5.90
C ASP B 645 -57.15 -10.84 5.96
N ALA B 646 -56.08 -11.10 6.70
CA ALA B 646 -54.91 -10.20 6.74
C ALA B 646 -54.18 -10.19 5.42
N PHE B 647 -54.02 -11.38 4.84
CA PHE B 647 -53.44 -11.56 3.50
C PHE B 647 -54.23 -10.75 2.48
N GLN B 648 -55.55 -10.88 2.59
CA GLN B 648 -56.50 -10.10 1.75
C GLN B 648 -56.26 -8.62 1.98
N LEU B 649 -56.09 -8.23 3.23
CA LEU B 649 -55.75 -6.82 3.52
C LEU B 649 -54.60 -6.26 2.70
N ALA B 650 -53.46 -6.91 2.78
CA ALA B 650 -52.26 -6.51 2.03
C ALA B 650 -52.56 -6.51 0.53
N ASP B 651 -53.20 -7.60 0.11
CA ASP B 651 -53.56 -7.78 -1.30
C ASP B 651 -54.47 -6.65 -1.76
N GLY B 652 -55.44 -6.33 -0.92
CA GLY B 652 -56.41 -5.27 -1.18
C GLY B 652 -55.70 -3.95 -1.38
N ILE B 653 -54.76 -3.69 -0.46
CA ILE B 653 -53.95 -2.47 -0.48
C ILE B 653 -53.18 -2.35 -1.80
N HIS B 654 -52.59 -3.47 -2.17
CA HIS B 654 -51.80 -3.59 -3.41
C HIS B 654 -52.67 -3.22 -4.61
N TYR B 655 -53.87 -3.82 -4.61
CA TYR B 655 -54.86 -3.61 -5.67
C TYR B 655 -55.19 -2.12 -5.79
N ILE B 656 -55.43 -1.52 -4.65
CA ILE B 656 -55.76 -0.10 -4.54
C ILE B 656 -54.65 0.75 -5.15
N LEU B 657 -53.44 0.41 -4.77
CA LEU B 657 -52.40 1.34 -5.08
C LEU B 657 -52.00 1.11 -6.50
N ASN B 658 -51.83 -0.15 -6.85
CA ASN B 658 -51.38 -0.55 -8.18
C ASN B 658 -52.52 -0.53 -9.20
N HIS B 659 -53.75 -0.26 -8.74
CA HIS B 659 -54.81 0.25 -9.61
C HIS B 659 -55.46 1.50 -9.01
N ILE B 660 -54.90 2.67 -9.25
CA ILE B 660 -55.68 3.91 -9.08
C ILE B 660 -56.51 4.08 -10.34
N GLY B 661 -55.84 4.00 -11.49
CA GLY B 661 -56.50 4.11 -12.80
C GLY B 661 -57.85 3.42 -12.93
N GLN B 662 -57.96 2.23 -12.34
CA GLN B 662 -59.21 1.49 -12.35
C GLN B 662 -60.16 1.97 -11.26
N LEU B 663 -59.67 2.07 -10.03
CA LEU B 663 -60.54 2.27 -8.86
C LEU B 663 -61.00 3.70 -8.61
N THR B 664 -60.21 4.69 -9.01
CA THR B 664 -60.65 6.09 -8.95
C THR B 664 -59.81 6.97 -9.86
N GLY B 665 -60.46 7.76 -10.71
CA GLY B 665 -59.73 8.60 -11.64
C GLY B 665 -59.23 9.89 -11.03
N ILE B 666 -57.92 9.94 -10.71
CA ILE B 666 -57.27 11.24 -10.49
C ILE B 666 -56.84 11.76 -11.84
N TYR B 667 -56.28 10.85 -12.66
CA TYR B 667 -55.84 11.19 -14.01
C TYR B 667 -56.79 12.11 -14.77
N ARG B 668 -58.10 11.94 -14.55
CA ARG B 668 -59.10 12.86 -15.09
C ARG B 668 -58.83 14.34 -14.81
N TYR B 669 -58.32 14.66 -13.63
CA TYR B 669 -58.20 16.04 -13.17
C TYR B 669 -56.75 16.56 -13.14
N LYS B 670 -55.82 15.70 -12.72
CA LYS B 670 -54.39 15.97 -12.86
C LYS B 670 -53.73 14.77 -13.55
N TYR B 671 -53.25 14.97 -14.77
CA TYR B 671 -52.69 13.88 -15.58
C TYR B 671 -51.20 13.61 -15.37
N LYS B 672 -50.54 14.38 -14.52
CA LYS B 672 -49.18 14.01 -14.08
C LYS B 672 -49.27 12.84 -13.10
N VAL B 673 -50.44 12.66 -12.48
CA VAL B 673 -50.75 11.45 -11.79
C VAL B 673 -50.71 10.27 -12.71
N MET B 674 -50.93 10.42 -14.03
CA MET B 674 -50.86 9.29 -14.92
C MET B 674 -49.48 8.72 -14.96
N HIS B 675 -48.45 9.55 -14.91
CA HIS B 675 -47.06 9.11 -14.86
C HIS B 675 -46.85 8.19 -13.63
N GLN B 676 -47.35 8.69 -12.51
CA GLN B 676 -47.27 7.99 -11.23
C GLN B 676 -47.92 6.61 -11.34
N ILE B 677 -49.11 6.62 -11.93
CA ILE B 677 -49.92 5.41 -12.14
C ILE B 677 -49.12 4.39 -12.95
N ARG B 678 -48.51 4.89 -14.01
CA ARG B 678 -47.70 4.09 -14.94
C ARG B 678 -46.56 3.42 -14.16
N ALA B 679 -45.90 4.24 -13.36
CA ALA B 679 -44.78 3.79 -12.53
C ALA B 679 -45.21 2.66 -11.61
N CYS B 680 -46.36 2.87 -10.98
CA CYS B 680 -46.95 1.90 -10.06
C CYS B 680 -47.21 0.58 -10.77
N LYS B 681 -47.77 0.69 -11.95
CA LYS B 681 -48.09 -0.46 -12.81
C LYS B 681 -46.83 -1.26 -13.10
N ASP B 682 -45.79 -0.52 -13.47
CA ASP B 682 -44.48 -1.09 -13.80
C ASP B 682 -43.94 -1.89 -12.60
N LEU B 683 -44.04 -1.25 -11.44
CA LEU B 683 -43.59 -1.84 -10.17
C LEU B 683 -44.31 -3.16 -9.91
N LYS B 684 -45.62 -3.11 -10.11
CA LYS B 684 -46.50 -4.26 -9.92
C LYS B 684 -46.06 -5.41 -10.81
N HIS B 685 -45.81 -5.06 -12.07
CA HIS B 685 -45.37 -6.02 -13.10
C HIS B 685 -44.08 -6.69 -12.65
N ILE B 686 -43.16 -5.86 -12.18
CA ILE B 686 -41.85 -6.32 -11.71
C ILE B 686 -42.02 -7.34 -10.57
N ILE B 687 -42.89 -6.96 -9.65
CA ILE B 687 -43.19 -7.78 -8.47
C ILE B 687 -43.72 -9.15 -8.92
N TYR B 688 -44.65 -9.10 -9.85
CA TYR B 688 -45.52 -10.27 -10.12
C TYR B 688 -44.68 -11.39 -10.69
N TYR B 689 -43.80 -11.05 -11.63
CA TYR B 689 -42.87 -12.06 -12.17
C TYR B 689 -41.94 -12.53 -11.08
N LYS B 690 -41.40 -11.57 -10.33
CA LYS B 690 -40.49 -11.86 -9.21
C LYS B 690 -41.20 -12.75 -8.19
N PHE B 691 -42.44 -12.39 -7.90
CA PHE B 691 -43.26 -13.14 -6.94
C PHE B 691 -43.53 -14.56 -7.44
N ASN B 692 -44.04 -14.66 -8.66
CA ASN B 692 -44.60 -15.89 -9.21
C ASN B 692 -43.62 -16.70 -10.07
N LYS B 693 -42.41 -16.92 -9.56
CA LYS B 693 -41.47 -17.88 -10.18
C LYS B 693 -41.97 -19.32 -9.99
N ASN B 694 -42.58 -19.57 -8.83
CA ASN B 694 -43.19 -20.86 -8.52
C ASN B 694 -44.52 -21.02 -9.25
N LEU B 695 -45.13 -22.19 -9.11
CA LEU B 695 -46.37 -22.55 -9.81
C LEU B 695 -47.57 -21.63 -9.51
N GLY B 696 -47.52 -20.88 -8.40
CA GLY B 696 -48.54 -19.88 -8.10
C GLY B 696 -48.65 -18.81 -9.16
N LYS B 697 -49.88 -18.61 -9.65
CA LYS B 697 -50.20 -17.53 -10.60
C LYS B 697 -51.69 -17.16 -10.49
N GLY B 698 -51.97 -15.95 -10.02
CA GLY B 698 -53.35 -15.51 -9.78
C GLY B 698 -53.46 -14.13 -9.14
N PRO B 699 -54.61 -13.83 -8.50
CA PRO B 699 -54.89 -12.49 -7.99
C PRO B 699 -54.25 -12.14 -6.64
N GLY B 700 -53.98 -13.14 -5.81
CA GLY B 700 -53.41 -12.92 -4.48
C GLY B 700 -51.91 -12.64 -4.48
N CYS B 701 -51.55 -11.39 -4.21
CA CYS B 701 -50.16 -11.01 -3.97
C CYS B 701 -50.08 -9.62 -3.35
N GLY B 702 -49.62 -9.56 -2.10
CA GLY B 702 -49.35 -8.30 -1.43
C GLY B 702 -48.07 -7.68 -1.92
N PHE B 703 -47.25 -7.22 -0.98
CA PHE B 703 -46.07 -6.40 -1.24
C PHE B 703 -46.41 -5.07 -1.91
N TRP B 704 -47.09 -4.23 -1.15
CA TRP B 704 -47.54 -2.93 -1.63
C TRP B 704 -46.48 -1.84 -1.46
N GLN B 705 -45.39 -2.16 -0.77
CA GLN B 705 -44.41 -1.13 -0.36
C GLN B 705 -44.02 -0.10 -1.43
N PRO B 706 -43.46 -0.55 -2.57
CA PRO B 706 -42.96 0.42 -3.51
C PRO B 706 -44.07 1.29 -4.08
N ALA B 707 -45.20 0.66 -4.36
CA ALA B 707 -46.39 1.36 -4.84
C ALA B 707 -46.82 2.44 -3.85
N TRP B 708 -46.84 2.03 -2.59
CA TRP B 708 -47.21 2.91 -1.48
C TRP B 708 -46.30 4.11 -1.43
N ARG B 709 -45.02 3.84 -1.55
CA ARG B 709 -43.96 4.86 -1.53
C ARG B 709 -44.20 5.88 -2.63
N VAL B 710 -44.48 5.34 -3.82
CA VAL B 710 -44.75 6.14 -5.01
C VAL B 710 -45.93 7.08 -4.76
N TRP B 711 -46.97 6.50 -4.20
CA TRP B 711 -48.20 7.23 -3.88
C TRP B 711 -47.91 8.39 -2.93
N LEU B 712 -47.11 8.07 -1.91
CA LEU B 712 -46.71 9.04 -0.89
C LEU B 712 -45.98 10.20 -1.55
N ASN B 713 -45.05 9.85 -2.43
CA ASN B 713 -44.24 10.83 -3.16
C ASN B 713 -45.15 11.76 -3.96
N PHE B 714 -46.11 11.16 -4.65
CA PHE B 714 -47.08 11.88 -5.47
C PHE B 714 -47.84 12.89 -4.62
N LEU B 715 -48.28 12.41 -3.47
CA LEU B 715 -49.04 13.21 -2.50
C LEU B 715 -48.23 14.42 -2.08
N ARG B 716 -46.97 14.15 -1.77
CA ARG B 716 -46.01 15.19 -1.33
C ARG B 716 -45.88 16.25 -2.40
N GLY B 717 -45.73 15.79 -3.63
CA GLY B 717 -45.60 16.66 -4.81
C GLY B 717 -46.80 17.58 -4.92
N THR B 718 -47.97 16.96 -4.78
CA THR B 718 -49.26 17.64 -4.89
C THR B 718 -49.84 18.38 -3.70
N ILE B 719 -49.44 18.08 -2.47
CA ILE B 719 -50.10 18.71 -1.35
C ILE B 719 -50.10 20.21 -1.40
N PRO B 720 -48.92 20.83 -1.74
CA PRO B 720 -48.77 22.27 -1.56
C PRO B 720 -49.79 23.03 -2.39
N LEU B 721 -49.92 22.58 -3.63
CA LEU B 721 -50.85 23.20 -4.59
C LEU B 721 -52.28 23.13 -4.05
N LEU B 722 -52.61 21.95 -3.55
CA LEU B 722 -53.94 21.69 -2.98
C LEU B 722 -54.23 22.64 -1.83
N GLU B 723 -53.22 22.78 -0.97
CA GLU B 723 -53.29 23.65 0.20
C GLU B 723 -53.56 25.08 -0.23
N ARG B 724 -52.82 25.51 -1.24
CA ARG B 724 -52.92 26.86 -1.80
C ARG B 724 -54.35 27.10 -2.29
N TYR B 725 -54.85 26.12 -3.01
CA TYR B 725 -56.20 26.16 -3.59
C TYR B 725 -57.24 26.35 -2.48
N ILE B 726 -57.05 25.54 -1.44
CA ILE B 726 -57.94 25.56 -0.28
C ILE B 726 -57.96 26.95 0.36
N GLY B 727 -56.76 27.50 0.51
CA GLY B 727 -56.57 28.83 1.09
C GLY B 727 -57.32 29.87 0.29
N ASN B 728 -57.16 29.77 -1.03
CA ASN B 728 -57.80 30.69 -1.98
C ASN B 728 -59.31 30.64 -1.80
N LEU B 729 -59.82 29.41 -1.71
CA LEU B 729 -61.25 29.14 -1.58
C LEU B 729 -61.77 29.81 -0.29
N ILE B 730 -61.00 29.63 0.78
CA ILE B 730 -61.45 30.16 2.07
C ILE B 730 -61.41 31.69 2.02
N THR B 731 -60.32 32.24 1.50
CA THR B 731 -60.17 33.69 1.35
C THR B 731 -60.82 34.15 0.04
N ARG B 732 -62.16 34.06 0.01
CA ARG B 732 -62.97 34.38 -1.17
C ARG B 732 -63.45 35.83 -1.12
N GLN B 733 -64.01 36.22 0.02
CA GLN B 733 -64.50 37.58 0.26
C GLN B 733 -63.34 38.58 0.36
N PHE B 734 -62.37 38.27 1.23
CA PHE B 734 -61.16 39.06 1.38
C PHE B 734 -60.14 38.72 0.27
N GLU B 735 -59.04 39.47 0.23
CA GLU B 735 -58.00 39.31 -0.79
C GLU B 735 -57.15 38.05 -0.54
N GLU C 102 12.10 35.77 -2.53
CA GLU C 102 12.96 34.55 -2.57
C GLU C 102 12.56 33.52 -1.51
N HIS C 103 12.47 33.98 -0.26
CA HIS C 103 12.13 33.14 0.87
C HIS C 103 10.63 33.14 1.11
N THR C 104 9.99 34.31 0.95
CA THR C 104 8.59 34.48 1.23
C THR C 104 7.75 33.51 0.40
N ILE C 105 8.10 33.46 -0.89
CA ILE C 105 7.40 32.59 -1.84
C ILE C 105 7.51 31.13 -1.40
N PHE C 106 8.73 30.76 -1.01
CA PHE C 106 9.02 29.40 -0.56
C PHE C 106 8.15 29.05 0.65
N THR C 107 8.10 30.00 1.58
CA THR C 107 7.31 29.85 2.81
C THR C 107 5.85 29.60 2.47
N GLN C 108 5.36 30.42 1.55
CA GLN C 108 3.96 30.34 1.08
C GLN C 108 3.67 28.95 0.52
N LEU C 109 4.60 28.49 -0.30
CA LEU C 109 4.51 27.18 -0.95
C LEU C 109 4.40 26.08 0.11
N LYS C 110 5.28 26.20 1.10
CA LYS C 110 5.34 25.25 2.22
C LYS C 110 4.00 25.19 2.94
N LYS C 111 3.47 26.38 3.19
CA LYS C 111 2.17 26.56 3.87
C LYS C 111 1.07 25.83 3.09
N ASN C 112 1.06 25.97 1.77
CA ASN C 112 0.00 25.35 0.94
C ASN C 112 0.31 23.86 0.65
N ILE C 113 0.28 23.04 1.70
CA ILE C 113 0.86 21.69 1.69
C ILE C 113 0.51 20.94 2.98
N PRO C 114 0.49 19.59 2.95
CA PRO C 114 0.17 18.82 4.15
C PRO C 114 1.39 18.58 5.04
N LYS C 115 1.28 18.93 6.32
CA LYS C 115 2.39 18.84 7.26
C LYS C 115 2.72 17.39 7.57
N THR C 116 3.95 17.00 7.26
CA THR C 116 4.40 15.62 7.39
C THR C 116 4.81 15.30 8.82
N ARG C 117 4.62 14.05 9.23
CA ARG C 117 4.88 13.64 10.62
C ARG C 117 6.37 13.65 10.96
N TYR C 118 7.19 13.13 10.04
CA TYR C 118 8.65 13.34 10.10
C TYR C 118 8.96 14.75 9.57
N ASN C 119 10.07 15.32 10.03
CA ASN C 119 10.46 16.68 9.61
C ASN C 119 11.07 16.64 8.22
N ARG C 120 10.52 17.42 7.28
CA ARG C 120 10.99 17.40 5.87
C ARG C 120 12.43 17.90 5.66
N ASP C 121 12.88 18.71 6.64
CA ASP C 121 14.24 19.19 6.69
C ASP C 121 15.22 18.03 6.71
N TYR C 122 14.90 17.05 7.56
CA TYR C 122 15.74 15.86 7.72
C TYR C 122 15.86 15.13 6.40
N MET C 123 14.72 14.97 5.73
CA MET C 123 14.62 14.30 4.43
C MET C 123 15.53 14.99 3.42
N LEU C 124 15.44 16.32 3.41
CA LEU C 124 16.23 17.16 2.51
C LEU C 124 17.72 16.92 2.73
N SER C 125 18.08 16.92 4.01
CA SER C 125 19.46 16.71 4.44
C SER C 125 19.97 15.37 3.94
N MET C 126 19.13 14.35 4.11
CA MET C 126 19.44 12.99 3.69
C MET C 126 19.72 12.95 2.19
N ALA C 127 18.84 13.62 1.45
CA ALA C 127 18.92 13.71 0.00
C ALA C 127 20.23 14.30 -0.43
N ASN C 128 20.82 15.21 0.32
CA ASN C 128 22.17 15.67 0.02
C ASN C 128 23.22 14.56 -0.05
N ILE C 129 22.93 13.39 0.51
CA ILE C 129 23.79 12.21 0.44
C ILE C 129 23.11 11.11 -0.39
N PRO C 130 23.83 10.55 -1.38
CA PRO C 130 23.30 9.36 -2.07
C PRO C 130 23.41 8.10 -1.21
N GLU C 131 22.90 6.98 -1.73
CA GLU C 131 22.80 5.72 -0.98
C GLU C 131 21.80 5.73 0.20
N ARG C 132 21.22 6.90 0.49
CA ARG C 132 20.14 7.06 1.45
C ARG C 132 18.85 7.45 0.70
N ILE C 133 18.85 7.16 -0.61
CA ILE C 133 17.75 7.48 -1.52
C ILE C 133 17.47 6.26 -2.39
N ILE C 134 16.45 5.50 -2.03
CA ILE C 134 15.94 4.43 -2.88
C ILE C 134 14.91 5.10 -3.79
N ASN C 135 15.01 4.87 -5.08
CA ASN C 135 13.97 5.26 -6.02
C ASN C 135 13.20 4.00 -6.36
N VAL C 136 11.92 4.00 -6.02
CA VAL C 136 11.09 2.82 -6.05
C VAL C 136 9.96 3.02 -7.05
N GLY C 137 9.85 2.13 -8.02
CA GLY C 137 8.72 2.09 -8.94
C GLY C 137 7.76 1.07 -8.37
N VAL C 138 6.60 1.52 -7.89
CA VAL C 138 5.61 0.54 -7.50
C VAL C 138 4.81 0.23 -8.77
N ILE C 139 4.85 -1.05 -9.16
CA ILE C 139 4.40 -1.53 -10.46
C ILE C 139 3.63 -2.85 -10.29
N GLY C 140 2.74 -3.16 -11.24
CA GLY C 140 1.96 -4.38 -11.21
C GLY C 140 0.92 -4.42 -12.30
N PRO C 141 -0.02 -5.38 -12.23
CA PRO C 141 -1.08 -5.43 -13.21
C PRO C 141 -2.18 -4.44 -12.86
N LEU C 142 -3.22 -4.39 -13.70
CA LEU C 142 -4.37 -3.52 -13.46
C LEU C 142 -5.09 -3.83 -12.14
N HIS C 143 -5.33 -2.78 -11.36
CA HIS C 143 -5.95 -2.89 -10.04
C HIS C 143 -5.24 -3.89 -9.09
N SER C 144 -3.92 -3.93 -9.13
CA SER C 144 -3.14 -4.68 -8.14
C SER C 144 -3.41 -4.17 -6.72
N GLY C 145 -3.67 -2.88 -6.63
CA GLY C 145 -3.65 -2.19 -5.36
C GLY C 145 -2.23 -1.82 -5.05
N LYS C 146 -1.61 -1.13 -6.00
CA LYS C 146 -0.32 -0.46 -5.78
C LYS C 146 -0.52 0.99 -5.39
N THR C 147 -1.48 1.65 -6.05
CA THR C 147 -1.86 3.02 -5.70
C THR C 147 -2.35 3.07 -4.26
N SER C 148 -3.17 2.09 -3.90
CA SER C 148 -3.71 2.00 -2.54
C SER C 148 -2.59 1.90 -1.52
N LEU C 149 -1.64 1.04 -1.84
CA LEU C 149 -0.45 0.80 -1.00
C LEU C 149 0.30 2.09 -0.78
N MET C 150 0.50 2.80 -1.89
CA MET C 150 1.17 4.12 -1.84
C MET C 150 0.42 5.06 -0.93
N ASP C 151 -0.92 5.00 -0.99
CA ASP C 151 -1.82 5.77 -0.15
C ASP C 151 -1.53 5.47 1.30
N LEU C 152 -1.38 4.19 1.62
CA LEU C 152 -1.10 3.76 3.00
C LEU C 152 0.18 4.41 3.50
N LEU C 153 1.19 4.36 2.65
CA LEU C 153 2.51 4.91 2.95
C LEU C 153 2.39 6.41 3.24
N VAL C 154 1.64 7.08 2.38
CA VAL C 154 1.40 8.51 2.48
C VAL C 154 0.76 8.85 3.82
N ILE C 155 -0.25 8.05 4.16
CA ILE C 155 -1.00 8.21 5.40
C ILE C 155 -0.05 8.09 6.60
N ASP C 156 0.80 7.08 6.54
CA ASP C 156 1.78 6.80 7.58
C ASP C 156 2.70 8.01 7.77
N SER C 157 3.17 8.52 6.63
CA SER C 157 4.05 9.68 6.59
C SER C 157 3.39 10.89 7.27
N HIS C 158 2.19 11.23 6.81
CA HIS C 158 1.58 12.54 7.17
C HIS C 158 0.75 12.50 8.43
N LYS C 159 0.52 13.67 9.03
CA LYS C 159 -0.27 13.76 10.23
C LYS C 159 -1.75 13.71 9.86
N ARG C 160 -2.17 14.67 9.04
CA ARG C 160 -3.55 14.72 8.55
C ARG C 160 -3.56 15.26 7.13
N ILE C 161 -4.27 14.56 6.27
CA ILE C 161 -4.32 14.86 4.85
C ILE C 161 -5.54 15.76 4.62
N PRO C 162 -5.49 16.67 3.62
CA PRO C 162 -6.61 17.57 3.43
C PRO C 162 -7.92 16.90 3.00
N ASP C 163 -7.90 16.24 1.84
CA ASP C 163 -9.13 15.68 1.25
C ASP C 163 -9.40 14.21 1.64
N MET C 164 -8.65 13.73 2.63
CA MET C 164 -9.01 12.51 3.34
C MET C 164 -10.34 12.73 4.05
N SER C 165 -11.42 12.30 3.39
CA SER C 165 -12.79 12.36 3.93
C SER C 165 -12.99 11.54 5.21
N LYS C 166 -14.22 11.57 5.75
CA LYS C 166 -14.55 10.76 6.92
C LYS C 166 -14.63 9.29 6.52
N ASN C 167 -15.31 9.04 5.41
CA ASN C 167 -15.56 7.70 4.91
C ASN C 167 -14.21 7.00 4.66
N VAL C 168 -13.33 7.74 3.99
CA VAL C 168 -12.02 7.17 3.66
C VAL C 168 -11.23 6.85 4.91
N GLU C 169 -11.31 7.75 5.90
CA GLU C 169 -10.65 7.55 7.19
C GLU C 169 -11.14 6.26 7.84
N LEU C 170 -12.46 6.10 7.81
CA LEU C 170 -13.11 4.91 8.38
C LEU C 170 -12.60 3.66 7.73
N GLY C 171 -12.36 3.76 6.43
CA GLY C 171 -11.76 2.70 5.66
C GLY C 171 -12.73 2.07 4.69
N TRP C 172 -13.68 2.88 4.24
CA TRP C 172 -14.61 2.50 3.21
C TRP C 172 -13.93 2.65 1.85
N LYS C 173 -13.94 3.86 1.29
CA LYS C 173 -13.28 4.09 0.02
C LYS C 173 -11.77 4.26 0.26
N PRO C 174 -10.95 4.12 -0.79
CA PRO C 174 -9.50 4.03 -0.60
C PRO C 174 -8.77 5.28 -0.13
N LEU C 175 -9.12 6.43 -0.67
CA LEU C 175 -8.23 7.60 -0.73
C LEU C 175 -7.01 7.15 -1.49
N ARG C 176 -7.15 7.04 -2.80
CA ARG C 176 -5.97 6.81 -3.62
C ARG C 176 -5.29 8.16 -3.78
N TYR C 177 -4.36 8.42 -2.86
CA TYR C 177 -3.74 9.72 -2.70
C TYR C 177 -2.94 10.17 -3.90
N LEU C 178 -2.47 9.21 -4.68
CA LEU C 178 -1.75 9.50 -5.91
C LEU C 178 -2.59 9.37 -7.20
N ASP C 179 -3.92 9.42 -7.11
CA ASP C 179 -4.78 9.42 -8.30
C ASP C 179 -4.85 10.83 -8.89
N ASN C 180 -4.91 11.85 -8.03
CA ASN C 180 -4.79 13.25 -8.44
C ASN C 180 -5.90 13.71 -9.39
N LEU C 181 -5.64 13.61 -10.69
CA LEU C 181 -6.37 14.40 -11.67
C LEU C 181 -7.74 13.80 -11.97
N LYS C 182 -8.73 14.69 -12.14
CA LYS C 182 -10.13 14.34 -12.37
C LYS C 182 -10.27 13.04 -13.17
N GLN C 183 -9.62 13.00 -14.32
CA GLN C 183 -9.58 11.83 -15.20
C GLN C 183 -9.56 10.57 -14.36
N GLU C 184 -8.55 10.46 -13.50
CA GLU C 184 -8.25 9.24 -12.77
C GLU C 184 -9.27 8.88 -11.67
N ILE C 185 -9.70 9.87 -10.90
CA ILE C 185 -10.65 9.65 -9.82
C ILE C 185 -12.01 9.29 -10.39
N ASP C 186 -12.39 9.96 -11.48
CA ASP C 186 -13.64 9.68 -12.16
C ASP C 186 -13.62 8.31 -12.83
N ARG C 187 -12.46 7.91 -13.29
CA ARG C 187 -12.31 6.73 -14.15
C ARG C 187 -12.10 5.42 -13.41
N GLY C 188 -11.41 5.47 -12.27
CA GLY C 188 -11.06 4.26 -11.54
C GLY C 188 -9.60 3.88 -11.67
N LEU C 189 -8.97 4.21 -12.80
CA LEU C 189 -7.59 3.81 -13.05
C LEU C 189 -6.62 4.92 -12.72
N SER C 190 -5.56 4.58 -11.99
CA SER C 190 -4.38 5.43 -11.97
C SER C 190 -3.85 5.38 -13.41
N ILE C 191 -3.52 6.55 -13.96
CA ILE C 191 -3.29 6.74 -15.40
C ILE C 191 -1.89 7.25 -15.73
N LYS C 192 -1.39 8.22 -14.97
CA LYS C 192 -0.03 8.75 -15.18
C LYS C 192 0.81 8.47 -13.94
N LEU C 193 2.12 8.68 -14.08
CA LEU C 193 3.08 8.37 -13.02
C LEU C 193 3.12 9.46 -11.94
N ASN C 194 2.10 9.49 -11.10
CA ASN C 194 1.86 10.60 -10.18
C ASN C 194 2.36 10.32 -8.78
N GLY C 195 3.67 10.08 -8.66
CA GLY C 195 4.31 9.51 -7.45
C GLY C 195 4.40 10.36 -6.18
N SER C 196 5.32 9.99 -5.28
CA SER C 196 5.54 10.71 -4.02
C SER C 196 6.91 10.39 -3.40
N THR C 197 7.47 11.33 -2.63
CA THR C 197 8.73 11.11 -1.91
C THR C 197 8.48 11.10 -0.40
N LEU C 198 9.06 10.12 0.28
CA LEU C 198 8.83 9.94 1.73
C LEU C 198 10.05 9.35 2.44
N LEU C 199 10.41 9.93 3.59
CA LEU C 199 11.27 9.26 4.58
C LEU C 199 10.55 8.08 5.17
N CYS C 200 11.30 7.00 5.37
CA CYS C 200 10.76 5.77 5.92
C CYS C 200 11.79 5.09 6.81
N THR C 201 11.44 4.89 8.07
CA THR C 201 12.24 4.09 8.99
C THR C 201 12.11 2.62 8.64
N ASP C 202 13.10 1.81 9.04
CA ASP C 202 13.07 0.36 8.86
C ASP C 202 12.90 -0.35 10.20
N LEU C 203 12.74 -1.67 10.13
CA LEU C 203 13.02 -2.53 11.26
C LEU C 203 14.49 -2.30 11.53
N GLU C 204 14.82 -1.82 12.72
CA GLU C 204 16.10 -1.14 13.01
C GLU C 204 16.09 0.20 12.27
N SER C 205 15.69 1.26 12.97
CA SER C 205 15.22 2.50 12.33
C SER C 205 16.26 3.33 11.57
N LYS C 206 16.74 2.78 10.46
CA LYS C 206 17.60 3.51 9.53
C LYS C 206 16.69 4.19 8.55
N SER C 207 16.40 5.45 8.83
CA SER C 207 15.69 6.32 7.89
C SER C 207 16.33 6.28 6.52
N ARG C 208 15.53 6.52 5.48
CA ARG C 208 16.02 6.54 4.12
C ARG C 208 15.00 7.23 3.24
N MET C 209 15.40 8.29 2.52
CA MET C 209 14.43 9.09 1.78
C MET C 209 14.12 8.40 0.46
N ILE C 210 12.89 7.88 0.35
CA ILE C 210 12.46 7.05 -0.79
C ILE C 210 11.61 7.83 -1.78
N ASN C 211 11.92 7.68 -3.07
CA ASN C 211 11.24 8.39 -4.16
C ASN C 211 10.28 7.47 -4.89
N PHE C 212 9.15 7.19 -4.25
CA PHE C 212 8.16 6.30 -4.85
C PHE C 212 7.52 6.91 -6.10
N LEU C 213 7.37 6.06 -7.13
CA LEU C 213 6.62 6.39 -8.34
C LEU C 213 5.58 5.29 -8.56
N ASP C 214 4.31 5.69 -8.47
CA ASP C 214 3.19 4.76 -8.62
C ASP C 214 2.88 4.61 -10.08
N ALA C 215 3.19 3.43 -10.62
CA ALA C 215 2.85 3.15 -12.01
C ALA C 215 1.33 3.07 -12.19
N PRO C 216 0.88 3.13 -13.44
CA PRO C 216 -0.42 2.60 -13.82
C PRO C 216 -0.32 1.11 -14.04
N GLY C 217 -1.39 0.42 -13.70
CA GLY C 217 -1.46 -0.99 -13.94
C GLY C 217 -1.87 -1.20 -15.38
N HIS C 218 -2.98 -0.58 -15.76
CA HIS C 218 -3.69 -0.94 -16.98
C HIS C 218 -2.79 -0.92 -18.20
N VAL C 219 -2.92 -1.95 -19.02
CA VAL C 219 -1.83 -2.34 -19.89
C VAL C 219 -1.61 -1.29 -20.96
N ASN C 220 -2.65 -0.57 -21.33
CA ASN C 220 -2.50 0.51 -22.29
C ASN C 220 -1.79 1.75 -21.71
N PHE C 221 -1.32 1.67 -20.47
CA PHE C 221 -0.44 2.67 -19.91
C PHE C 221 0.90 2.08 -19.49
N MET C 222 1.49 1.24 -20.33
CA MET C 222 2.83 0.74 -20.04
C MET C 222 3.87 1.83 -20.18
N ASP C 223 3.50 2.89 -20.88
CA ASP C 223 4.33 4.04 -21.08
C ASP C 223 4.78 4.56 -19.70
N GLU C 224 3.79 4.81 -18.85
CA GLU C 224 4.07 5.30 -17.51
C GLU C 224 4.88 4.31 -16.72
N THR C 225 4.52 3.04 -16.86
CA THR C 225 5.22 1.93 -16.19
C THR C 225 6.68 1.91 -16.62
N ALA C 226 6.88 2.05 -17.93
CA ALA C 226 8.21 2.06 -18.54
C ALA C 226 9.05 3.18 -17.95
N VAL C 227 8.42 4.35 -17.87
CA VAL C 227 9.05 5.56 -17.33
C VAL C 227 9.51 5.31 -15.90
N ALA C 228 8.62 4.72 -15.13
CA ALA C 228 8.86 4.39 -13.72
C ALA C 228 10.08 3.49 -13.60
N LEU C 229 10.09 2.47 -14.45
CA LEU C 229 11.16 1.48 -14.50
C LEU C 229 12.50 2.17 -14.76
N ALA C 230 12.47 3.06 -15.75
CA ALA C 230 13.64 3.83 -16.17
C ALA C 230 14.19 4.63 -14.99
N ALA C 231 13.26 5.29 -14.30
CA ALA C 231 13.57 6.12 -13.14
C ALA C 231 14.14 5.27 -12.00
N SER C 232 13.39 4.23 -11.66
CA SER C 232 13.48 3.64 -10.34
C SER C 232 14.46 2.48 -10.31
N ASP C 233 15.47 2.58 -9.45
CA ASP C 233 16.47 1.52 -9.27
C ASP C 233 15.91 0.27 -8.60
N LEU C 234 14.89 0.44 -7.76
CA LEU C 234 14.12 -0.70 -7.23
C LEU C 234 12.72 -0.62 -7.78
N VAL C 235 12.06 -1.76 -7.88
CA VAL C 235 10.67 -1.82 -8.28
C VAL C 235 9.91 -2.73 -7.34
N LEU C 236 8.90 -2.19 -6.65
CA LEU C 236 7.94 -3.07 -5.97
C LEU C 236 6.99 -3.58 -7.01
N ILE C 237 7.19 -4.81 -7.47
CA ILE C 237 6.12 -5.45 -8.25
C ILE C 237 5.02 -5.72 -7.25
N VAL C 238 3.78 -5.52 -7.69
CA VAL C 238 2.61 -5.81 -6.86
C VAL C 238 1.75 -6.77 -7.64
N ILE C 239 1.13 -7.70 -6.92
CA ILE C 239 0.31 -8.72 -7.54
C ILE C 239 -0.94 -8.87 -6.70
N ASP C 240 -2.08 -9.04 -7.36
CA ASP C 240 -3.25 -9.61 -6.74
C ASP C 240 -2.90 -11.04 -6.36
N VAL C 241 -3.15 -11.39 -5.10
CA VAL C 241 -3.18 -12.79 -4.71
C VAL C 241 -3.98 -13.53 -5.78
N VAL C 242 -5.25 -13.17 -5.91
CA VAL C 242 -6.20 -14.05 -6.56
C VAL C 242 -5.89 -14.13 -8.04
N GLU C 243 -5.97 -12.99 -8.73
CA GLU C 243 -5.68 -12.95 -10.17
C GLU C 243 -4.35 -13.65 -10.47
N GLY C 244 -3.46 -13.69 -9.47
CA GLY C 244 -2.27 -14.53 -9.51
C GLY C 244 -1.21 -13.84 -10.33
N VAL C 245 -0.13 -14.55 -10.63
CA VAL C 245 0.88 -14.00 -11.52
C VAL C 245 0.39 -14.21 -12.93
N THR C 246 -0.31 -13.19 -13.42
CA THR C 246 -0.80 -13.17 -14.79
C THR C 246 0.37 -13.00 -15.74
N PHE C 247 0.09 -13.17 -17.02
CA PHE C 247 1.07 -12.97 -18.06
C PHE C 247 1.63 -11.56 -18.05
N VAL C 248 0.79 -10.59 -17.73
CA VAL C 248 1.17 -9.19 -17.65
C VAL C 248 2.33 -9.02 -16.64
N VAL C 249 2.12 -9.64 -15.49
CA VAL C 249 3.11 -9.55 -14.41
C VAL C 249 4.42 -10.17 -14.85
N GLU C 250 4.34 -11.31 -15.52
CA GLU C 250 5.51 -12.01 -16.05
C GLU C 250 6.28 -11.09 -16.99
N GLN C 251 5.53 -10.45 -17.87
CA GLN C 251 6.10 -9.52 -18.86
C GLN C 251 6.85 -8.40 -18.16
N LEU C 252 6.21 -7.85 -17.14
CA LEU C 252 6.76 -6.76 -16.34
C LEU C 252 8.10 -7.19 -15.73
N ILE C 253 8.07 -8.39 -15.17
CA ILE C 253 9.26 -8.99 -14.52
C ILE C 253 10.40 -9.09 -15.52
N LYS C 254 10.06 -9.59 -16.70
CA LYS C 254 11.02 -9.76 -17.80
C LYS C 254 11.65 -8.43 -18.16
N GLN C 255 10.76 -7.44 -18.30
CA GLN C 255 11.12 -6.09 -18.70
C GLN C 255 11.43 -5.19 -17.49
N SER C 256 11.68 -5.82 -16.34
CA SER C 256 12.42 -5.21 -15.24
C SER C 256 13.80 -5.83 -15.03
N ILE C 257 13.98 -7.07 -15.46
CA ILE C 257 15.30 -7.69 -15.52
C ILE C 257 16.15 -6.98 -16.58
N LYS C 258 15.54 -6.62 -17.70
CA LYS C 258 16.25 -5.94 -18.78
C LYS C 258 16.80 -4.56 -18.40
N ASN C 259 16.15 -3.87 -17.47
CA ASN C 259 16.39 -2.42 -17.28
C ASN C 259 17.75 -1.90 -16.72
N ASN C 260 18.25 -2.34 -15.56
CA ASN C 260 17.72 -3.40 -14.73
C ASN C 260 17.38 -2.79 -13.39
N VAL C 261 16.80 -3.60 -12.51
CA VAL C 261 16.18 -3.12 -11.27
C VAL C 261 16.14 -4.26 -10.24
N ALA C 262 16.03 -3.90 -8.97
CA ALA C 262 15.78 -4.87 -7.89
C ALA C 262 14.28 -5.11 -7.71
N MET C 263 13.88 -6.38 -7.64
CA MET C 263 12.46 -6.79 -7.68
C MET C 263 11.91 -7.31 -6.34
N CYS C 264 11.52 -6.40 -5.45
CA CYS C 264 10.64 -6.76 -4.33
C CYS C 264 9.27 -7.06 -4.89
N PHE C 265 8.60 -8.06 -4.32
CA PHE C 265 7.23 -8.39 -4.67
C PHE C 265 6.30 -8.07 -3.54
N VAL C 266 5.05 -7.80 -3.92
CA VAL C 266 3.99 -7.52 -2.98
C VAL C 266 2.82 -8.41 -3.38
N ILE C 267 2.68 -9.51 -2.65
CA ILE C 267 1.50 -10.33 -2.76
C ILE C 267 0.41 -9.57 -1.99
N ASN C 268 -0.26 -8.67 -2.73
CA ASN C 268 -1.35 -7.85 -2.21
C ASN C 268 -2.71 -8.47 -2.47
N LYS C 269 -3.61 -8.29 -1.51
CA LYS C 269 -4.98 -8.80 -1.51
C LYS C 269 -5.15 -10.15 -0.81
N LEU C 270 -4.47 -10.33 0.32
CA LEU C 270 -4.70 -11.51 1.16
C LEU C 270 -6.14 -11.61 1.65
N ASP C 271 -6.72 -10.48 2.03
CA ASP C 271 -8.13 -10.41 2.40
C ASP C 271 -8.97 -11.18 1.39
N ARG C 272 -8.66 -11.00 0.11
CA ARG C 272 -9.46 -11.64 -0.93
C ARG C 272 -9.45 -13.17 -0.76
N LEU C 273 -8.31 -13.77 -0.44
CA LEU C 273 -8.25 -15.22 -0.19
C LEU C 273 -8.85 -15.65 1.18
N ILE C 274 -8.78 -14.77 2.18
CA ILE C 274 -9.38 -15.02 3.50
C ILE C 274 -10.91 -14.86 3.45
N LEU C 275 -11.38 -13.76 2.84
CA LEU C 275 -12.80 -13.42 2.84
C LEU C 275 -13.54 -13.70 1.53
N ASP C 276 -12.94 -13.40 0.38
CA ASP C 276 -13.62 -13.63 -0.91
C ASP C 276 -13.61 -15.10 -1.33
N LEU C 277 -12.42 -15.63 -1.55
CA LEU C 277 -12.25 -17.06 -1.87
C LEU C 277 -12.60 -17.94 -0.69
N LYS C 278 -12.39 -17.40 0.51
CA LYS C 278 -12.60 -18.15 1.74
C LYS C 278 -11.80 -19.44 1.67
N LEU C 279 -10.53 -19.32 1.30
CA LEU C 279 -9.65 -20.48 1.30
C LEU C 279 -9.38 -20.84 2.76
N PRO C 280 -9.37 -22.14 3.08
CA PRO C 280 -8.79 -22.48 4.38
C PRO C 280 -7.38 -21.92 4.50
N PRO C 281 -6.82 -21.91 5.71
CA PRO C 281 -5.49 -21.34 5.87
C PRO C 281 -4.45 -22.14 5.10
N MET C 282 -4.55 -23.46 5.19
CA MET C 282 -3.65 -24.37 4.51
C MET C 282 -3.67 -24.11 2.99
N ASP C 283 -4.90 -24.02 2.50
CA ASP C 283 -5.15 -23.79 1.07
C ASP C 283 -4.53 -22.49 0.64
N ALA C 284 -4.73 -21.46 1.46
CA ALA C 284 -4.19 -20.12 1.21
C ALA C 284 -2.68 -20.19 1.09
N TYR C 285 -2.07 -20.89 2.04
CA TYR C 285 -0.62 -21.09 2.10
C TYR C 285 -0.12 -21.71 0.81
N LEU C 286 -0.83 -22.76 0.41
CA LEU C 286 -0.51 -23.51 -0.81
C LEU C 286 -0.52 -22.58 -2.02
N LYS C 287 -1.57 -21.78 -2.08
CA LYS C 287 -1.78 -20.80 -3.16
C LYS C 287 -0.60 -19.84 -3.23
N LEU C 288 -0.23 -19.35 -2.05
CA LEU C 288 0.88 -18.40 -1.91
C LEU C 288 2.17 -19.01 -2.45
N ASN C 289 2.39 -20.26 -2.04
CA ASN C 289 3.58 -21.02 -2.46
C ASN C 289 3.63 -21.12 -3.97
N HIS C 290 2.48 -21.46 -4.54
CA HIS C 290 2.33 -21.62 -5.99
C HIS C 290 2.71 -20.32 -6.69
N ILE C 291 2.18 -19.23 -6.16
CA ILE C 291 2.41 -17.89 -6.69
C ILE C 291 3.90 -17.58 -6.70
N ILE C 292 4.53 -17.89 -5.57
CA ILE C 292 5.96 -17.67 -5.37
C ILE C 292 6.76 -18.43 -6.42
N ALA C 293 6.37 -19.68 -6.61
CA ALA C 293 7.01 -20.58 -7.58
C ALA C 293 6.93 -19.98 -8.97
N ASN C 294 5.73 -19.51 -9.30
CA ASN C 294 5.45 -18.89 -10.60
C ASN C 294 6.38 -17.71 -10.83
N ILE C 295 6.47 -16.88 -9.79
CA ILE C 295 7.30 -15.68 -9.81
C ILE C 295 8.75 -16.06 -10.10
N ASN C 296 9.21 -17.08 -9.39
CA ASN C 296 10.57 -17.58 -9.51
C ASN C 296 10.85 -18.01 -10.95
N SER C 297 9.88 -18.75 -11.49
CA SER C 297 9.95 -19.27 -12.86
C SER C 297 10.10 -18.12 -13.85
N PHE C 298 9.27 -17.10 -13.63
CA PHE C 298 9.26 -15.90 -14.47
C PHE C 298 10.64 -15.23 -14.46
N THR C 299 11.20 -15.15 -13.25
CA THR C 299 12.57 -14.71 -13.01
C THR C 299 13.59 -15.68 -13.58
N LYS C 300 14.74 -15.15 -13.98
CA LYS C 300 15.89 -15.96 -14.39
C LYS C 300 16.76 -16.28 -13.17
N GLY C 301 17.48 -15.27 -12.68
CA GLY C 301 18.56 -15.49 -11.71
C GLY C 301 18.13 -15.61 -10.26
N ASN C 302 17.52 -14.54 -9.75
CA ASN C 302 17.22 -14.44 -8.31
C ASN C 302 16.07 -15.33 -7.89
N VAL C 303 16.18 -15.90 -6.69
CA VAL C 303 15.04 -16.59 -6.05
C VAL C 303 14.39 -15.61 -5.08
N PHE C 304 13.05 -15.59 -5.09
CA PHE C 304 12.27 -14.74 -4.21
C PHE C 304 11.50 -15.59 -3.25
N SER C 305 11.42 -15.15 -2.00
CA SER C 305 10.65 -15.84 -0.96
C SER C 305 10.41 -14.88 0.20
N PRO C 306 9.48 -15.23 1.11
CA PRO C 306 9.22 -14.45 2.33
C PRO C 306 10.42 -14.28 3.26
N ILE C 307 11.26 -15.31 3.32
CA ILE C 307 12.60 -15.19 3.90
C ILE C 307 13.50 -14.52 2.87
N ASP C 308 14.54 -13.85 3.35
CA ASP C 308 15.43 -13.01 2.53
C ASP C 308 14.75 -11.69 2.07
N ASN C 309 13.63 -11.33 2.72
CA ASN C 309 12.95 -10.05 2.50
C ASN C 309 12.78 -9.66 1.03
N ASN C 310 11.77 -10.23 0.39
CA ASN C 310 11.45 -9.94 -1.02
C ASN C 310 9.96 -9.94 -1.27
N ILE C 311 9.30 -11.02 -0.90
CA ILE C 311 7.86 -11.02 -0.75
C ILE C 311 7.47 -10.02 0.36
N ILE C 312 6.38 -9.30 0.11
CA ILE C 312 5.74 -8.46 1.10
C ILE C 312 4.28 -8.84 1.00
N PHE C 313 3.76 -9.46 2.05
CA PHE C 313 2.36 -9.87 2.03
C PHE C 313 1.54 -8.67 2.43
N ALA C 314 0.51 -8.35 1.65
CA ALA C 314 -0.28 -7.15 1.90
C ALA C 314 -1.76 -7.34 1.63
N SER C 315 -2.55 -6.51 2.27
CA SER C 315 -3.93 -6.29 1.87
C SER C 315 -4.19 -4.82 2.12
N THR C 316 -4.20 -4.06 1.05
CA THR C 316 -4.26 -2.62 1.15
C THR C 316 -5.65 -2.11 1.46
N LYS C 317 -6.68 -2.80 0.99
CA LYS C 317 -8.06 -2.46 1.34
C LYS C 317 -8.13 -2.27 2.85
N LEU C 318 -7.80 -3.33 3.56
CA LEU C 318 -7.74 -3.29 5.01
C LEU C 318 -6.53 -2.48 5.45
N GLY C 319 -5.44 -2.61 4.69
CA GLY C 319 -4.30 -1.73 4.87
C GLY C 319 -3.28 -2.25 5.85
N PHE C 320 -2.83 -3.47 5.59
CA PHE C 320 -1.68 -4.01 6.29
C PHE C 320 -0.75 -4.60 5.26
N THR C 321 0.53 -4.25 5.40
CA THR C 321 1.60 -5.01 4.80
C THR C 321 2.42 -5.58 5.92
N PHE C 322 2.91 -6.79 5.72
CA PHE C 322 3.97 -7.32 6.54
C PHE C 322 4.95 -8.06 5.65
N THR C 323 6.19 -8.07 6.11
CA THR C 323 7.12 -9.12 5.77
C THR C 323 7.23 -9.98 7.01
N ILE C 324 7.84 -11.14 6.85
CA ILE C 324 7.95 -12.12 7.92
C ILE C 324 8.85 -11.65 9.03
N LYS C 325 9.95 -11.01 8.63
CA LYS C 325 10.89 -10.39 9.58
C LYS C 325 10.16 -9.37 10.44
N GLU C 326 9.36 -8.55 9.78
CA GLU C 326 8.57 -7.51 10.42
C GLU C 326 7.66 -8.11 11.49
N PHE C 327 6.99 -9.17 11.08
CA PHE C 327 6.06 -9.91 11.94
C PHE C 327 6.78 -10.41 13.18
N VAL C 328 7.95 -10.99 12.94
CA VAL C 328 8.78 -11.56 14.00
C VAL C 328 9.15 -10.46 15.01
N SER C 329 9.55 -9.33 14.46
CA SER C 329 9.94 -8.16 15.25
C SER C 329 8.80 -7.72 16.15
N TYR C 330 7.62 -7.66 15.54
CA TYR C 330 6.52 -7.14 16.32
C TYR C 330 6.10 -8.16 17.37
N TYR C 331 5.98 -9.41 16.95
CA TYR C 331 5.23 -10.40 17.74
C TYR C 331 5.94 -11.69 18.13
N TYR C 332 7.24 -11.79 17.87
CA TYR C 332 8.04 -12.95 18.25
C TYR C 332 9.48 -12.57 18.69
N ALA C 333 9.59 -11.46 19.41
CA ALA C 333 10.77 -11.14 20.20
C ALA C 333 10.44 -11.41 21.66
N HIS C 334 9.26 -10.99 22.09
CA HIS C 334 8.66 -11.42 23.35
C HIS C 334 9.06 -12.86 23.73
N SER C 335 8.78 -13.81 22.84
CA SER C 335 8.78 -15.25 23.17
C SER C 335 10.03 -16.06 22.80
N ILE C 336 11.04 -15.43 22.19
CA ILE C 336 12.27 -16.13 21.75
C ILE C 336 13.49 -15.29 22.15
N PRO C 337 14.62 -15.93 22.50
CA PRO C 337 15.86 -15.16 22.71
C PRO C 337 16.46 -14.63 21.40
N SER C 338 17.03 -13.44 21.46
CA SER C 338 17.47 -12.69 20.28
C SER C 338 18.32 -13.47 19.28
N SER C 339 19.27 -14.25 19.79
CA SER C 339 20.22 -15.00 18.95
C SER C 339 19.55 -15.92 17.92
N LYS C 340 18.43 -16.53 18.31
CA LYS C 340 17.73 -17.50 17.46
C LYS C 340 16.54 -16.90 16.68
N ILE C 341 16.62 -15.61 16.32
CA ILE C 341 15.50 -14.91 15.66
C ILE C 341 15.59 -15.08 14.14
N ASP C 342 16.81 -14.92 13.63
CA ASP C 342 17.09 -15.12 12.21
C ASP C 342 16.74 -16.55 11.81
N ASP C 343 17.17 -17.49 12.67
CA ASP C 343 16.92 -18.92 12.45
C ASP C 343 15.42 -19.18 12.38
N PHE C 344 14.70 -18.58 13.32
CA PHE C 344 13.25 -18.71 13.42
C PHE C 344 12.59 -18.25 12.11
N THR C 345 13.06 -17.09 11.66
CA THR C 345 12.56 -16.45 10.44
C THR C 345 12.76 -17.40 9.25
N THR C 346 13.95 -17.96 9.18
CA THR C 346 14.33 -18.90 8.13
C THR C 346 13.39 -20.10 8.12
N ARG C 347 13.16 -20.62 9.31
CA ARG C 347 12.29 -21.77 9.52
C ARG C 347 10.88 -21.47 8.99
N LEU C 348 10.40 -20.28 9.35
CA LEU C 348 9.04 -19.87 9.03
C LEU C 348 8.50 -20.21 7.67
N TRP C 349 9.26 -19.94 6.61
CA TRP C 349 8.82 -20.26 5.25
C TRP C 349 9.16 -21.70 4.84
N GLY C 350 8.34 -22.28 3.95
CA GLY C 350 8.65 -23.54 3.28
C GLY C 350 8.12 -24.77 3.98
N SER C 351 8.49 -25.93 3.46
CA SER C 351 8.06 -27.23 4.01
C SER C 351 8.72 -27.50 5.36
N VAL C 352 8.17 -26.86 6.39
CA VAL C 352 8.71 -26.92 7.75
C VAL C 352 7.55 -27.02 8.74
N TYR C 353 7.73 -27.85 9.78
CA TYR C 353 6.73 -28.01 10.84
C TYR C 353 7.37 -27.78 12.23
N TYR C 354 6.54 -27.50 13.23
CA TYR C 354 6.99 -27.12 14.59
C TYR C 354 6.06 -27.74 15.60
N HIS C 355 6.59 -28.70 16.38
CA HIS C 355 5.82 -29.40 17.39
C HIS C 355 6.14 -28.83 18.77
N LYS C 356 5.24 -29.06 19.72
CA LYS C 356 5.41 -28.61 21.10
C LYS C 356 6.82 -28.92 21.60
N GLY C 357 7.67 -27.92 21.46
CA GLY C 357 9.04 -28.00 21.91
C GLY C 357 9.59 -26.60 21.98
N ASN C 358 9.79 -26.09 23.19
CA ASN C 358 10.40 -24.78 23.42
C ASN C 358 11.93 -25.00 23.44
N PHE C 359 12.67 -24.78 22.33
CA PHE C 359 12.24 -24.14 21.09
C PHE C 359 12.78 -24.88 19.84
N ARG C 360 12.28 -26.10 19.60
CA ARG C 360 12.50 -26.87 18.35
C ARG C 360 11.22 -27.67 17.98
N THR C 361 10.54 -27.49 16.83
CA THR C 361 10.90 -26.87 15.50
C THR C 361 11.53 -27.88 14.50
N LYS C 362 11.24 -29.15 14.71
CA LYS C 362 11.76 -30.22 13.84
C LYS C 362 11.04 -30.19 12.48
N PRO C 363 11.80 -30.02 11.36
CA PRO C 363 11.24 -29.94 10.00
C PRO C 363 10.00 -30.80 9.72
N PHE C 364 10.05 -32.08 10.10
CA PHE C 364 8.95 -33.02 9.86
C PHE C 364 9.09 -34.29 10.72
N GLU C 365 8.05 -34.80 11.41
CA GLU C 365 6.71 -34.21 11.70
C GLU C 365 5.89 -35.20 12.53
N ASN C 366 4.72 -34.76 13.01
CA ASN C 366 3.79 -35.62 13.75
C ASN C 366 2.33 -35.15 13.72
N VAL C 367 1.42 -36.13 13.73
CA VAL C 367 -0.05 -35.97 13.82
C VAL C 367 -0.72 -34.75 13.10
N GLU C 368 -0.90 -33.61 13.79
CA GLU C 368 -1.63 -32.45 13.24
C GLU C 368 -0.70 -31.50 12.48
N LYS C 369 -0.95 -31.32 11.19
CA LYS C 369 0.00 -30.69 10.26
C LYS C 369 0.13 -29.16 10.42
N TYR C 370 -0.49 -28.38 9.52
CA TYR C 370 -0.31 -26.91 9.46
C TYR C 370 1.12 -26.40 9.71
N PRO C 371 1.94 -26.25 8.64
CA PRO C 371 3.36 -25.83 8.68
C PRO C 371 3.71 -24.60 9.54
N THR C 372 4.99 -24.25 9.60
CA THR C 372 5.46 -23.10 10.39
C THR C 372 4.82 -21.80 9.92
N PHE C 373 4.91 -21.53 8.62
CA PHE C 373 4.26 -20.36 8.03
C PHE C 373 2.77 -20.33 8.30
N VAL C 374 2.12 -21.47 8.11
CA VAL C 374 0.69 -21.57 8.36
C VAL C 374 0.40 -21.42 9.86
N GLU C 375 1.23 -22.01 10.71
CA GLU C 375 1.02 -21.93 12.15
C GLU C 375 1.32 -20.55 12.73
N PHE C 376 2.45 -19.96 12.35
CA PHE C 376 2.95 -18.71 12.95
C PHE C 376 2.56 -17.42 12.22
N ILE C 377 1.91 -17.52 11.07
CA ILE C 377 1.56 -16.32 10.28
C ILE C 377 0.10 -16.29 9.76
N LEU C 378 -0.12 -17.14 8.76
CA LEU C 378 -1.38 -17.16 8.01
C LEU C 378 -2.53 -17.47 8.94
N ILE C 379 -2.31 -18.47 9.79
CA ILE C 379 -3.35 -18.90 10.75
C ILE C 379 -3.69 -17.75 11.68
N PRO C 380 -2.65 -17.05 12.15
CA PRO C 380 -2.82 -15.90 13.04
C PRO C 380 -3.68 -14.84 12.39
N LEU C 381 -3.35 -14.57 11.13
CA LEU C 381 -4.06 -13.58 10.32
C LEU C 381 -5.54 -13.94 10.23
N TYR C 382 -5.77 -15.20 9.94
CA TYR C 382 -7.12 -15.76 9.79
C TYR C 382 -7.91 -15.54 11.07
N LYS C 383 -7.27 -15.87 12.19
CA LYS C 383 -7.89 -15.73 13.49
C LYS C 383 -8.29 -14.28 13.68
N ILE C 384 -7.34 -13.39 13.43
CA ILE C 384 -7.56 -11.95 13.60
C ILE C 384 -8.79 -11.51 12.82
N PHE C 385 -8.86 -11.99 11.58
CA PHE C 385 -9.96 -11.67 10.67
C PHE C 385 -11.31 -12.12 11.30
N SER C 386 -11.35 -13.39 11.68
CA SER C 386 -12.55 -13.97 12.25
C SER C 386 -12.96 -13.15 13.46
N TYR C 387 -12.07 -13.06 14.44
CA TYR C 387 -12.32 -12.30 15.65
C TYR C 387 -12.80 -10.90 15.35
N ALA C 388 -12.15 -10.25 14.40
CA ALA C 388 -12.45 -8.88 14.04
C ALA C 388 -13.91 -8.78 13.57
N LEU C 389 -14.28 -9.72 12.72
CA LEU C 389 -15.65 -9.74 12.18
C LEU C 389 -16.66 -10.27 13.21
N SER C 390 -16.35 -11.48 13.68
CA SER C 390 -17.31 -12.36 14.33
C SER C 390 -17.42 -12.19 15.84
N MET C 391 -16.29 -12.26 16.54
CA MET C 391 -16.30 -12.54 17.98
C MET C 391 -16.97 -11.45 18.80
N GLU C 392 -17.38 -11.82 20.01
CA GLU C 392 -17.78 -10.84 21.02
C GLU C 392 -16.64 -9.83 21.17
N LYS C 393 -16.96 -8.55 21.12
CA LYS C 393 -15.97 -7.51 20.95
C LYS C 393 -15.03 -7.46 22.14
N ASP C 394 -15.61 -7.60 23.35
CA ASP C 394 -14.85 -7.52 24.59
C ASP C 394 -13.75 -8.60 24.60
N LYS C 395 -14.14 -9.81 24.20
CA LYS C 395 -13.20 -10.92 24.19
C LYS C 395 -12.07 -10.65 23.21
N LEU C 396 -12.42 -10.10 22.05
CA LEU C 396 -11.44 -9.74 21.02
C LEU C 396 -10.44 -8.75 21.58
N LYS C 397 -10.98 -7.74 22.27
CA LYS C 397 -10.18 -6.68 22.89
C LYS C 397 -9.17 -7.29 23.87
N ASN C 398 -9.69 -8.20 24.68
CA ASN C 398 -8.90 -8.89 25.70
C ASN C 398 -7.74 -9.63 25.04
N LEU C 399 -8.08 -10.34 23.97
CA LEU C 399 -7.11 -11.12 23.19
C LEU C 399 -5.99 -10.22 22.67
N LEU C 400 -6.41 -9.09 22.13
CA LEU C 400 -5.52 -8.07 21.56
C LEU C 400 -4.63 -7.34 22.57
N ARG C 401 -5.10 -7.32 23.81
CA ARG C 401 -4.33 -6.84 24.96
C ARG C 401 -3.27 -7.87 25.34
N SER C 402 -3.71 -9.13 25.39
CA SER C 402 -2.85 -10.26 25.73
C SER C 402 -1.81 -10.61 24.63
N ASN C 403 -2.34 -11.02 23.47
CA ASN C 403 -1.56 -11.63 22.39
C ASN C 403 -0.89 -10.67 21.41
N PHE C 404 -1.32 -9.40 21.41
CA PHE C 404 -0.67 -8.35 20.62
C PHE C 404 -0.33 -7.05 21.36
N ARG C 405 -0.88 -6.84 22.55
CA ARG C 405 -0.63 -5.61 23.31
C ARG C 405 -0.97 -4.38 22.47
N VAL C 406 -2.15 -4.39 21.85
CA VAL C 406 -2.67 -3.21 21.17
C VAL C 406 -4.14 -3.03 21.49
N ASN C 407 -4.50 -1.81 21.89
CA ASN C 407 -5.77 -1.55 22.57
C ASN C 407 -6.82 -1.03 21.61
N LEU C 408 -7.93 -1.78 21.47
CA LEU C 408 -9.09 -1.30 20.71
C LEU C 408 -9.76 -0.19 21.50
N SER C 409 -9.67 1.03 20.97
CA SER C 409 -10.16 2.22 21.66
C SER C 409 -11.69 2.22 21.82
N GLN C 410 -12.20 3.18 22.59
CA GLN C 410 -13.64 3.24 22.88
C GLN C 410 -14.43 3.63 21.64
N GLU C 411 -13.92 4.62 20.90
CA GLU C 411 -14.54 5.08 19.65
C GLU C 411 -14.48 4.01 18.57
N ALA C 412 -13.33 3.36 18.46
CA ALA C 412 -13.10 2.28 17.48
C ALA C 412 -14.02 1.08 17.67
N LEU C 413 -14.36 0.76 18.91
CA LEU C 413 -15.25 -0.36 19.22
C LEU C 413 -16.66 -0.22 18.62
N GLN C 414 -17.12 1.02 18.47
CA GLN C 414 -18.43 1.29 17.88
C GLN C 414 -18.39 1.41 16.35
N TYR C 415 -17.43 0.74 15.70
CA TYR C 415 -17.31 0.82 14.25
C TYR C 415 -18.18 -0.25 13.62
N ASP C 416 -18.28 -0.16 12.31
CA ASP C 416 -18.87 -1.22 11.49
C ASP C 416 -17.76 -2.24 11.18
N PRO C 417 -18.12 -3.44 10.69
CA PRO C 417 -17.13 -4.47 10.51
C PRO C 417 -15.92 -4.15 9.61
N GLN C 418 -16.12 -3.91 8.32
CA GLN C 418 -14.97 -3.75 7.41
C GLN C 418 -14.04 -2.67 7.98
N PRO C 419 -14.61 -1.57 8.47
CA PRO C 419 -13.78 -0.53 9.06
C PRO C 419 -13.07 -1.03 10.29
N PHE C 420 -13.82 -1.71 11.13
CA PHE C 420 -13.29 -2.22 12.42
C PHE C 420 -12.12 -3.15 12.17
N LEU C 421 -12.33 -4.05 11.22
CA LEU C 421 -11.32 -5.05 10.82
C LEU C 421 -10.04 -4.34 10.38
N LYS C 422 -10.24 -3.33 9.53
CA LYS C 422 -9.14 -2.52 8.99
C LYS C 422 -8.33 -1.90 10.12
N HIS C 423 -9.08 -1.33 11.06
CA HIS C 423 -8.50 -0.66 12.24
C HIS C 423 -7.65 -1.63 13.03
N VAL C 424 -8.20 -2.82 13.24
CA VAL C 424 -7.55 -3.90 13.97
C VAL C 424 -6.22 -4.25 13.31
N LEU C 425 -6.30 -4.39 11.99
CA LEU C 425 -5.09 -4.81 11.29
C LEU C 425 -4.04 -3.71 11.33
N GLN C 426 -4.47 -2.45 11.25
CA GLN C 426 -3.53 -1.35 11.36
C GLN C 426 -2.85 -1.33 12.73
N LEU C 427 -3.65 -1.60 13.77
CA LEU C 427 -3.15 -1.67 15.13
C LEU C 427 -2.08 -2.74 15.24
N ILE C 428 -2.38 -3.90 14.66
CA ILE C 428 -1.50 -5.06 14.70
C ILE C 428 -0.18 -4.69 14.00
N PHE C 429 -0.23 -4.73 12.67
CA PHE C 429 0.96 -4.53 11.86
C PHE C 429 1.04 -3.02 11.71
N ARG C 430 2.12 -2.43 12.20
CA ARG C 430 2.19 -0.98 12.43
C ARG C 430 2.46 -0.24 11.13
N GLN C 431 2.44 1.09 11.21
CA GLN C 431 2.79 1.98 10.10
C GLN C 431 3.95 1.40 9.27
N GLN C 432 3.66 1.05 8.02
CA GLN C 432 4.43 0.06 7.26
C GLN C 432 5.95 0.29 7.07
N THR C 433 6.68 -0.11 8.10
CA THR C 433 8.13 -0.15 8.12
C THR C 433 8.68 -1.42 7.49
N GLY C 434 7.95 -2.52 7.66
CA GLY C 434 8.37 -3.83 7.19
C GLY C 434 8.65 -3.80 5.70
N LEU C 435 7.73 -3.19 4.97
CA LEU C 435 7.81 -3.05 3.51
C LEU C 435 9.10 -2.34 3.13
N VAL C 436 9.34 -1.24 3.84
CA VAL C 436 10.53 -0.41 3.60
C VAL C 436 11.80 -1.23 3.80
N ASP C 437 11.79 -1.99 4.90
CA ASP C 437 12.92 -2.86 5.26
C ASP C 437 13.20 -3.85 4.13
N ALA C 438 12.11 -4.46 3.66
CA ALA C 438 12.17 -5.44 2.58
C ALA C 438 12.80 -4.83 1.34
N ILE C 439 12.33 -3.64 1.02
CA ILE C 439 12.81 -2.86 -0.13
C ILE C 439 14.32 -2.65 -0.04
N THR C 440 14.73 -2.23 1.15
CA THR C 440 16.13 -1.95 1.46
C THR C 440 16.97 -3.21 1.23
N ARG C 441 16.45 -4.32 1.73
CA ARG C 441 17.11 -5.62 1.61
C ARG C 441 17.31 -5.98 0.14
N CYS C 442 16.25 -5.77 -0.62
CA CYS C 442 16.23 -6.05 -2.05
C CYS C 442 17.31 -5.25 -2.76
N TYR C 443 17.36 -3.94 -2.55
CA TYR C 443 18.24 -3.09 -3.36
C TYR C 443 19.68 -3.27 -2.90
N GLN C 444 20.53 -3.73 -3.84
CA GLN C 444 21.81 -4.40 -3.54
C GLN C 444 22.69 -3.78 -2.43
N PRO C 445 22.99 -2.49 -2.48
CA PRO C 445 22.64 -1.56 -3.55
C PRO C 445 23.82 -1.24 -4.45
N PHE C 446 23.57 -0.40 -5.46
CA PHE C 446 24.58 0.22 -6.32
C PHE C 446 25.65 -0.64 -7.05
N GLU C 447 25.60 -1.96 -6.92
CA GLU C 447 26.26 -2.85 -7.89
C GLU C 447 25.46 -2.78 -9.20
N LEU C 448 24.14 -2.90 -9.05
CA LEU C 448 23.17 -2.87 -10.13
C LEU C 448 23.15 -1.51 -10.83
N PHE C 449 23.28 -0.46 -10.03
CA PHE C 449 22.97 0.90 -10.46
C PHE C 449 23.80 1.30 -11.65
N ASP C 450 25.09 0.97 -11.58
CA ASP C 450 26.04 1.26 -12.66
C ASP C 450 25.57 0.60 -13.96
N ASN C 451 25.19 -0.66 -13.83
CA ASN C 451 24.72 -1.47 -14.96
C ASN C 451 23.50 -0.81 -15.59
N LYS C 452 22.58 -0.40 -14.72
CA LYS C 452 21.33 0.25 -15.12
C LYS C 452 21.65 1.52 -15.94
N THR C 453 22.58 2.29 -15.40
CA THR C 453 22.94 3.54 -16.05
C THR C 453 23.57 3.29 -17.41
N ALA C 454 24.40 2.26 -17.49
CA ALA C 454 25.02 1.84 -18.75
C ALA C 454 23.96 1.51 -19.79
N HIS C 455 22.98 0.74 -19.33
CA HIS C 455 21.85 0.30 -20.16
C HIS C 455 21.12 1.52 -20.73
N LEU C 456 20.86 2.46 -19.83
CA LEU C 456 20.16 3.70 -20.18
C LEU C 456 20.94 4.46 -21.26
N SER C 457 22.26 4.56 -21.07
CA SER C 457 23.13 5.49 -21.80
C SER C 457 24.54 4.97 -22.11
N ILE C 458 24.65 3.79 -22.71
CA ILE C 458 25.96 3.16 -23.08
C ILE C 458 26.96 2.91 -21.92
N PRO C 459 27.85 1.91 -22.08
CA PRO C 459 28.88 1.73 -21.04
C PRO C 459 29.98 2.78 -21.10
N GLY C 460 30.65 3.00 -19.97
CA GLY C 460 31.71 4.01 -19.86
C GLY C 460 32.10 4.36 -18.43
N LYS C 461 32.49 5.61 -18.20
CA LYS C 461 32.93 6.09 -16.89
C LYS C 461 32.35 7.46 -16.55
N SER C 462 31.88 7.63 -15.32
CA SER C 462 31.22 8.87 -14.87
C SER C 462 32.22 9.95 -14.42
N THR C 463 31.70 11.16 -14.22
CA THR C 463 32.47 12.32 -13.78
C THR C 463 31.66 13.11 -12.74
N PRO C 464 32.02 13.00 -11.44
CA PRO C 464 31.16 13.56 -10.38
C PRO C 464 31.24 15.08 -10.19
N GLU C 465 32.45 15.62 -10.08
CA GLU C 465 32.65 17.02 -9.68
C GLU C 465 32.55 17.97 -10.87
N GLY C 466 33.30 17.67 -11.92
CA GLY C 466 33.41 18.53 -13.11
C GLY C 466 32.12 18.84 -13.83
N THR C 467 31.14 17.94 -13.74
CA THR C 467 29.82 18.13 -14.35
C THR C 467 28.72 17.56 -13.47
N LEU C 468 27.48 17.83 -13.88
CA LEU C 468 26.30 17.07 -13.46
C LEU C 468 25.57 16.63 -14.70
N TRP C 469 24.88 15.50 -14.59
CA TRP C 469 23.95 15.06 -15.61
C TRP C 469 22.71 14.38 -14.98
N ALA C 470 21.57 14.51 -15.66
CA ALA C 470 20.27 14.06 -15.16
C ALA C 470 19.32 13.69 -16.29
N HIS C 471 18.72 12.50 -16.20
CA HIS C 471 17.71 12.02 -17.15
C HIS C 471 16.39 12.75 -16.92
N VAL C 472 16.03 13.62 -17.85
CA VAL C 472 14.69 14.17 -17.92
C VAL C 472 13.78 13.06 -18.41
N LEU C 473 12.98 12.51 -17.50
CA LEU C 473 12.29 11.25 -17.76
C LEU C 473 10.94 11.44 -18.44
N LYS C 474 10.13 12.31 -17.87
CA LYS C 474 8.79 12.51 -18.35
C LYS C 474 8.31 13.91 -18.02
N THR C 475 7.72 14.61 -18.99
CA THR C 475 6.99 15.82 -18.69
C THR C 475 5.71 15.40 -17.98
N VAL C 476 5.23 16.23 -17.07
CA VAL C 476 4.03 15.92 -16.29
C VAL C 476 3.13 17.15 -16.21
N ASP C 477 2.02 17.03 -15.48
CA ASP C 477 1.20 18.18 -15.11
C ASP C 477 0.74 17.98 -13.68
N TYR C 478 1.68 18.15 -12.75
CA TYR C 478 1.43 17.86 -11.34
C TYR C 478 0.58 18.95 -10.70
N GLY C 479 1.09 20.18 -10.78
CA GLY C 479 0.41 21.35 -10.25
C GLY C 479 -0.14 22.19 -11.38
N GLY C 480 -0.97 21.59 -12.22
CA GLY C 480 -1.53 22.26 -13.39
C GLY C 480 -0.47 22.46 -14.46
N ALA C 481 0.43 23.41 -14.20
CA ALA C 481 1.55 23.70 -15.09
C ALA C 481 2.48 22.52 -15.32
N GLU C 482 3.28 22.61 -16.37
CA GLU C 482 4.22 21.55 -16.74
C GLU C 482 5.41 21.54 -15.81
N TRP C 483 5.85 20.33 -15.45
CA TRP C 483 7.16 20.08 -14.88
C TRP C 483 7.78 18.95 -15.68
N SER C 484 9.08 18.82 -15.54
CA SER C 484 9.79 17.67 -16.05
C SER C 484 10.23 16.85 -14.84
N LEU C 485 9.69 15.63 -14.71
CA LEU C 485 10.18 14.66 -13.74
C LEU C 485 11.56 14.21 -14.20
N VAL C 486 12.57 14.74 -13.53
CA VAL C 486 13.97 14.50 -13.87
C VAL C 486 14.61 13.72 -12.76
N ARG C 487 15.47 12.76 -13.13
CA ARG C 487 16.30 12.07 -12.18
C ARG C 487 17.72 12.57 -12.36
N ILE C 488 18.32 13.10 -11.29
CA ILE C 488 19.73 13.51 -11.32
C ILE C 488 20.57 12.30 -10.95
N TYR C 489 21.37 11.83 -11.90
CA TYR C 489 22.22 10.64 -11.70
C TYR C 489 23.53 11.01 -11.02
N SER C 490 24.21 12.01 -11.58
CA SER C 490 25.46 12.52 -11.00
C SER C 490 25.44 14.04 -10.95
N GLY C 491 26.17 14.57 -9.98
CA GLY C 491 26.26 16.00 -9.70
C GLY C 491 25.12 16.47 -8.82
N LEU C 492 24.99 17.79 -8.69
CA LEU C 492 23.89 18.39 -7.95
C LEU C 492 23.37 19.61 -8.70
N LEU C 493 22.05 19.61 -8.95
CA LEU C 493 21.44 20.59 -9.83
C LEU C 493 20.69 21.60 -8.99
N LYS C 494 21.26 22.81 -8.91
CA LYS C 494 20.73 23.88 -8.09
C LYS C 494 19.73 24.74 -8.86
N ARG C 495 18.93 25.48 -8.11
CA ARG C 495 17.90 26.34 -8.68
C ARG C 495 18.54 27.51 -9.41
N GLY C 496 17.92 27.90 -10.53
CA GLY C 496 18.41 28.99 -11.37
C GLY C 496 19.57 28.65 -12.29
N ASP C 497 20.01 27.39 -12.28
CA ASP C 497 21.27 27.02 -12.93
C ASP C 497 21.11 26.85 -14.45
N THR C 498 22.17 27.22 -15.16
CA THR C 498 22.12 27.45 -16.59
C THR C 498 22.63 26.19 -17.27
N VAL C 499 21.74 25.53 -18.01
CA VAL C 499 21.79 24.08 -18.16
C VAL C 499 21.62 23.57 -19.59
N ARG C 500 22.34 22.48 -19.89
CA ARG C 500 22.24 21.82 -21.19
C ARG C 500 21.21 20.73 -21.14
N ILE C 501 20.80 20.28 -22.33
CA ILE C 501 19.65 19.39 -22.52
C ILE C 501 19.74 18.64 -23.85
N LEU C 502 19.00 17.54 -23.97
CA LEU C 502 18.76 16.89 -25.26
C LEU C 502 17.49 16.08 -25.19
N ASP C 503 16.62 16.22 -26.19
CA ASP C 503 15.60 15.21 -26.44
C ASP C 503 16.34 14.02 -27.00
N THR C 504 16.02 12.82 -26.52
CA THR C 504 16.80 11.64 -26.90
C THR C 504 16.41 11.11 -28.27
N SER C 505 15.61 11.86 -29.03
CA SER C 505 15.62 11.76 -30.49
C SER C 505 17.05 12.01 -30.94
N GLN C 506 17.58 13.16 -30.51
CA GLN C 506 18.97 13.49 -30.68
C GLN C 506 19.74 12.97 -29.46
N SER C 507 20.07 11.68 -29.49
CA SER C 507 21.04 11.11 -28.51
C SER C 507 22.05 10.23 -29.24
N GLU C 508 21.49 9.34 -30.04
CA GLU C 508 22.29 8.43 -30.89
C GLU C 508 23.20 9.23 -31.81
N SER C 509 22.60 10.26 -32.42
CA SER C 509 23.31 11.14 -33.35
C SER C 509 24.50 11.80 -32.64
N ARG C 510 24.21 12.29 -31.45
CA ARG C 510 25.21 12.96 -30.61
C ARG C 510 26.37 12.03 -30.33
N GLN C 511 26.02 10.80 -29.97
CA GLN C 511 26.99 9.75 -29.66
C GLN C 511 27.90 9.50 -30.86
N LYS C 512 27.26 9.40 -32.01
CA LYS C 512 27.94 9.16 -33.29
C LYS C 512 28.96 10.26 -33.55
N ARG C 513 28.49 11.49 -33.35
CA ARG C 513 29.30 12.70 -33.54
C ARG C 513 30.55 12.64 -32.66
N GLN C 514 30.31 12.29 -31.40
CA GLN C 514 31.36 12.17 -30.38
C GLN C 514 32.41 11.17 -30.83
N LEU C 515 31.91 10.03 -31.31
CA LEU C 515 32.76 8.93 -31.79
C LEU C 515 33.65 9.42 -32.93
N HIS C 516 33.02 10.13 -33.86
CA HIS C 516 33.69 10.70 -35.03
C HIS C 516 34.83 11.62 -34.58
N ASP C 517 34.50 12.48 -33.63
CA ASP C 517 35.44 13.44 -33.07
C ASP C 517 36.65 12.72 -32.50
N ILE C 518 36.36 11.68 -31.73
CA ILE C 518 37.38 10.85 -31.08
C ILE C 518 38.32 10.26 -32.14
N SER C 530 36.06 25.06 -31.31
CA SER C 530 34.69 25.50 -31.11
C SER C 530 33.98 24.68 -30.02
N LYS C 531 32.96 25.28 -29.43
CA LYS C 531 32.16 24.64 -28.36
C LYS C 531 30.67 24.95 -28.58
N THR C 532 29.97 24.03 -29.24
CA THR C 532 28.58 24.22 -29.64
C THR C 532 27.61 23.53 -28.69
N GLU C 533 26.89 24.33 -27.91
CA GLU C 533 25.79 23.85 -27.07
C GLU C 533 24.50 24.10 -27.83
N THR C 534 23.81 23.03 -28.20
CA THR C 534 22.70 23.11 -29.16
C THR C 534 21.40 23.71 -28.57
N PRO C 535 20.88 23.18 -27.44
CA PRO C 535 19.82 23.87 -26.70
C PRO C 535 20.29 24.32 -25.32
N SER C 536 19.38 24.87 -24.53
CA SER C 536 19.69 25.29 -23.16
C SER C 536 18.43 25.39 -22.30
N CYS C 537 18.63 25.67 -21.01
CA CYS C 537 17.52 25.90 -20.08
C CYS C 537 17.96 26.59 -18.80
N GLU C 538 17.03 27.37 -18.24
CA GLU C 538 17.18 28.03 -16.94
C GLU C 538 16.16 27.40 -15.99
N VAL C 539 16.68 26.71 -14.97
CA VAL C 539 15.85 25.94 -14.03
C VAL C 539 15.12 26.89 -13.09
N GLU C 540 13.80 27.05 -13.29
CA GLU C 540 13.04 28.02 -12.51
C GLU C 540 12.82 27.53 -11.09
N GLU C 541 12.04 26.47 -10.95
CA GLU C 541 11.74 25.87 -9.65
C GLU C 541 11.96 24.36 -9.71
N ILE C 542 12.60 23.83 -8.67
CA ILE C 542 12.77 22.42 -8.49
C ILE C 542 11.93 22.03 -7.30
N GLY C 543 11.25 20.89 -7.45
CA GLY C 543 10.44 20.34 -6.39
C GLY C 543 10.53 18.84 -6.30
N LEU C 544 9.91 18.34 -5.23
CA LEU C 544 9.79 16.93 -4.95
C LEU C 544 8.40 16.48 -5.31
N LEU C 545 8.17 15.19 -5.13
CA LEU C 545 6.82 14.65 -5.14
C LEU C 545 6.34 14.56 -3.66
N GLY C 546 5.04 14.43 -3.40
CA GLY C 546 4.08 14.30 -4.45
C GLY C 546 2.64 14.06 -4.09
N GLY C 547 1.99 13.32 -5.00
CA GLY C 547 0.57 13.18 -5.01
C GLY C 547 -0.01 14.56 -5.21
N ARG C 548 -0.47 15.13 -4.10
CA ARG C 548 -1.30 16.31 -4.16
C ARG C 548 -0.51 17.58 -3.89
N TYR C 549 0.82 17.51 -4.00
CA TYR C 549 1.65 18.69 -3.77
C TYR C 549 3.07 18.54 -4.26
N VAL C 550 3.74 19.68 -4.40
CA VAL C 550 5.13 19.73 -4.82
C VAL C 550 5.89 20.53 -3.76
N TYR C 551 6.62 19.82 -2.92
CA TYR C 551 7.48 20.45 -1.93
C TYR C 551 8.67 21.04 -2.66
N PRO C 552 8.86 22.37 -2.60
CA PRO C 552 9.88 23.01 -3.40
C PRO C 552 11.24 22.98 -2.70
N VAL C 553 12.32 22.87 -3.49
CA VAL C 553 13.67 22.81 -2.89
C VAL C 553 14.71 23.49 -3.77
N HIS C 554 15.68 24.13 -3.12
CA HIS C 554 16.74 24.87 -3.80
C HIS C 554 17.69 23.97 -4.59
N GLU C 555 17.89 22.74 -4.10
CA GLU C 555 18.89 21.83 -4.62
C GLU C 555 18.34 20.45 -4.95
N ALA C 556 18.60 20.00 -6.18
CA ALA C 556 18.47 18.59 -6.56
C ALA C 556 19.83 17.93 -6.42
N HIS C 557 19.83 16.64 -6.10
CA HIS C 557 21.09 15.89 -5.89
C HIS C 557 21.21 14.57 -6.63
N LYS C 558 22.47 14.16 -6.84
CA LYS C 558 22.79 12.85 -7.37
C LYS C 558 22.02 11.82 -6.59
N GLY C 559 21.35 10.93 -7.31
CA GLY C 559 20.54 9.89 -6.71
C GLY C 559 19.07 10.19 -6.82
N GLN C 560 18.65 11.34 -6.30
CA GLN C 560 17.20 11.54 -6.11
C GLN C 560 16.47 11.97 -7.36
N ILE C 561 15.16 11.73 -7.36
CA ILE C 561 14.24 12.16 -8.41
C ILE C 561 13.58 13.47 -8.01
N VAL C 562 13.33 14.31 -9.01
CA VAL C 562 12.72 15.63 -8.85
C VAL C 562 11.78 15.99 -9.97
N LEU C 563 10.98 17.01 -9.71
CA LEU C 563 10.24 17.73 -10.74
C LEU C 563 10.97 19.05 -10.96
N ILE C 564 11.11 19.45 -12.22
CA ILE C 564 11.84 20.67 -12.60
C ILE C 564 11.00 21.50 -13.56
N LYS C 565 10.79 22.78 -13.21
CA LYS C 565 9.83 23.65 -13.93
C LYS C 565 10.41 24.39 -15.13
N GLY C 566 11.72 24.61 -15.13
CA GLY C 566 12.38 25.31 -16.25
C GLY C 566 12.45 24.53 -17.55
N ILE C 567 12.44 23.20 -17.41
CA ILE C 567 12.66 22.29 -18.52
C ILE C 567 11.30 22.02 -19.15
N SER C 568 11.26 21.89 -20.49
CA SER C 568 10.05 21.54 -21.29
C SER C 568 10.04 22.24 -22.64
N SER C 569 10.44 23.51 -22.65
CA SER C 569 10.58 24.27 -23.89
C SER C 569 11.48 23.59 -24.92
N ALA C 570 12.57 22.99 -24.43
CA ALA C 570 13.55 22.34 -25.29
C ALA C 570 13.11 20.96 -25.75
N TYR C 571 12.79 20.11 -24.78
CA TYR C 571 12.64 18.68 -25.04
C TYR C 571 11.20 18.24 -25.29
N ILE C 572 11.08 17.03 -25.82
CA ILE C 572 9.82 16.31 -25.93
C ILE C 572 10.12 14.85 -25.63
N LYS C 573 9.29 14.23 -24.78
CA LYS C 573 9.44 12.83 -24.36
C LYS C 573 10.75 12.62 -23.56
N SER C 574 11.49 11.53 -23.81
CA SER C 574 12.72 11.29 -23.07
C SER C 574 13.68 12.45 -23.29
N ALA C 575 14.51 12.73 -22.29
CA ALA C 575 15.55 13.73 -22.46
C ALA C 575 16.65 13.61 -21.43
N THR C 576 17.85 14.04 -21.83
CA THR C 576 18.99 14.13 -20.91
C THR C 576 19.17 15.59 -20.64
N LEU C 577 19.83 15.88 -19.53
CA LEU C 577 20.32 17.20 -19.24
C LEU C 577 21.68 17.10 -18.58
N TYR C 578 22.49 18.13 -18.77
CA TYR C 578 23.88 18.13 -18.31
C TYR C 578 24.40 19.54 -18.09
N SER C 579 25.50 19.62 -17.33
CA SER C 579 26.15 20.91 -17.07
C SER C 579 27.68 20.77 -17.01
N VAL C 580 28.28 20.57 -18.19
CA VAL C 580 29.74 20.39 -18.30
C VAL C 580 30.52 21.70 -18.11
N LYS C 581 31.84 21.57 -17.97
CA LYS C 581 32.75 22.72 -17.83
C LYS C 581 34.07 22.55 -18.59
N SER C 582 34.05 21.81 -19.71
CA SER C 582 35.28 21.46 -20.45
C SER C 582 35.01 20.80 -21.82
N LYS C 583 36.10 20.40 -22.47
CA LYS C 583 36.07 19.45 -23.58
C LYS C 583 36.15 18.02 -23.08
N GLU C 584 37.02 17.80 -22.10
CA GLU C 584 37.22 16.49 -21.51
C GLU C 584 35.90 15.97 -20.93
N ASP C 585 35.22 16.85 -20.22
CA ASP C 585 33.93 16.54 -19.58
C ASP C 585 32.93 16.09 -20.65
N MET C 586 32.90 16.87 -21.72
CA MET C 586 31.99 16.61 -22.85
C MET C 586 32.25 15.23 -23.42
N LYS C 587 33.53 14.95 -23.61
CA LYS C 587 34.00 13.67 -24.16
C LYS C 587 33.50 12.51 -23.28
N GLN C 588 33.68 12.71 -21.98
CA GLN C 588 33.28 11.73 -20.97
C GLN C 588 31.78 11.44 -21.07
N LEU C 589 30.99 12.52 -21.19
CA LEU C 589 29.51 12.45 -21.21
C LEU C 589 28.91 11.45 -22.16
N LYS C 590 27.76 10.95 -21.74
CA LYS C 590 26.92 10.07 -22.55
C LYS C 590 25.51 10.65 -22.50
N PHE C 591 24.58 10.05 -23.24
CA PHE C 591 23.22 10.55 -23.35
C PHE C 591 22.23 9.40 -23.24
N PHE C 592 21.30 9.49 -22.29
CA PHE C 592 20.26 8.44 -22.09
C PHE C 592 19.51 8.25 -23.40
N LYS C 593 19.15 7.00 -23.68
CA LYS C 593 18.42 6.68 -24.90
C LYS C 593 16.93 6.92 -24.64
N PRO C 594 16.12 6.91 -25.71
CA PRO C 594 14.66 6.92 -25.49
C PRO C 594 14.19 5.62 -24.86
N LEU C 595 13.18 5.72 -23.99
CA LEU C 595 12.75 4.58 -23.18
C LEU C 595 11.95 3.59 -24.02
N ASP C 596 12.35 2.32 -23.99
CA ASP C 596 11.57 1.26 -24.62
C ASP C 596 10.24 1.19 -23.92
N TYR C 597 9.26 1.94 -24.45
CA TYR C 597 7.94 2.02 -23.86
C TYR C 597 7.24 0.69 -24.12
N ILE C 598 7.60 -0.30 -23.29
CA ILE C 598 7.46 -1.72 -23.62
C ILE C 598 6.32 -2.06 -24.58
N THR C 599 5.14 -1.49 -24.34
CA THR C 599 3.95 -1.75 -25.15
C THR C 599 4.13 -1.46 -26.66
N GLU C 600 4.60 -0.27 -27.01
CA GLU C 600 4.50 0.26 -28.39
C GLU C 600 3.05 0.59 -28.78
N ALA C 601 2.90 1.58 -29.65
CA ALA C 601 1.57 2.00 -30.09
C ALA C 601 1.13 1.24 -31.34
N VAL C 602 -0.18 1.10 -31.50
CA VAL C 602 -0.77 0.29 -32.59
C VAL C 602 -2.13 0.78 -33.12
N PHE C 603 -2.64 1.89 -32.61
CA PHE C 603 -4.08 2.17 -32.60
C PHE C 603 -4.27 3.61 -33.08
N LYS C 604 -4.81 3.76 -34.29
CA LYS C 604 -4.96 5.08 -34.91
C LYS C 604 -6.26 5.76 -34.51
N ILE C 605 -6.12 6.98 -34.01
CA ILE C 605 -7.24 7.91 -33.95
C ILE C 605 -6.87 9.07 -34.86
N VAL C 606 -7.66 9.23 -35.91
CA VAL C 606 -7.46 10.26 -36.89
C VAL C 606 -8.30 11.46 -36.46
N LEU C 607 -7.66 12.61 -36.28
CA LEU C 607 -8.35 13.79 -35.79
C LEU C 607 -8.61 14.80 -36.88
N GLN C 608 -9.83 15.34 -36.86
CA GLN C 608 -10.10 16.70 -37.30
C GLN C 608 -10.62 17.41 -36.07
N PRO C 609 -10.29 18.70 -35.89
CA PRO C 609 -11.13 19.54 -35.02
C PRO C 609 -12.45 19.92 -35.72
N LEU C 610 -13.50 20.24 -34.96
CA LEU C 610 -14.82 20.54 -35.57
C LEU C 610 -14.89 21.90 -36.27
N LEU C 611 -14.35 22.93 -35.62
CA LEU C 611 -14.17 24.25 -36.24
C LEU C 611 -12.70 24.40 -36.64
N PRO C 612 -12.37 24.15 -37.92
CA PRO C 612 -10.95 24.22 -38.32
C PRO C 612 -10.32 25.62 -38.25
N ARG C 613 -11.09 26.65 -37.87
CA ARG C 613 -10.52 27.88 -37.31
C ARG C 613 -9.51 27.58 -36.21
N GLU C 614 -9.90 26.70 -35.29
CA GLU C 614 -9.14 26.44 -34.06
C GLU C 614 -8.16 25.25 -34.19
N LEU C 615 -7.45 25.20 -35.31
CA LEU C 615 -6.43 24.19 -35.53
C LEU C 615 -5.18 24.49 -34.76
N PRO C 616 -4.82 25.80 -34.62
CA PRO C 616 -3.63 26.16 -33.88
C PRO C 616 -3.70 25.66 -32.44
N LYS C 617 -4.87 25.87 -31.85
CA LYS C 617 -5.14 25.46 -30.47
C LYS C 617 -4.93 23.95 -30.32
N LEU C 618 -5.50 23.23 -31.28
CA LEU C 618 -5.41 21.76 -31.31
C LEU C 618 -3.96 21.32 -31.36
N LEU C 619 -3.21 21.98 -32.22
CA LEU C 619 -1.78 21.71 -32.43
C LEU C 619 -1.03 21.89 -31.12
N ASP C 620 -1.34 23.00 -30.45
CA ASP C 620 -0.73 23.35 -29.17
C ASP C 620 -1.00 22.22 -28.14
N ALA C 621 -2.25 21.85 -28.10
CA ALA C 621 -2.71 20.79 -27.19
C ALA C 621 -2.04 19.47 -27.55
N LEU C 622 -1.97 19.21 -28.85
CA LEU C 622 -1.40 17.98 -29.39
C LEU C 622 0.02 17.80 -28.95
N ASN C 623 0.79 18.90 -29.03
CA ASN C 623 2.17 18.92 -28.53
C ASN C 623 2.21 18.55 -27.06
N LYS C 624 1.29 19.15 -26.30
CA LYS C 624 1.18 18.89 -24.87
C LYS C 624 0.94 17.42 -24.60
N ILE C 625 0.02 16.86 -25.36
CA ILE C 625 -0.35 15.44 -25.27
C ILE C 625 0.88 14.57 -25.50
N SER C 626 1.62 14.92 -26.55
CA SER C 626 2.83 14.21 -26.95
C SER C 626 3.83 14.21 -25.79
N LYS C 627 4.00 15.40 -25.21
CA LYS C 627 4.91 15.62 -24.09
C LYS C 627 4.40 14.80 -22.90
N TYR C 628 3.14 15.08 -22.59
CA TYR C 628 2.54 14.62 -21.31
C TYR C 628 2.29 13.11 -21.26
N TYR C 629 1.50 12.60 -22.19
CA TYR C 629 1.37 11.17 -22.45
C TYR C 629 2.53 10.71 -23.33
N PRO C 630 3.55 10.02 -22.77
CA PRO C 630 4.71 9.75 -23.65
C PRO C 630 4.64 8.55 -24.57
N GLY C 631 3.50 7.86 -24.64
CA GLY C 631 3.40 6.64 -25.44
C GLY C 631 2.62 6.86 -26.71
N VAL C 632 2.74 8.07 -27.27
CA VAL C 632 1.85 8.51 -28.33
C VAL C 632 2.61 9.10 -29.49
N ILE C 633 2.59 8.37 -30.60
CA ILE C 633 3.14 8.84 -31.85
C ILE C 633 2.07 9.75 -32.45
N ILE C 634 2.37 11.03 -32.53
CA ILE C 634 1.51 12.02 -33.19
C ILE C 634 2.11 12.37 -34.56
N LYS C 635 1.58 11.73 -35.59
CA LYS C 635 1.91 12.05 -36.96
C LYS C 635 0.94 13.12 -37.44
N VAL C 636 1.47 14.19 -38.03
CA VAL C 636 0.67 15.20 -38.69
C VAL C 636 0.90 15.00 -40.19
N GLU C 637 -0.03 14.29 -40.83
CA GLU C 637 0.13 13.92 -42.25
C GLU C 637 -0.18 15.09 -43.18
N GLU C 638 0.25 14.93 -44.43
CA GLU C 638 0.26 16.03 -45.42
C GLU C 638 -1.13 16.53 -45.82
N SER C 639 -2.13 15.65 -45.77
CA SER C 639 -3.51 15.99 -46.16
C SER C 639 -4.22 16.95 -45.19
N GLY C 640 -3.81 16.93 -43.92
CA GLY C 640 -4.53 17.62 -42.85
C GLY C 640 -5.04 16.65 -41.80
N GLU C 641 -5.14 15.37 -42.16
CA GLU C 641 -5.54 14.30 -41.24
C GLU C 641 -4.45 14.04 -40.20
N HIS C 642 -4.63 14.60 -39.01
CA HIS C 642 -3.79 14.24 -37.86
C HIS C 642 -4.08 12.82 -37.45
N VAL C 643 -3.08 12.16 -36.90
CA VAL C 643 -3.17 10.75 -36.54
C VAL C 643 -2.49 10.55 -35.18
N ILE C 644 -3.10 9.70 -34.36
CA ILE C 644 -2.63 9.44 -33.01
C ILE C 644 -2.61 7.94 -32.79
N LEU C 645 -1.39 7.38 -32.74
CA LEU C 645 -1.18 5.98 -32.37
C LEU C 645 -1.15 5.88 -30.86
N GLY C 646 -2.28 5.48 -30.29
CA GLY C 646 -2.34 5.18 -28.88
C GLY C 646 -1.85 3.77 -28.64
N ASN C 647 -1.47 3.50 -27.40
CA ASN C 647 -1.23 2.13 -26.99
C ASN C 647 -2.50 1.36 -27.26
N GLY C 648 -3.62 1.87 -26.74
CA GLY C 648 -4.93 1.27 -26.98
C GLY C 648 -6.11 2.19 -26.75
N GLU C 649 -7.23 1.61 -26.31
CA GLU C 649 -8.51 2.24 -26.44
C GLU C 649 -8.66 3.16 -25.25
N LEU C 650 -8.54 2.57 -24.06
CA LEU C 650 -8.76 3.32 -22.81
C LEU C 650 -7.79 4.48 -22.72
N TYR C 651 -6.54 4.20 -23.03
CA TYR C 651 -5.47 5.19 -23.02
C TYR C 651 -5.81 6.37 -23.93
N MET C 652 -6.25 5.99 -25.12
CA MET C 652 -6.64 6.97 -26.16
C MET C 652 -7.74 7.87 -25.65
N ASP C 653 -8.73 7.22 -25.04
CA ASP C 653 -9.90 7.91 -24.47
C ASP C 653 -9.46 8.93 -23.44
N CYS C 654 -8.56 8.48 -22.57
CA CYS C 654 -8.01 9.32 -21.50
C CYS C 654 -7.34 10.56 -22.09
N LEU C 655 -6.53 10.29 -23.10
CA LEU C 655 -5.77 11.34 -23.83
C LEU C 655 -6.73 12.32 -24.43
N LEU C 656 -7.78 11.80 -25.06
CA LEU C 656 -8.81 12.62 -25.70
C LEU C 656 -9.45 13.56 -24.69
N TYR C 657 -9.77 12.98 -23.54
CA TYR C 657 -10.41 13.73 -22.44
C TYR C 657 -9.50 14.88 -22.01
N ASP C 658 -8.22 14.55 -21.85
CA ASP C 658 -7.19 15.51 -21.45
C ASP C 658 -7.14 16.67 -22.43
N LEU C 659 -7.14 16.30 -23.70
CA LEU C 659 -7.09 17.26 -24.83
C LEU C 659 -8.40 18.06 -24.92
N ARG C 660 -9.48 17.30 -25.02
CA ARG C 660 -10.81 17.80 -25.32
C ARG C 660 -11.48 18.52 -24.13
N ALA C 661 -10.84 18.51 -22.96
CA ALA C 661 -11.29 19.30 -21.82
C ALA C 661 -10.25 20.33 -21.41
N SER C 662 -9.07 19.86 -21.02
CA SER C 662 -8.08 20.75 -20.41
C SER C 662 -7.23 21.52 -21.42
N TYR C 663 -6.41 20.80 -22.18
CA TYR C 663 -5.32 21.43 -22.93
C TYR C 663 -5.77 22.12 -24.21
N ALA C 664 -6.63 21.47 -24.98
CA ALA C 664 -7.28 22.11 -26.13
C ALA C 664 -8.51 22.90 -25.65
N LYS C 665 -9.50 22.18 -25.16
CA LYS C 665 -10.82 22.73 -24.80
C LYS C 665 -11.70 23.01 -26.02
N ILE C 666 -11.62 22.15 -27.04
CA ILE C 666 -12.36 22.34 -28.31
C ILE C 666 -13.08 21.08 -28.74
N GLU C 667 -14.21 21.26 -29.43
CA GLU C 667 -14.95 20.16 -30.06
C GLU C 667 -14.14 19.53 -31.20
N ILE C 668 -13.90 18.23 -31.09
CA ILE C 668 -12.89 17.55 -31.90
C ILE C 668 -13.41 16.18 -32.40
N LYS C 669 -13.52 16.06 -33.71
CA LYS C 669 -13.95 14.82 -34.37
C LYS C 669 -12.93 13.71 -34.19
N ILE C 670 -13.39 12.48 -34.46
CA ILE C 670 -12.57 11.28 -34.35
C ILE C 670 -13.11 10.23 -35.34
N SER C 671 -12.19 9.44 -35.90
CA SER C 671 -12.52 8.32 -36.80
C SER C 671 -12.85 7.05 -36.05
N ASP C 672 -13.57 6.14 -36.73
CA ASP C 672 -13.60 4.76 -36.30
C ASP C 672 -12.15 4.30 -36.28
N PRO C 673 -11.68 3.72 -35.15
CA PRO C 673 -10.24 3.55 -34.95
C PRO C 673 -9.57 2.48 -35.82
N LEU C 674 -8.38 2.81 -36.33
CA LEU C 674 -7.64 2.00 -37.30
C LEU C 674 -6.38 1.46 -36.63
N THR C 675 -5.49 0.88 -37.44
CA THR C 675 -4.15 0.48 -37.03
C THR C 675 -3.09 1.09 -37.90
N VAL C 676 -1.85 0.81 -37.55
CA VAL C 676 -0.75 0.87 -38.49
C VAL C 676 -0.67 -0.53 -39.12
N PHE C 677 -0.42 -0.56 -40.42
CA PHE C 677 -0.10 -1.78 -41.12
C PHE C 677 1.33 -1.66 -41.63
N SER C 678 2.11 -2.73 -41.55
CA SER C 678 3.48 -2.73 -42.07
C SER C 678 3.73 -3.73 -43.22
N GLU C 679 4.66 -3.35 -44.11
CA GLU C 679 4.87 -4.05 -45.38
C GLU C 679 5.75 -5.28 -45.19
N SER C 680 5.35 -6.41 -45.80
CA SER C 680 6.21 -7.61 -45.81
C SER C 680 5.83 -8.61 -46.89
N CYS C 681 6.81 -9.41 -47.28
CA CYS C 681 6.68 -10.41 -48.35
C CYS C 681 6.45 -11.82 -47.81
N SER C 682 5.94 -12.70 -48.66
CA SER C 682 5.71 -14.10 -48.29
C SER C 682 6.80 -14.97 -48.90
N ASN C 683 6.82 -15.02 -50.23
CA ASN C 683 7.84 -15.77 -50.98
C ASN C 683 9.04 -14.87 -51.21
N GLU C 684 10.08 -15.41 -51.84
CA GLU C 684 11.26 -14.62 -52.19
C GLU C 684 11.06 -13.85 -53.49
N SER C 685 11.95 -12.89 -53.72
CA SER C 685 11.98 -12.10 -54.96
C SER C 685 12.39 -12.96 -56.16
N PHE C 686 12.27 -12.41 -57.38
CA PHE C 686 12.56 -13.17 -58.61
C PHE C 686 13.43 -12.50 -59.69
N ALA C 687 13.41 -11.17 -59.81
CA ALA C 687 14.16 -10.47 -60.87
C ALA C 687 14.50 -9.02 -60.55
N SER C 688 15.77 -8.75 -60.30
CA SER C 688 16.24 -7.39 -59.99
C SER C 688 16.25 -6.49 -61.23
N ILE C 689 15.86 -5.23 -61.02
CA ILE C 689 15.67 -4.26 -62.09
C ILE C 689 16.20 -2.89 -61.62
N PRO C 690 17.34 -2.44 -62.17
CA PRO C 690 17.83 -1.11 -61.80
C PRO C 690 17.09 0.01 -62.52
N VAL C 691 16.77 1.08 -61.80
CA VAL C 691 16.03 2.22 -62.33
C VAL C 691 16.98 3.38 -62.64
N SER C 692 16.62 4.21 -63.62
CA SER C 692 17.38 5.41 -63.98
C SER C 692 16.47 6.65 -63.94
N ASN C 693 17.10 7.82 -64.11
CA ASN C 693 16.39 9.11 -64.11
C ASN C 693 16.81 9.96 -65.31
N SER C 707 22.38 4.21 -60.78
CA SER C 707 21.62 3.07 -61.31
C SER C 707 21.97 1.77 -60.57
N ILE C 708 21.06 1.35 -59.67
CA ILE C 708 21.28 0.24 -58.71
C ILE C 708 20.05 -0.66 -58.66
N SER C 709 20.26 -1.94 -58.35
CA SER C 709 19.16 -2.91 -58.15
C SER C 709 19.34 -3.74 -56.88
N VAL C 710 18.22 -4.08 -56.25
CA VAL C 710 18.16 -4.78 -54.95
C VAL C 710 16.95 -5.73 -54.96
N ALA C 711 17.03 -6.80 -54.17
CA ALA C 711 15.91 -7.73 -54.00
C ALA C 711 15.90 -8.33 -52.60
N ALA C 712 14.69 -8.56 -52.09
CA ALA C 712 14.48 -8.89 -50.67
C ALA C 712 13.74 -10.21 -50.46
N GLU C 713 14.20 -10.98 -49.47
CA GLU C 713 13.50 -12.18 -49.01
C GLU C 713 13.02 -11.89 -47.60
N PRO C 714 11.86 -12.43 -47.22
CA PRO C 714 11.42 -12.27 -45.83
C PRO C 714 12.29 -13.12 -44.90
N MET C 715 12.80 -12.51 -43.83
CA MET C 715 13.75 -13.17 -42.92
C MET C 715 13.04 -14.20 -42.04
N ASP C 716 13.84 -15.07 -41.43
CA ASP C 716 13.31 -16.15 -40.59
C ASP C 716 12.64 -15.59 -39.34
N SER C 717 11.51 -16.18 -38.98
CA SER C 717 10.64 -15.68 -37.92
C SER C 717 11.41 -15.53 -36.62
N LYS C 718 12.24 -16.54 -36.33
CA LYS C 718 13.06 -16.56 -35.12
C LYS C 718 13.96 -15.34 -35.07
N MET C 719 14.59 -15.07 -36.21
CA MET C 719 15.51 -13.93 -36.35
C MET C 719 14.77 -12.63 -36.03
N ILE C 720 13.59 -12.52 -36.61
CA ILE C 720 12.73 -11.34 -36.45
C ILE C 720 12.42 -11.13 -34.96
N GLN C 721 12.05 -12.23 -34.33
CA GLN C 721 11.70 -12.24 -32.89
C GLN C 721 12.88 -11.73 -32.07
N ASP C 722 14.05 -12.25 -32.40
CA ASP C 722 15.30 -11.90 -31.73
C ASP C 722 15.55 -10.39 -31.84
N LEU C 723 15.36 -9.91 -33.06
CA LEU C 723 15.56 -8.49 -33.38
C LEU C 723 14.63 -7.63 -32.53
N SER C 724 13.38 -8.06 -32.47
CA SER C 724 12.34 -7.39 -31.69
C SER C 724 12.75 -7.28 -30.22
N ARG C 725 13.29 -8.36 -29.66
CA ARG C 725 13.83 -8.35 -28.30
C ARG C 725 15.31 -7.90 -28.30
N PRO C 744 31.43 -4.25 -34.35
CA PRO C 744 31.90 -5.64 -34.30
C PRO C 744 31.25 -6.49 -35.38
N ARG C 745 32.05 -7.02 -36.31
CA ARG C 745 31.54 -7.70 -37.49
C ARG C 745 31.48 -9.20 -37.26
N LYS C 746 32.60 -9.71 -36.73
CA LYS C 746 32.74 -11.14 -36.45
C LYS C 746 31.66 -11.61 -35.49
N LEU C 747 31.47 -10.82 -34.45
CA LEU C 747 30.47 -11.09 -33.41
C LEU C 747 29.08 -11.18 -34.04
N SER C 748 28.80 -10.21 -34.89
CA SER C 748 27.51 -10.11 -35.59
C SER C 748 27.27 -11.37 -36.41
N LYS C 749 28.32 -11.77 -37.13
CA LYS C 749 28.30 -12.95 -37.99
C LYS C 749 27.95 -14.19 -37.16
N ILE C 750 28.63 -14.29 -36.03
CA ILE C 750 28.45 -15.40 -35.09
C ILE C 750 27.00 -15.48 -34.64
N LEU C 751 26.47 -14.31 -34.28
CA LEU C 751 25.10 -14.16 -33.81
C LEU C 751 24.13 -14.66 -34.88
N ARG C 752 24.38 -14.22 -36.10
CA ARG C 752 23.57 -14.58 -37.26
C ARG C 752 23.54 -16.10 -37.43
N THR C 753 24.74 -16.68 -37.33
CA THR C 753 24.92 -18.13 -37.46
C THR C 753 24.08 -18.86 -36.42
N GLU C 754 24.17 -18.36 -35.20
CA GLU C 754 23.44 -18.92 -34.05
C GLU C 754 21.95 -18.91 -34.31
N TYR C 755 21.49 -17.76 -34.81
CA TYR C 755 20.05 -17.52 -35.02
C TYR C 755 19.41 -18.28 -36.20
N GLY C 756 19.80 -17.88 -37.43
CA GLY C 756 19.12 -18.33 -38.65
C GLY C 756 19.93 -19.23 -39.58
N TRP C 757 21.04 -19.79 -39.08
CA TRP C 757 21.92 -20.65 -39.87
C TRP C 757 22.47 -19.95 -41.13
N ASP C 758 22.80 -18.66 -41.00
CA ASP C 758 23.41 -17.91 -42.10
C ASP C 758 24.87 -18.36 -42.30
N SER C 759 25.30 -18.46 -43.56
CA SER C 759 26.68 -18.82 -43.92
C SER C 759 27.66 -17.69 -43.57
N LEU C 760 28.95 -17.89 -43.85
CA LEU C 760 29.97 -16.88 -43.54
C LEU C 760 29.87 -15.69 -44.47
N ALA C 761 29.60 -15.95 -45.74
CA ALA C 761 29.38 -14.91 -46.74
C ALA C 761 28.22 -14.01 -46.31
N SER C 762 27.15 -14.67 -45.89
CA SER C 762 25.94 -13.96 -45.44
C SER C 762 26.26 -13.07 -44.25
N ARG C 763 27.03 -13.61 -43.32
CA ARG C 763 27.46 -12.89 -42.12
C ARG C 763 28.23 -11.62 -42.52
N ASN C 764 29.14 -11.81 -43.46
CA ASN C 764 29.99 -10.74 -43.97
C ASN C 764 29.11 -9.62 -44.55
N VAL C 765 28.14 -10.05 -45.35
CA VAL C 765 27.34 -9.09 -46.13
C VAL C 765 26.58 -8.14 -45.21
N TRP C 766 25.98 -8.65 -44.13
CA TRP C 766 24.92 -7.94 -43.35
C TRP C 766 25.18 -6.49 -42.89
N SER C 767 24.08 -5.73 -42.73
CA SER C 767 24.09 -4.35 -42.21
C SER C 767 22.66 -3.79 -41.94
N PHE C 768 21.95 -4.39 -40.98
CA PHE C 768 20.51 -4.06 -40.72
C PHE C 768 20.27 -2.71 -40.03
N TYR C 769 19.01 -2.26 -40.04
CA TYR C 769 18.68 -0.87 -39.69
C TYR C 769 17.24 -0.61 -39.17
N ASN C 770 17.12 0.48 -38.42
CA ASN C 770 15.87 1.13 -37.98
C ASN C 770 15.24 0.59 -36.70
N GLY C 771 15.64 -0.62 -36.27
CA GLY C 771 14.92 -1.33 -35.22
C GLY C 771 13.50 -1.64 -35.62
N ASN C 772 13.28 -1.82 -36.94
CA ASN C 772 11.94 -2.06 -37.49
C ASN C 772 11.41 -3.49 -37.35
N VAL C 773 11.99 -4.49 -38.02
CA VAL C 773 13.33 -4.47 -38.62
C VAL C 773 13.38 -4.98 -40.05
N LEU C 774 14.36 -4.46 -40.79
CA LEU C 774 14.71 -4.97 -42.10
C LEU C 774 16.21 -5.16 -42.09
N ILE C 775 16.70 -6.09 -42.91
CA ILE C 775 18.11 -6.45 -42.94
C ILE C 775 18.71 -6.27 -44.33
N ASN C 776 19.75 -5.42 -44.42
CA ASN C 776 20.40 -5.10 -45.67
C ASN C 776 21.64 -5.98 -45.88
N ASP C 777 21.82 -6.50 -47.09
CA ASP C 777 22.89 -7.45 -47.42
C ASP C 777 23.64 -7.08 -48.70
N THR C 778 24.92 -6.75 -48.59
CA THR C 778 25.77 -6.47 -49.74
C THR C 778 26.33 -7.79 -50.28
N LEU C 779 25.55 -8.49 -51.12
CA LEU C 779 25.90 -9.85 -51.59
C LEU C 779 25.98 -10.12 -53.12
N PRO C 780 26.59 -9.21 -53.90
CA PRO C 780 27.09 -9.59 -55.24
C PRO C 780 28.47 -10.27 -55.22
N ASP C 781 29.08 -10.44 -56.40
CA ASP C 781 30.41 -11.05 -56.55
C ASP C 781 31.54 -10.01 -56.57
N GLU C 782 31.38 -9.00 -57.42
CA GLU C 782 32.42 -7.98 -57.66
C GLU C 782 32.66 -7.02 -56.49
N ILE C 783 31.68 -6.91 -55.58
CA ILE C 783 31.77 -6.03 -54.39
C ILE C 783 33.04 -6.12 -53.55
N SER C 784 33.65 -7.31 -53.47
CA SER C 784 34.90 -7.50 -52.72
C SER C 784 36.08 -6.83 -53.44
N PRO C 785 36.22 -7.05 -54.78
CA PRO C 785 37.09 -6.19 -55.60
C PRO C 785 36.71 -4.70 -55.60
N GLU C 786 35.42 -4.41 -55.73
CA GLU C 786 34.94 -3.02 -55.88
C GLU C 786 35.05 -2.20 -54.58
N LEU C 787 35.57 -0.98 -54.73
CA LEU C 787 35.48 0.06 -53.70
C LEU C 787 34.32 1.03 -53.99
N LEU C 788 33.60 0.79 -55.09
CA LEU C 788 32.40 1.54 -55.44
C LEU C 788 31.21 1.05 -54.59
N SER C 789 31.12 -0.26 -54.38
CA SER C 789 30.19 -0.84 -53.42
C SER C 789 30.60 -0.49 -51.98
N LYS C 790 31.91 -0.40 -51.75
CA LYS C 790 32.45 0.20 -50.52
C LYS C 790 32.06 1.68 -50.51
N TYR C 791 32.08 2.30 -49.34
CA TYR C 791 31.40 3.58 -49.06
C TYR C 791 29.88 3.27 -48.96
N LYS C 792 29.59 2.33 -48.06
CA LYS C 792 28.21 1.90 -47.76
C LYS C 792 27.48 2.95 -46.95
N GLU C 793 28.17 3.54 -45.97
CA GLU C 793 27.61 4.61 -45.10
C GLU C 793 26.75 5.64 -45.82
N GLN C 794 27.13 5.98 -47.05
CA GLN C 794 26.31 6.77 -47.94
C GLN C 794 25.10 5.98 -48.46
N ILE C 795 25.39 4.82 -49.06
CA ILE C 795 24.39 4.00 -49.79
C ILE C 795 23.11 3.70 -48.99
N ILE C 796 23.23 3.48 -47.69
CA ILE C 796 22.12 2.96 -46.87
C ILE C 796 21.04 3.98 -46.51
N GLN C 797 21.29 5.26 -46.83
CA GLN C 797 20.36 6.33 -46.58
C GLN C 797 19.02 6.06 -47.24
N GLY C 798 19.11 5.64 -48.51
CA GLY C 798 17.93 5.27 -49.29
C GLY C 798 17.17 4.14 -48.59
N PHE C 799 17.94 3.15 -48.13
CA PHE C 799 17.39 1.99 -47.42
C PHE C 799 16.60 2.43 -46.21
N TYR C 800 17.17 3.37 -45.45
CA TYR C 800 16.54 3.92 -44.27
C TYR C 800 15.16 4.49 -44.59
N TRP C 801 15.17 5.29 -45.66
CA TRP C 801 13.96 5.96 -46.14
C TRP C 801 12.89 4.91 -46.49
N ALA C 802 13.34 3.90 -47.21
CA ALA C 802 12.49 2.81 -47.69
C ALA C 802 11.81 2.13 -46.52
N VAL C 803 12.64 1.82 -45.54
CA VAL C 803 12.17 1.11 -44.32
C VAL C 803 11.11 1.96 -43.61
N LYS C 804 11.40 3.26 -43.51
CA LYS C 804 10.49 4.21 -42.87
C LYS C 804 9.11 4.19 -43.53
N GLU C 805 9.05 4.21 -44.86
CA GLU C 805 7.77 4.21 -45.57
C GLU C 805 7.82 3.26 -46.76
N GLY C 806 7.20 2.09 -46.60
CA GLY C 806 7.17 1.06 -47.64
C GLY C 806 6.32 1.43 -48.84
N PRO C 807 6.27 0.56 -49.86
CA PRO C 807 5.59 0.89 -51.10
C PRO C 807 4.06 0.89 -51.00
N LEU C 808 3.49 -0.20 -50.49
CA LEU C 808 2.06 -0.45 -50.64
C LEU C 808 1.26 0.45 -49.75
N ALA C 809 1.62 0.47 -48.47
CA ALA C 809 0.91 1.23 -47.47
C ALA C 809 1.32 2.70 -47.47
N GLU C 810 2.54 2.99 -47.93
CA GLU C 810 3.26 4.20 -47.51
C GLU C 810 3.44 4.16 -45.98
N GLU C 811 3.62 2.93 -45.46
CA GLU C 811 3.58 2.64 -44.02
C GLU C 811 4.50 1.44 -43.76
N PRO C 812 5.41 1.59 -42.78
CA PRO C 812 6.76 1.01 -42.67
C PRO C 812 6.90 -0.48 -42.97
N ILE C 813 8.10 -0.88 -43.40
CA ILE C 813 8.37 -2.25 -43.81
C ILE C 813 8.72 -3.04 -42.54
N TYR C 814 8.62 -4.37 -42.62
CA TYR C 814 8.91 -5.24 -41.47
C TYR C 814 9.19 -6.68 -41.90
N GLY C 815 10.15 -7.30 -41.23
CA GLY C 815 10.42 -8.73 -41.38
C GLY C 815 10.99 -9.08 -42.73
N VAL C 816 12.10 -8.43 -43.06
CA VAL C 816 12.74 -8.61 -44.36
C VAL C 816 14.26 -8.73 -44.27
N GLN C 817 14.80 -9.49 -45.21
CA GLN C 817 16.22 -9.54 -45.52
C GLN C 817 16.38 -9.00 -46.94
N TYR C 818 16.71 -7.71 -47.04
CA TYR C 818 17.09 -7.06 -48.30
C TYR C 818 18.50 -7.45 -48.75
N LYS C 819 18.67 -7.59 -50.07
CA LYS C 819 19.93 -8.03 -50.66
C LYS C 819 20.26 -7.26 -51.95
N LEU C 820 21.39 -6.57 -51.96
CA LEU C 820 21.94 -5.97 -53.19
C LEU C 820 22.36 -7.06 -54.17
N LEU C 821 21.96 -6.91 -55.43
CA LEU C 821 22.36 -7.84 -56.50
C LEU C 821 23.32 -7.18 -57.51
N SER C 822 23.04 -5.93 -57.90
CA SER C 822 23.94 -5.20 -58.80
C SER C 822 23.84 -3.68 -58.63
N ILE C 823 24.97 -3.02 -58.88
CA ILE C 823 25.15 -1.58 -58.65
C ILE C 823 25.88 -0.95 -59.84
N SER C 824 25.14 -0.67 -60.91
CA SER C 824 25.73 -0.17 -62.16
C SER C 824 26.06 1.32 -62.08
N VAL C 825 27.22 1.62 -61.50
CA VAL C 825 27.69 2.99 -61.31
C VAL C 825 28.52 3.41 -62.55
N PRO C 826 28.25 4.61 -63.10
CA PRO C 826 29.05 5.09 -64.25
C PRO C 826 30.47 5.54 -63.86
N SER C 827 31.24 5.93 -64.87
CA SER C 827 32.65 6.33 -64.68
C SER C 827 32.79 7.71 -64.04
N ASP C 828 32.06 8.70 -64.57
CA ASP C 828 32.10 10.07 -64.06
C ASP C 828 31.38 10.14 -62.71
N VAL C 829 32.11 10.48 -61.65
CA VAL C 829 31.59 10.38 -60.28
C VAL C 829 30.60 11.51 -59.92
N ASN C 830 31.07 12.73 -59.73
CA ASN C 830 30.31 13.80 -59.05
C ASN C 830 29.63 13.27 -57.79
N ILE C 831 30.40 13.14 -56.71
CA ILE C 831 30.13 12.16 -55.65
C ILE C 831 28.78 12.46 -55.01
N ASP C 832 28.59 13.74 -54.71
CA ASP C 832 27.38 14.21 -54.02
C ASP C 832 26.14 13.84 -54.84
N VAL C 833 26.25 14.13 -56.14
CA VAL C 833 25.15 13.87 -57.08
C VAL C 833 24.80 12.38 -57.08
N MET C 834 25.85 11.57 -57.13
CA MET C 834 25.72 10.11 -57.13
C MET C 834 24.98 9.65 -55.88
N LYS C 835 25.40 10.20 -54.75
CA LYS C 835 24.82 9.90 -53.44
C LYS C 835 23.33 10.20 -53.45
N SER C 836 23.01 11.38 -53.98
CA SER C 836 21.63 11.86 -54.07
C SER C 836 20.79 10.88 -54.89
N GLN C 837 21.35 10.48 -56.01
CA GLN C 837 20.72 9.54 -56.94
C GLN C 837 20.39 8.23 -56.21
N ILE C 838 21.39 7.76 -55.49
CA ILE C 838 21.30 6.51 -54.71
C ILE C 838 20.16 6.60 -53.71
N ILE C 839 20.11 7.74 -53.02
CA ILE C 839 19.07 8.01 -52.03
C ILE C 839 17.64 7.82 -52.62
N PRO C 840 17.26 8.48 -53.72
CA PRO C 840 16.06 7.93 -54.36
C PRO C 840 16.09 6.46 -54.79
N LEU C 841 17.13 6.09 -55.54
CA LEU C 841 17.14 4.87 -56.32
C LEU C 841 17.02 3.67 -55.42
N MET C 842 17.70 3.70 -54.27
CA MET C 842 17.71 2.59 -53.33
C MET C 842 16.30 2.26 -52.90
N LYS C 843 15.55 3.29 -52.56
CA LYS C 843 14.17 3.16 -52.12
C LYS C 843 13.33 2.44 -53.18
N LYS C 844 13.52 2.91 -54.41
CA LYS C 844 12.81 2.35 -55.58
C LYS C 844 13.12 0.87 -55.72
N ALA C 845 14.40 0.56 -55.59
CA ALA C 845 14.89 -0.82 -55.70
C ALA C 845 14.22 -1.70 -54.66
N CYS C 846 14.18 -1.18 -53.44
CA CYS C 846 13.57 -1.87 -52.30
C CYS C 846 12.11 -2.19 -52.59
N TYR C 847 11.43 -1.16 -53.11
CA TYR C 847 10.01 -1.26 -53.46
C TYR C 847 9.78 -2.38 -54.48
N VAL C 848 10.65 -2.36 -55.49
CA VAL C 848 10.61 -3.35 -56.57
C VAL C 848 10.75 -4.76 -56.01
N GLY C 849 11.72 -4.89 -55.12
CA GLY C 849 12.02 -6.17 -54.46
C GLY C 849 10.80 -6.67 -53.72
N LEU C 850 10.18 -5.76 -52.98
CA LEU C 850 8.99 -6.05 -52.19
C LEU C 850 7.86 -6.56 -53.09
N LEU C 851 7.70 -5.85 -54.20
CA LEU C 851 6.67 -6.19 -55.19
C LEU C 851 6.89 -7.60 -55.72
N THR C 852 8.14 -7.88 -56.04
CA THR C 852 8.56 -9.19 -56.55
C THR C 852 8.21 -10.29 -55.57
N ALA C 853 8.48 -10.05 -54.30
CA ALA C 853 8.42 -11.10 -53.28
C ALA C 853 7.01 -11.47 -52.76
N ILE C 854 5.95 -11.11 -53.50
CA ILE C 854 4.57 -11.37 -53.10
C ILE C 854 4.30 -10.62 -51.78
N PRO C 855 4.14 -9.28 -51.87
CA PRO C 855 4.05 -8.46 -50.67
C PRO C 855 2.72 -8.61 -49.92
N ILE C 856 2.72 -8.11 -48.69
CA ILE C 856 1.54 -8.13 -47.83
C ILE C 856 1.56 -6.94 -46.88
N LEU C 857 0.37 -6.44 -46.54
CA LEU C 857 0.19 -5.66 -45.33
C LEU C 857 0.28 -6.60 -44.15
N LEU C 858 1.02 -6.18 -43.13
CA LEU C 858 0.99 -6.85 -41.87
C LEU C 858 0.18 -6.00 -40.91
N GLU C 859 -0.94 -6.56 -40.47
CA GLU C 859 -1.64 -6.08 -39.30
C GLU C 859 -0.90 -6.58 -38.07
N PRO C 860 -1.07 -5.90 -36.94
CA PRO C 860 -0.59 -6.36 -35.66
C PRO C 860 -1.62 -7.26 -34.98
N ILE C 861 -1.18 -7.98 -33.94
CA ILE C 861 -2.09 -8.75 -33.12
C ILE C 861 -1.91 -8.35 -31.66
N TYR C 862 -2.99 -7.89 -31.03
CA TYR C 862 -3.04 -7.71 -29.61
C TYR C 862 -2.98 -9.07 -28.95
N GLU C 863 -2.04 -9.24 -28.03
CA GLU C 863 -2.10 -10.38 -27.11
C GLU C 863 -3.18 -10.06 -26.07
N VAL C 864 -3.99 -11.06 -25.75
CA VAL C 864 -5.30 -10.84 -25.12
C VAL C 864 -5.48 -11.65 -23.84
N ASP C 865 -5.18 -11.01 -22.71
CA ASP C 865 -5.43 -11.60 -21.40
C ASP C 865 -6.92 -11.50 -21.11
N ILE C 866 -7.53 -12.59 -20.66
CA ILE C 866 -8.93 -12.57 -20.19
C ILE C 866 -9.09 -13.47 -18.96
N THR C 867 -9.60 -12.89 -17.87
CA THR C 867 -9.58 -13.53 -16.56
C THR C 867 -10.97 -13.97 -16.18
N VAL C 868 -11.57 -14.78 -17.04
CA VAL C 868 -13.03 -15.04 -16.98
C VAL C 868 -13.39 -15.96 -15.84
N HIS C 869 -14.68 -15.96 -15.49
CA HIS C 869 -15.18 -16.97 -14.56
C HIS C 869 -15.30 -18.30 -15.29
N ALA C 870 -14.96 -19.38 -14.59
CA ALA C 870 -14.85 -20.71 -15.16
C ALA C 870 -15.99 -21.13 -16.11
N PRO C 871 -17.24 -21.16 -15.60
CA PRO C 871 -18.35 -21.61 -16.45
C PRO C 871 -18.75 -20.68 -17.60
N LEU C 872 -18.22 -19.45 -17.63
CA LEU C 872 -18.48 -18.49 -18.71
C LEU C 872 -17.47 -18.56 -19.86
N LEU C 873 -16.60 -19.56 -19.87
CA LEU C 873 -15.56 -19.66 -20.88
C LEU C 873 -16.13 -19.98 -22.24
N PRO C 874 -17.22 -20.79 -22.29
CA PRO C 874 -17.82 -21.10 -23.56
C PRO C 874 -18.31 -19.86 -24.27
N ILE C 875 -18.93 -18.97 -23.50
CA ILE C 875 -19.44 -17.69 -24.00
C ILE C 875 -18.30 -16.89 -24.63
N VAL C 876 -17.21 -16.83 -23.89
CA VAL C 876 -16.00 -16.10 -24.30
C VAL C 876 -15.49 -16.65 -25.63
N GLU C 877 -15.45 -17.98 -25.71
CA GLU C 877 -14.99 -18.70 -26.89
C GLU C 877 -15.84 -18.31 -28.10
N GLU C 878 -17.15 -18.30 -27.88
CA GLU C 878 -18.13 -17.94 -28.90
C GLU C 878 -17.86 -16.54 -29.43
N LEU C 879 -17.64 -15.63 -28.48
CA LEU C 879 -17.35 -14.23 -28.78
C LEU C 879 -16.12 -14.12 -29.66
N MET C 880 -15.10 -14.86 -29.26
CA MET C 880 -13.81 -14.89 -29.97
C MET C 880 -14.02 -15.34 -31.41
N LYS C 881 -14.80 -16.40 -31.55
CA LYS C 881 -15.12 -16.99 -32.85
C LYS C 881 -15.80 -15.96 -33.74
N LYS C 882 -16.76 -15.26 -33.15
CA LYS C 882 -17.61 -14.34 -33.90
C LYS C 882 -16.87 -13.38 -34.81
N ARG C 883 -15.75 -12.81 -34.38
CA ARG C 883 -14.95 -11.89 -35.24
C ARG C 883 -13.87 -12.59 -36.07
N ARG C 884 -13.30 -11.83 -37.02
CA ARG C 884 -12.33 -12.34 -37.99
C ARG C 884 -11.06 -12.92 -37.35
N GLY C 885 -10.09 -12.07 -37.03
CA GLY C 885 -8.87 -12.52 -36.38
C GLY C 885 -9.14 -12.71 -34.91
N SER C 886 -8.74 -13.84 -34.37
CA SER C 886 -9.07 -14.24 -33.00
C SER C 886 -8.60 -15.67 -32.80
N ARG C 887 -7.98 -15.92 -31.66
CA ARG C 887 -7.29 -17.18 -31.44
C ARG C 887 -7.01 -17.34 -29.95
N ILE C 888 -7.30 -18.52 -29.42
CA ILE C 888 -7.00 -18.84 -28.02
C ILE C 888 -5.78 -19.74 -27.95
N TYR C 889 -4.65 -19.15 -27.55
CA TYR C 889 -3.38 -19.85 -27.49
C TYR C 889 -3.27 -20.75 -26.28
N LYS C 890 -3.91 -20.37 -25.18
CA LYS C 890 -4.16 -21.30 -24.07
C LYS C 890 -5.22 -20.83 -23.11
N THR C 891 -5.77 -21.79 -22.35
CA THR C 891 -6.66 -21.55 -21.22
C THR C 891 -6.00 -22.09 -19.96
N ILE C 892 -5.54 -21.18 -19.09
CA ILE C 892 -4.83 -21.58 -17.86
C ILE C 892 -5.77 -21.41 -16.68
N LYS C 893 -5.67 -22.33 -15.73
CA LYS C 893 -6.45 -22.31 -14.50
C LYS C 893 -5.68 -21.56 -13.43
N VAL C 894 -6.26 -20.47 -12.94
CA VAL C 894 -5.65 -19.69 -11.87
C VAL C 894 -5.96 -20.43 -10.57
N ALA C 895 -4.93 -21.05 -10.01
CA ALA C 895 -5.09 -21.95 -8.87
C ALA C 895 -5.65 -21.20 -7.66
N GLY C 896 -6.53 -21.87 -6.92
CA GLY C 896 -7.19 -21.27 -5.77
C GLY C 896 -8.23 -20.22 -6.08
N THR C 897 -8.73 -20.17 -7.31
CA THR C 897 -9.74 -19.17 -7.73
C THR C 897 -10.76 -19.82 -8.64
N PRO C 898 -11.83 -19.08 -8.97
CA PRO C 898 -12.74 -19.51 -10.05
C PRO C 898 -12.42 -18.87 -11.41
N LEU C 899 -11.17 -18.47 -11.61
CA LEU C 899 -10.78 -17.71 -12.78
C LEU C 899 -10.02 -18.56 -13.80
N LEU C 900 -10.42 -18.47 -15.07
CA LEU C 900 -9.68 -19.10 -16.16
C LEU C 900 -8.92 -18.03 -16.97
N GLU C 901 -7.63 -17.87 -16.65
CA GLU C 901 -6.76 -16.93 -17.36
C GLU C 901 -6.51 -17.46 -18.76
N VAL C 902 -7.24 -16.89 -19.73
CA VAL C 902 -7.20 -17.36 -21.12
C VAL C 902 -6.49 -16.34 -22.00
N ARG C 903 -5.20 -16.59 -22.23
CA ARG C 903 -4.40 -15.74 -23.10
C ARG C 903 -4.87 -15.97 -24.52
N GLY C 904 -4.76 -14.92 -25.34
CA GLY C 904 -5.20 -14.99 -26.72
C GLY C 904 -4.48 -14.04 -27.65
N GLN C 905 -4.96 -13.98 -28.89
CA GLN C 905 -4.55 -12.98 -29.86
C GLN C 905 -5.76 -12.43 -30.66
N VAL C 906 -5.74 -11.13 -30.90
CA VAL C 906 -6.80 -10.42 -31.64
C VAL C 906 -6.14 -9.29 -32.39
N PRO C 907 -6.52 -9.08 -33.66
CA PRO C 907 -5.88 -8.01 -34.41
C PRO C 907 -6.51 -6.69 -34.08
N VAL C 908 -5.68 -5.67 -34.11
CA VAL C 908 -5.97 -4.43 -33.44
C VAL C 908 -7.11 -3.65 -34.12
N ILE C 909 -7.35 -3.89 -35.41
CA ILE C 909 -8.60 -3.38 -36.03
C ILE C 909 -9.83 -4.19 -35.61
N GLU C 910 -9.68 -5.51 -35.43
CA GLU C 910 -10.74 -6.32 -34.83
C GLU C 910 -11.01 -6.01 -33.34
N SER C 911 -10.06 -5.35 -32.66
CA SER C 911 -10.20 -5.01 -31.23
C SER C 911 -11.39 -4.10 -30.97
N ALA C 912 -11.32 -2.88 -31.50
CA ALA C 912 -12.38 -1.88 -31.37
C ALA C 912 -13.44 -2.18 -30.30
N GLY C 913 -13.08 -1.88 -29.06
CA GLY C 913 -13.98 -2.00 -27.93
C GLY C 913 -14.18 -3.41 -27.39
N PHE C 914 -13.33 -4.33 -27.83
CA PHE C 914 -13.50 -5.74 -27.54
C PHE C 914 -13.73 -5.99 -26.07
N GLU C 915 -13.04 -5.22 -25.22
CA GLU C 915 -13.15 -5.33 -23.78
C GLU C 915 -14.60 -5.16 -23.33
N THR C 916 -15.20 -4.10 -23.89
CA THR C 916 -16.60 -3.75 -23.58
C THR C 916 -17.52 -4.91 -23.94
N ASP C 917 -17.28 -5.45 -25.13
CA ASP C 917 -18.06 -6.58 -25.67
C ASP C 917 -17.98 -7.77 -24.71
N LEU C 918 -16.75 -8.04 -24.29
CA LEU C 918 -16.46 -9.14 -23.37
C LEU C 918 -17.23 -8.98 -22.08
N ARG C 919 -17.21 -7.75 -21.56
CA ARG C 919 -17.74 -7.47 -20.22
C ARG C 919 -19.27 -7.46 -20.26
N LEU C 920 -19.86 -7.00 -21.33
CA LEU C 920 -21.31 -6.98 -21.39
C LEU C 920 -21.84 -8.41 -21.46
N SER C 921 -21.26 -9.14 -22.41
CA SER C 921 -21.64 -10.53 -22.68
C SER C 921 -21.51 -11.39 -21.43
N THR C 922 -20.35 -11.27 -20.78
CA THR C 922 -19.99 -12.15 -19.65
C THR C 922 -20.58 -11.71 -18.30
N ASN C 923 -21.34 -10.62 -18.29
CA ASN C 923 -22.10 -10.15 -17.14
C ASN C 923 -21.20 -9.89 -15.94
N GLY C 924 -20.35 -8.88 -16.11
CA GLY C 924 -19.51 -8.36 -15.04
C GLY C 924 -18.38 -9.28 -14.62
N LEU C 925 -17.94 -10.12 -15.55
CA LEU C 925 -16.91 -11.11 -15.27
C LEU C 925 -15.98 -11.18 -16.46
N GLY C 926 -14.74 -11.58 -16.24
CA GLY C 926 -13.75 -11.60 -17.31
C GLY C 926 -13.28 -10.21 -17.71
N MET C 927 -12.56 -9.57 -16.80
CA MET C 927 -11.90 -8.31 -17.09
C MET C 927 -10.80 -8.59 -18.12
N CYS C 928 -11.12 -8.38 -19.38
CA CYS C 928 -10.15 -8.47 -20.47
C CYS C 928 -9.08 -7.40 -20.35
N GLN C 929 -7.91 -7.69 -20.93
CA GLN C 929 -6.93 -6.67 -21.28
C GLN C 929 -6.37 -6.95 -22.67
N LEU C 930 -5.95 -5.90 -23.35
CA LEU C 930 -5.29 -5.99 -24.65
C LEU C 930 -4.01 -5.16 -24.62
N TYR C 931 -3.02 -5.63 -25.37
CA TYR C 931 -1.67 -5.10 -25.25
C TYR C 931 -0.77 -5.64 -26.36
N PHE C 932 0.40 -5.02 -26.49
CA PHE C 932 1.27 -5.28 -27.62
C PHE C 932 2.74 -5.36 -27.21
N TRP C 933 3.05 -5.80 -25.99
CA TRP C 933 4.45 -5.89 -25.51
C TRP C 933 5.36 -6.44 -26.60
N HIS C 934 4.93 -7.55 -27.21
CA HIS C 934 5.75 -8.34 -28.11
C HIS C 934 6.20 -7.57 -29.35
N LYS C 935 5.23 -7.00 -30.05
CA LYS C 935 5.43 -6.43 -31.39
C LYS C 935 5.21 -7.52 -32.44
N ILE C 936 4.16 -8.33 -32.24
CA ILE C 936 3.84 -9.44 -33.12
C ILE C 936 2.88 -8.97 -34.20
N TRP C 937 3.28 -9.14 -35.46
CA TRP C 937 2.42 -8.86 -36.61
C TRP C 937 2.01 -10.16 -37.31
N ARG C 938 1.16 -10.03 -38.34
CA ARG C 938 0.59 -11.20 -39.00
C ARG C 938 0.12 -10.85 -40.41
N LYS C 939 -0.09 -11.88 -41.22
CA LYS C 939 -0.64 -11.73 -42.56
C LYS C 939 -2.12 -11.37 -42.48
N VAL C 940 -2.49 -10.22 -43.05
CA VAL C 940 -3.90 -9.96 -43.37
C VAL C 940 -4.31 -11.01 -44.40
N PRO C 941 -5.25 -11.90 -44.04
CA PRO C 941 -5.30 -13.18 -44.75
C PRO C 941 -5.80 -13.08 -46.19
N GLY C 942 -4.87 -12.94 -47.13
CA GLY C 942 -5.17 -12.96 -48.56
C GLY C 942 -4.11 -12.29 -49.44
N ASP C 943 -4.37 -12.29 -50.74
CA ASP C 943 -3.45 -11.72 -51.73
C ASP C 943 -3.78 -10.26 -52.02
N VAL C 944 -2.82 -9.38 -51.74
CA VAL C 944 -2.89 -7.98 -52.20
C VAL C 944 -2.72 -7.91 -53.72
N LEU C 945 -3.16 -6.80 -54.32
CA LEU C 945 -3.02 -6.51 -55.76
C LEU C 945 -4.01 -7.34 -56.57
N ASP C 946 -5.30 -7.06 -56.36
CA ASP C 946 -6.40 -7.72 -57.04
C ASP C 946 -7.59 -6.76 -57.15
N LYS C 947 -7.93 -6.35 -58.37
CA LYS C 947 -9.02 -5.40 -58.59
C LYS C 947 -10.43 -5.99 -58.41
N ASP C 948 -10.55 -7.32 -58.45
CA ASP C 948 -11.83 -7.99 -58.21
C ASP C 948 -12.30 -7.74 -56.78
N ALA C 949 -11.47 -8.15 -55.82
CA ALA C 949 -11.63 -7.79 -54.41
C ALA C 949 -13.01 -8.10 -53.80
N PHE C 950 -13.86 -7.08 -53.60
CA PHE C 950 -15.01 -7.17 -52.69
C PHE C 950 -16.30 -6.70 -53.29
N ILE C 951 -17.39 -6.96 -52.56
CA ILE C 951 -18.74 -6.53 -52.93
C ILE C 951 -19.19 -5.26 -52.18
N PRO C 952 -19.29 -5.29 -50.82
CA PRO C 952 -19.98 -4.21 -50.13
C PRO C 952 -19.09 -3.04 -49.70
N LYS C 953 -19.52 -1.81 -50.02
CA LYS C 953 -18.82 -0.59 -49.59
C LYS C 953 -18.97 -0.35 -48.09
N LEU C 954 -20.20 -0.44 -47.59
CA LEU C 954 -20.52 -0.08 -46.20
C LEU C 954 -20.10 -1.13 -45.17
N LYS C 955 -20.20 -2.40 -45.53
CA LYS C 955 -19.97 -3.51 -44.59
C LYS C 955 -18.47 -3.79 -44.37
N PRO C 956 -18.15 -4.69 -43.42
CA PRO C 956 -16.82 -5.33 -43.38
C PRO C 956 -16.70 -6.40 -44.46
N ALA C 957 -15.52 -6.50 -45.07
CA ALA C 957 -15.30 -7.37 -46.23
C ALA C 957 -14.72 -8.74 -45.83
N PRO C 958 -14.98 -9.81 -46.63
CA PRO C 958 -14.38 -11.14 -46.40
C PRO C 958 -12.85 -11.16 -46.52
N ILE C 959 -12.23 -12.23 -46.03
CA ILE C 959 -10.88 -12.13 -45.45
C ILE C 959 -9.83 -11.86 -46.51
N ASN C 960 -9.92 -12.64 -47.58
CA ASN C 960 -9.06 -12.48 -48.75
C ASN C 960 -9.23 -11.08 -49.34
N SER C 961 -10.48 -10.70 -49.46
CA SER C 961 -10.88 -9.38 -50.01
C SER C 961 -10.25 -8.27 -49.16
N LEU C 962 -10.38 -8.44 -47.85
CA LEU C 962 -9.87 -7.49 -46.86
C LEU C 962 -8.39 -7.32 -47.03
N SER C 963 -7.69 -8.46 -47.20
CA SER C 963 -6.23 -8.36 -47.53
C SER C 963 -5.85 -7.14 -48.45
N ARG C 964 -6.69 -6.79 -49.42
CA ARG C 964 -6.43 -5.68 -50.37
C ARG C 964 -7.10 -4.36 -49.93
N ASP C 965 -8.29 -4.54 -49.36
CA ASP C 965 -9.19 -3.43 -49.05
C ASP C 965 -8.53 -2.44 -48.14
N PHE C 966 -7.88 -2.99 -47.10
CA PHE C 966 -7.17 -2.18 -46.10
C PHE C 966 -6.10 -1.32 -46.77
N VAL C 967 -5.35 -1.98 -47.66
CA VAL C 967 -4.25 -1.38 -48.39
C VAL C 967 -4.80 -0.21 -49.15
N MET C 968 -5.90 -0.45 -49.89
CA MET C 968 -6.47 0.60 -50.74
C MET C 968 -6.89 1.80 -49.88
N LYS C 969 -7.55 1.47 -48.77
CA LYS C 969 -8.05 2.50 -47.85
C LYS C 969 -6.89 3.29 -47.29
N THR C 970 -5.84 2.58 -46.92
CA THR C 970 -4.63 3.22 -46.36
C THR C 970 -4.05 4.20 -47.37
N ARG C 971 -3.97 3.74 -48.62
CA ARG C 971 -3.44 4.55 -49.73
C ARG C 971 -4.25 5.83 -49.87
N ARG C 972 -5.57 5.66 -49.84
CA ARG C 972 -6.51 6.77 -49.96
C ARG C 972 -6.27 7.79 -48.85
N ARG C 973 -6.12 7.27 -47.65
CA ARG C 973 -5.88 8.10 -46.45
C ARG C 973 -4.61 8.92 -46.63
N LYS C 974 -3.57 8.23 -47.10
CA LYS C 974 -2.27 8.85 -47.35
C LYS C 974 -2.40 10.01 -48.33
N GLY C 975 -3.14 9.79 -49.42
CA GLY C 975 -3.21 10.75 -50.51
C GLY C 975 -2.20 10.33 -51.56
N ILE C 976 -2.45 9.16 -52.14
CA ILE C 976 -1.65 8.60 -53.22
C ILE C 976 -2.57 8.31 -54.42
N SER C 977 -3.58 7.46 -54.20
CA SER C 977 -4.66 7.29 -55.18
C SER C 977 -5.57 8.52 -55.18
N THR C 978 -6.10 8.86 -56.36
CA THR C 978 -6.93 10.05 -56.55
C THR C 978 -8.27 9.71 -57.21
N GLY C 979 -9.31 9.58 -56.39
CA GLY C 979 -10.67 9.30 -56.86
C GLY C 979 -11.43 8.36 -55.93
N GLY C 980 -12.74 8.25 -56.16
CA GLY C 980 -13.59 7.34 -55.42
C GLY C 980 -13.28 5.87 -55.66
N PHE C 981 -12.83 5.54 -56.87
CA PHE C 981 -12.41 4.18 -57.25
C PHE C 981 -11.05 4.23 -57.96
N MET C 982 -10.19 3.26 -57.67
CA MET C 982 -8.81 3.25 -58.16
C MET C 982 -8.14 1.87 -58.03
N SER C 983 -6.84 1.81 -58.37
CA SER C 983 -6.04 0.58 -58.30
C SER C 983 -4.60 0.84 -57.82
N ASN C 984 -3.86 -0.25 -57.61
CA ASN C 984 -2.44 -0.22 -57.21
C ASN C 984 -1.57 -1.04 -58.18
N ASP C 985 -0.42 -0.45 -58.56
CA ASP C 985 0.53 -1.06 -59.49
C ASP C 985 1.93 -0.47 -59.26
N GLY C 986 2.96 -1.24 -59.61
CA GLY C 986 4.35 -0.83 -59.43
C GLY C 986 5.14 -0.59 -60.69
N PRO C 987 5.53 0.69 -60.95
CA PRO C 987 6.68 0.95 -61.80
C PRO C 987 7.97 0.86 -60.95
N THR C 988 9.14 0.57 -61.54
CA THR C 988 9.43 0.53 -62.98
C THR C 988 9.93 -0.89 -63.37
N LEU C 989 10.14 -1.21 -64.65
CA LEU C 989 9.93 -0.38 -65.85
C LEU C 989 9.54 -1.27 -67.05
N GLU C 990 9.45 -0.65 -68.24
CA GLU C 990 9.15 -1.35 -69.49
C GLU C 990 7.81 -2.05 -69.42
N LYS C 991 6.83 -1.34 -68.87
CA LYS C 991 5.48 -1.89 -68.64
C LYS C 991 5.57 -3.13 -67.76
N TYR C 992 6.35 -3.00 -66.69
CA TYR C 992 6.57 -4.09 -65.73
C TYR C 992 7.13 -5.32 -66.45
N ILE C 993 8.13 -5.06 -67.26
CA ILE C 993 8.81 -6.10 -68.05
C ILE C 993 7.80 -6.84 -68.93
N SER C 994 6.99 -6.04 -69.60
CA SER C 994 5.95 -6.54 -70.50
C SER C 994 5.00 -7.47 -69.75
N ALA C 995 4.58 -7.00 -68.58
CA ALA C 995 3.67 -7.74 -67.69
C ALA C 995 4.28 -9.09 -67.34
N GLU C 996 5.55 -9.04 -66.97
CA GLU C 996 6.31 -10.23 -66.57
C GLU C 996 6.32 -11.24 -67.72
N LEU C 997 6.59 -10.73 -68.91
CA LEU C 997 6.64 -11.52 -70.14
C LEU C 997 5.30 -12.23 -70.35
N TYR C 998 4.21 -11.48 -70.21
CA TYR C 998 2.84 -12.01 -70.23
C TYR C 998 2.59 -13.04 -69.12
N ILE E 4 25.50 24.57 41.84
CA ILE E 4 24.85 23.55 40.96
C ILE E 4 23.78 22.78 41.74
N GLN E 5 22.62 22.57 41.11
CA GLN E 5 21.49 21.86 41.73
C GLN E 5 20.86 20.86 40.77
N VAL E 6 20.23 19.83 41.33
CA VAL E 6 19.69 18.71 40.55
C VAL E 6 18.71 17.87 41.36
N ALA E 7 17.78 17.22 40.66
CA ALA E 7 16.79 16.33 41.27
C ALA E 7 17.39 15.02 41.80
N HIS E 8 16.58 14.31 42.59
CA HIS E 8 16.99 13.09 43.29
C HIS E 8 16.39 11.87 42.58
N SER E 9 16.99 11.52 41.44
CA SER E 9 16.46 10.46 40.57
C SER E 9 16.75 9.06 41.10
N SER E 10 16.07 8.07 40.51
CA SER E 10 16.32 6.66 40.79
C SER E 10 17.36 6.10 39.80
N ARG E 11 17.10 6.29 38.51
CA ARG E 11 17.95 5.77 37.43
C ARG E 11 18.45 6.88 36.49
N LEU E 12 19.28 6.49 35.52
CA LEU E 12 19.75 7.36 34.44
C LEU E 12 18.64 7.65 33.42
N ALA E 13 17.88 6.63 33.06
CA ALA E 13 16.81 6.74 32.05
C ALA E 13 15.77 7.80 32.39
N ASN E 14 15.39 7.88 33.66
CA ASN E 14 14.43 8.90 34.13
C ASN E 14 14.93 10.35 34.03
N LEU E 15 16.25 10.53 34.02
CA LEU E 15 16.88 11.86 33.85
C LEU E 15 17.39 12.08 32.41
N ILE E 16 16.57 11.72 31.43
CA ILE E 16 16.90 11.94 30.02
C ILE E 16 16.88 13.43 29.64
N ASP E 17 17.76 13.82 28.73
CA ASP E 17 17.90 15.21 28.21
C ASP E 17 18.48 16.24 29.19
N TYR E 18 19.04 15.78 30.32
CA TYR E 18 19.75 16.67 31.26
C TYR E 18 21.17 16.89 30.77
N LYS E 19 21.70 18.09 30.96
CA LYS E 19 23.09 18.41 30.62
C LYS E 19 24.01 17.60 31.53
N LEU E 20 24.94 16.85 30.91
CA LEU E 20 25.77 15.87 31.61
C LEU E 20 27.28 16.10 31.45
N ARG E 21 27.96 16.22 32.60
CA ARG E 21 29.39 15.92 32.74
C ARG E 21 29.57 14.39 32.58
N VAL E 22 30.65 14.00 31.91
CA VAL E 22 30.97 12.58 31.66
C VAL E 22 32.49 12.39 31.70
N LEU E 23 32.95 11.42 32.49
CA LEU E 23 34.36 11.06 32.57
C LEU E 23 34.61 9.77 31.78
N THR E 24 35.78 9.67 31.13
CA THR E 24 36.20 8.46 30.42
C THR E 24 37.60 8.02 30.84
N GLN E 25 37.88 6.73 30.67
CA GLN E 25 39.14 6.10 31.13
C GLN E 25 40.41 6.86 30.74
N ASP E 26 40.41 7.48 29.56
CA ASP E 26 41.57 8.28 29.12
C ASP E 26 41.77 9.57 29.91
N GLY E 27 40.73 10.05 30.59
CA GLY E 27 40.80 11.23 31.45
C GLY E 27 40.14 12.47 30.87
N ARG E 28 39.58 12.34 29.66
CA ARG E 28 38.83 13.42 29.02
C ARG E 28 37.46 13.58 29.71
N VAL E 29 36.86 14.75 29.56
CA VAL E 29 35.56 15.04 30.17
C VAL E 29 34.58 15.53 29.10
N TYR E 30 33.62 14.69 28.72
CA TYR E 30 32.61 15.06 27.73
C TYR E 30 31.44 15.71 28.42
N ILE E 31 31.03 16.88 27.96
CA ILE E 31 29.86 17.55 28.55
C ILE E 31 28.78 17.77 27.49
N GLY E 32 27.53 17.43 27.82
CA GLY E 32 26.41 17.56 26.86
C GLY E 32 25.14 16.86 27.29
N GLN E 33 24.02 17.15 26.61
CA GLN E 33 22.71 16.60 27.01
C GLN E 33 22.52 15.15 26.55
N LEU E 34 22.20 14.27 27.49
CA LEU E 34 21.96 12.85 27.15
C LEU E 34 20.68 12.68 26.34
N MET E 35 20.84 12.45 25.03
CA MET E 35 19.71 12.17 24.15
C MET E 35 19.22 10.73 24.29
N ALA E 36 20.15 9.78 24.41
CA ALA E 36 19.81 8.37 24.48
C ALA E 36 20.87 7.48 25.14
N PHE E 37 20.36 6.50 25.88
CA PHE E 37 21.11 5.57 26.73
C PHE E 37 21.23 4.24 25.98
N ASP E 38 21.84 3.25 26.63
CA ASP E 38 22.03 1.94 26.02
C ASP E 38 21.93 0.83 27.07
N LYS E 39 21.85 -0.41 26.60
CA LYS E 39 22.04 -1.59 27.46
C LYS E 39 23.47 -1.66 28.01
N HIS E 40 24.43 -1.15 27.23
CA HIS E 40 25.85 -1.12 27.59
C HIS E 40 26.33 0.30 27.89
N MET E 41 25.45 1.16 28.41
CA MET E 41 25.81 2.50 28.89
C MET E 41 26.44 3.46 27.85
N ASN E 42 26.36 3.14 26.55
CA ASN E 42 26.72 4.11 25.49
C ASN E 42 25.80 5.32 25.57
N LEU E 43 26.33 6.50 25.31
CA LEU E 43 25.54 7.72 25.45
C LEU E 43 25.50 8.51 24.17
N VAL E 44 24.30 8.92 23.76
CA VAL E 44 24.16 9.94 22.73
C VAL E 44 24.14 11.28 23.46
N LEU E 45 24.98 12.22 23.02
CA LEU E 45 25.02 13.55 23.60
C LEU E 45 24.67 14.61 22.54
N ASN E 46 23.77 15.52 22.89
CA ASN E 46 23.20 16.49 21.95
C ASN E 46 24.23 17.50 21.49
N GLU E 47 24.75 18.28 22.45
CA GLU E 47 25.77 19.27 22.17
C GLU E 47 26.95 18.94 23.06
N CYS E 48 27.88 18.16 22.50
CA CYS E 48 28.99 17.59 23.25
C CYS E 48 30.23 18.46 23.15
N ILE E 49 30.88 18.68 24.28
CA ILE E 49 32.16 19.37 24.35
C ILE E 49 33.12 18.48 25.12
N GLU E 50 34.20 18.05 24.46
CA GLU E 50 35.30 17.34 25.10
C GLU E 50 36.21 18.37 25.75
N GLU E 51 36.44 18.18 27.05
CA GLU E 51 37.29 19.04 27.85
C GLU E 51 38.41 18.18 28.43
N ARG E 52 39.65 18.53 28.08
CA ARG E 52 40.83 17.73 28.42
C ARG E 52 41.80 18.56 29.24
N VAL E 53 42.67 17.90 30.01
CA VAL E 53 43.61 18.57 30.90
C VAL E 53 45.03 18.05 30.65
N PRO E 54 45.90 18.87 30.01
CA PRO E 54 47.29 18.44 29.81
C PRO E 54 48.14 18.57 31.07
N LYS E 55 49.11 17.65 31.24
CA LYS E 55 49.93 17.58 32.45
C LYS E 55 50.97 18.70 32.49
N ILE E 75 47.56 21.12 34.14
CA ILE E 75 47.82 22.55 34.06
C ILE E 75 46.49 23.35 34.12
N LYS E 76 45.73 23.34 33.03
CA LYS E 76 44.48 24.09 32.91
C LYS E 76 43.65 23.58 31.71
N VAL E 77 42.33 23.72 31.79
CA VAL E 77 41.40 23.05 30.87
C VAL E 77 41.54 23.48 29.40
N GLU E 78 41.96 22.52 28.58
CA GLU E 78 41.83 22.59 27.12
C GLU E 78 40.42 22.14 26.72
N LYS E 79 39.88 22.78 25.68
CA LYS E 79 38.46 22.72 25.34
C LYS E 79 38.25 22.45 23.84
N ARG E 80 37.34 21.54 23.51
CA ARG E 80 36.96 21.23 22.12
C ARG E 80 35.46 20.97 22.01
N VAL E 81 34.77 21.72 21.15
CA VAL E 81 33.35 21.48 20.86
C VAL E 81 33.23 20.43 19.75
N LEU E 82 32.46 19.38 20.01
CA LEU E 82 32.32 18.25 19.09
C LEU E 82 31.01 18.31 18.30
N GLY E 83 29.89 18.33 19.01
CA GLY E 83 28.55 18.35 18.41
C GLY E 83 27.74 17.15 18.87
N LEU E 84 27.01 16.52 17.95
CA LEU E 84 26.23 15.33 18.27
C LEU E 84 27.17 14.12 18.35
N THR E 85 27.28 13.51 19.52
CA THR E 85 28.25 12.44 19.74
C THR E 85 27.66 11.16 20.31
N ILE E 86 27.97 10.05 19.64
CA ILE E 86 27.77 8.72 20.17
C ILE E 86 29.04 8.40 20.94
N LEU E 87 28.88 8.01 22.20
CA LEU E 87 29.99 7.79 23.12
C LEU E 87 29.90 6.38 23.65
N ARG E 88 30.96 5.60 23.48
CA ARG E 88 30.97 4.19 23.82
C ARG E 88 31.14 3.99 25.33
N GLY E 89 30.40 3.04 25.88
CA GLY E 89 30.32 2.82 27.33
C GLY E 89 31.53 2.15 27.93
N GLU E 90 32.21 1.32 27.15
CA GLU E 90 33.49 0.76 27.52
C GLU E 90 34.37 1.85 28.11
N GLN E 91 34.57 2.91 27.33
CA GLN E 91 35.44 4.00 27.75
C GLN E 91 34.85 4.91 28.83
N ILE E 92 33.52 4.94 28.97
CA ILE E 92 32.88 5.73 30.03
C ILE E 92 33.21 5.21 31.44
N LEU E 93 33.60 6.14 32.31
CA LEU E 93 33.86 5.89 33.72
C LEU E 93 32.64 6.18 34.59
N SER E 94 32.18 7.42 34.50
CA SER E 94 31.10 7.91 35.35
C SER E 94 30.51 9.20 34.79
N THR E 95 29.22 9.40 35.07
CA THR E 95 28.47 10.55 34.58
C THR E 95 27.92 11.37 35.74
N VAL E 96 27.92 12.68 35.57
CA VAL E 96 27.50 13.65 36.59
C VAL E 96 26.59 14.66 35.92
N VAL E 97 25.67 15.27 36.68
CA VAL E 97 24.72 16.24 36.10
C VAL E 97 25.28 17.67 36.18
N GLU E 98 25.39 18.33 35.02
CA GLU E 98 25.97 19.68 34.93
C GLU E 98 24.95 20.78 35.18
N ASP E 99 23.72 20.58 34.72
CA ASP E 99 22.65 21.57 34.86
C ASP E 99 21.26 20.96 34.64
N LYS E 100 20.23 21.81 34.69
CA LYS E 100 18.85 21.38 34.42
C LYS E 100 18.60 21.31 32.90
N PRO E 101 17.36 20.95 32.48
CA PRO E 101 17.03 20.93 31.03
C PRO E 101 17.06 22.28 30.30
N LEU E 102 16.59 22.29 29.05
CA LEU E 102 16.59 23.46 28.16
C LEU E 102 18.01 23.98 27.88
N MET F 10 35.94 -18.40 0.38
CA MET F 10 36.56 -17.88 1.63
C MET F 10 37.15 -19.02 2.47
N VAL F 11 38.24 -18.72 3.18
CA VAL F 11 38.87 -19.65 4.12
C VAL F 11 38.71 -19.06 5.53
N PRO F 12 37.75 -19.58 6.33
CA PRO F 12 37.60 -19.10 7.71
C PRO F 12 38.82 -19.36 8.62
N PRO F 13 38.84 -18.75 9.82
CA PRO F 13 39.99 -18.90 10.71
C PRO F 13 40.04 -20.29 11.30
N ILE F 14 38.88 -20.82 11.67
CA ILE F 14 38.77 -22.16 12.25
C ILE F 14 39.35 -23.20 11.28
N ASN F 15 38.94 -23.06 10.02
CA ASN F 15 39.38 -23.96 8.96
C ASN F 15 40.89 -23.92 8.84
N CYS F 16 41.43 -22.70 8.85
CA CYS F 16 42.87 -22.46 8.75
C CYS F 16 43.61 -23.17 9.88
N ILE F 17 43.06 -23.01 11.07
CA ILE F 17 43.61 -23.61 12.30
C ILE F 17 43.67 -25.13 12.14
N PHE F 18 42.57 -25.68 11.66
CA PHE F 18 42.41 -27.12 11.44
C PHE F 18 43.50 -27.62 10.48
N ASN F 19 43.66 -26.86 9.40
CA ASN F 19 44.65 -27.16 8.36
C ASN F 19 46.04 -27.21 8.96
N PHE F 20 46.32 -26.20 9.77
CA PHE F 20 47.62 -26.06 10.46
C PHE F 20 47.89 -27.29 11.32
N LEU F 21 46.86 -27.66 12.07
CA LEU F 21 46.92 -28.82 12.98
C LEU F 21 47.26 -30.08 12.18
N GLN F 22 46.56 -30.24 11.07
CA GLN F 22 46.75 -31.38 10.17
C GLN F 22 48.19 -31.45 9.70
N GLN F 23 48.69 -30.29 9.28
CA GLN F 23 50.06 -30.15 8.79
C GLN F 23 51.16 -30.49 9.80
N GLN F 24 51.14 -29.79 10.93
CA GLN F 24 52.23 -29.78 11.93
C GLN F 24 53.45 -29.04 11.33
N THR F 25 53.38 -27.72 11.37
CA THR F 25 54.30 -26.81 10.67
C THR F 25 54.87 -25.75 11.63
N PRO F 26 55.91 -24.99 11.19
CA PRO F 26 56.49 -23.96 12.08
C PRO F 26 55.56 -22.75 12.28
N VAL F 27 54.95 -22.70 13.47
CA VAL F 27 54.02 -21.64 13.86
C VAL F 27 54.76 -20.64 14.76
N THR F 28 54.56 -19.35 14.48
CA THR F 28 55.19 -18.26 15.26
C THR F 28 54.10 -17.32 15.80
N ILE F 29 53.78 -17.46 17.09
CA ILE F 29 52.70 -16.70 17.72
C ILE F 29 53.22 -15.39 18.35
N TRP F 30 52.46 -14.32 18.15
CA TRP F 30 52.66 -13.03 18.82
C TRP F 30 51.72 -12.89 20.01
N LEU F 31 52.20 -12.18 21.03
CA LEU F 31 51.45 -11.95 22.26
C LEU F 31 50.72 -10.61 22.24
N PHE F 32 49.48 -10.61 22.72
CA PHE F 32 48.65 -9.40 22.79
C PHE F 32 49.15 -8.49 23.90
N GLU F 33 49.38 -7.22 23.56
CA GLU F 33 49.89 -6.20 24.50
C GLU F 33 51.23 -6.63 25.13
N GLN F 34 52.10 -7.19 24.30
CA GLN F 34 53.43 -7.63 24.74
C GLN F 34 54.32 -7.78 23.50
N ILE F 35 55.10 -6.72 23.23
CA ILE F 35 55.88 -6.59 22.00
C ILE F 35 57.11 -7.49 22.07
N GLY F 36 57.87 -7.34 23.16
CA GLY F 36 59.18 -7.97 23.33
C GLY F 36 59.26 -9.47 23.19
N ILE F 37 58.18 -10.19 23.48
CA ILE F 37 58.18 -11.66 23.48
C ILE F 37 57.36 -12.23 22.31
N ARG F 38 57.81 -13.36 21.77
CA ARG F 38 57.02 -14.17 20.83
C ARG F 38 57.17 -15.65 21.16
N ILE F 39 56.30 -16.49 20.58
CA ILE F 39 56.39 -17.95 20.73
C ILE F 39 56.64 -18.57 19.36
N LYS F 40 57.33 -19.71 19.33
CA LYS F 40 57.57 -20.47 18.09
C LYS F 40 57.48 -21.99 18.34
N GLY F 41 56.47 -22.64 17.74
CA GLY F 41 56.26 -24.08 17.94
C GLY F 41 55.42 -24.76 16.85
N LYS F 42 54.75 -25.85 17.23
CA LYS F 42 53.88 -26.63 16.32
C LYS F 42 52.51 -26.87 16.95
N ILE F 43 51.44 -26.49 16.24
CA ILE F 43 50.06 -26.59 16.76
C ILE F 43 49.65 -28.05 16.94
N VAL F 44 49.20 -28.38 18.15
CA VAL F 44 48.66 -29.70 18.48
C VAL F 44 47.14 -29.65 18.72
N GLY F 45 46.66 -28.63 19.42
CA GLY F 45 45.24 -28.53 19.79
C GLY F 45 44.42 -27.50 19.06
N PHE F 46 43.10 -27.61 19.25
CA PHE F 46 42.10 -26.70 18.69
C PHE F 46 40.97 -26.50 19.71
N ASP F 47 40.47 -25.27 19.82
CA ASP F 47 39.36 -24.95 20.71
C ASP F 47 38.33 -24.10 19.96
N GLU F 48 37.12 -24.00 20.53
CA GLU F 48 36.08 -23.07 20.04
C GLU F 48 36.57 -21.61 19.98
N PHE F 49 37.38 -21.22 20.97
CA PHE F 49 38.02 -19.91 21.00
C PHE F 49 39.39 -20.04 20.32
N MET F 50 40.20 -18.99 20.36
CA MET F 50 41.55 -19.04 19.76
C MET F 50 42.55 -19.91 20.53
N ASN F 51 42.23 -20.30 21.76
CA ASN F 51 43.10 -21.16 22.58
C ASN F 51 43.50 -22.47 21.88
N VAL F 52 44.77 -22.84 22.01
CA VAL F 52 45.31 -24.09 21.47
C VAL F 52 46.43 -24.61 22.37
N VAL F 53 46.76 -25.89 22.21
CA VAL F 53 47.96 -26.48 22.81
C VAL F 53 49.02 -26.66 21.72
N ILE F 54 50.26 -26.30 22.05
CA ILE F 54 51.36 -26.17 21.10
C ILE F 54 52.64 -26.78 21.70
N ASP F 55 52.86 -28.06 21.42
CA ASP F 55 54.02 -28.80 21.93
C ASP F 55 55.30 -28.39 21.20
N GLU F 56 56.43 -28.50 21.90
CA GLU F 56 57.74 -28.10 21.38
C GLU F 56 57.80 -26.59 21.07
N ALA F 57 57.35 -25.79 22.03
CA ALA F 57 57.33 -24.33 21.88
C ALA F 57 58.68 -23.71 22.26
N VAL F 58 58.91 -22.49 21.78
CA VAL F 58 60.16 -21.76 22.00
C VAL F 58 59.86 -20.26 22.18
N GLU F 59 60.18 -19.74 23.36
CA GLU F 59 60.04 -18.30 23.65
C GLU F 59 61.15 -17.53 22.93
N ILE F 60 60.79 -16.36 22.38
CA ILE F 60 61.70 -15.55 21.58
C ILE F 60 61.67 -14.11 22.09
N PRO F 61 62.84 -13.53 22.40
CA PRO F 61 62.94 -12.07 22.54
C PRO F 61 63.12 -11.41 21.17
N VAL F 62 62.30 -10.40 20.87
CA VAL F 62 62.22 -9.81 19.54
C VAL F 62 63.38 -8.85 19.25
N ASN F 63 63.79 -8.80 18.00
CA ASN F 63 64.80 -7.84 17.52
C ASN F 63 64.24 -6.40 17.50
N SER F 64 64.72 -5.57 18.42
CA SER F 64 64.26 -4.17 18.53
C SER F 64 64.84 -3.29 17.43
N LYS F 73 67.67 -14.14 19.51
CA LYS F 73 68.44 -15.36 19.75
C LYS F 73 67.52 -16.55 19.95
N GLY F 74 67.82 -17.36 20.96
CA GLY F 74 66.90 -18.42 21.42
C GLY F 74 66.94 -18.61 22.92
N THR F 75 65.79 -18.95 23.50
CA THR F 75 65.66 -19.21 24.95
C THR F 75 64.92 -20.54 25.18
N PRO F 76 65.20 -21.23 26.31
CA PRO F 76 64.66 -22.57 26.51
C PRO F 76 63.20 -22.57 26.92
N LEU F 77 62.42 -23.49 26.35
CA LEU F 77 61.00 -23.62 26.65
C LEU F 77 60.46 -24.99 26.22
N GLY F 78 59.54 -25.53 27.00
CA GLY F 78 58.99 -26.88 26.80
C GLY F 78 57.70 -26.90 26.01
N LYS F 79 56.81 -27.85 26.35
CA LYS F 79 55.47 -27.92 25.76
C LYS F 79 54.51 -27.03 26.54
N ILE F 80 53.65 -26.31 25.80
CA ILE F 80 52.80 -25.25 26.39
C ILE F 80 51.45 -25.16 25.66
N LEU F 81 50.40 -24.83 26.42
CA LEU F 81 49.19 -24.25 25.85
C LEU F 81 49.21 -22.75 26.19
N LEU F 82 49.21 -21.91 25.14
CA LEU F 82 49.08 -20.47 25.30
C LEU F 82 47.62 -20.12 25.17
N LYS F 83 47.10 -19.34 26.13
CA LYS F 83 45.68 -19.08 26.23
C LYS F 83 45.18 -18.15 25.11
N GLY F 84 43.96 -18.43 24.63
CA GLY F 84 43.37 -17.77 23.46
C GLY F 84 43.22 -16.26 23.57
N ASP F 85 42.97 -15.79 24.78
CA ASP F 85 42.77 -14.36 25.05
C ASP F 85 44.01 -13.51 24.72
N ASN F 86 45.20 -14.04 24.97
CA ASN F 86 46.44 -13.28 24.75
C ASN F 86 47.20 -13.60 23.46
N ILE F 87 46.59 -14.39 22.56
CA ILE F 87 47.13 -14.63 21.22
C ILE F 87 47.02 -13.34 20.39
N THR F 88 47.85 -13.23 19.35
CA THR F 88 47.67 -12.19 18.33
C THR F 88 47.79 -12.78 16.91
N LEU F 89 48.98 -13.24 16.55
CA LEU F 89 49.31 -13.73 15.20
C LEU F 89 49.44 -15.25 15.16
N ILE F 90 49.19 -15.83 13.99
CA ILE F 90 49.51 -17.24 13.69
C ILE F 90 50.13 -17.26 12.29
N THR F 91 50.90 -18.31 11.99
CA THR F 91 51.38 -18.55 10.62
C THR F 91 51.81 -20.00 10.40
N SER F 92 51.14 -20.68 9.46
CA SER F 92 51.41 -22.10 9.20
C SER F 92 50.78 -22.57 7.89
N PRO G 12 45.23 -34.77 17.19
CA PRO G 12 44.22 -35.41 18.05
C PRO G 12 44.02 -34.76 19.42
N VAL G 13 45.11 -34.31 20.06
CA VAL G 13 45.07 -33.79 21.42
C VAL G 13 44.62 -32.32 21.45
N ASN G 14 43.40 -32.09 21.95
CA ASN G 14 42.86 -30.75 22.17
C ASN G 14 43.40 -30.14 23.48
N PRO G 15 42.96 -28.93 23.87
CA PRO G 15 43.58 -28.33 25.04
C PRO G 15 42.91 -28.81 26.31
N LYS G 16 41.58 -28.86 26.29
CA LYS G 16 40.80 -29.13 27.51
C LYS G 16 41.18 -30.55 28.02
N PRO G 17 41.27 -31.50 27.06
CA PRO G 17 41.61 -32.85 27.53
C PRO G 17 42.99 -32.92 28.09
N PHE G 18 43.92 -32.19 27.50
CA PHE G 18 45.30 -32.10 28.00
C PHE G 18 45.30 -31.58 29.44
N LEU G 19 44.52 -30.52 29.63
CA LEU G 19 44.39 -29.86 30.94
C LEU G 19 43.88 -30.87 31.98
N LYS G 20 42.86 -31.60 31.56
CA LYS G 20 42.23 -32.62 32.42
C LYS G 20 43.26 -33.67 32.84
N GLY G 21 44.03 -34.10 31.85
CA GLY G 21 45.08 -35.11 32.04
C GLY G 21 46.09 -34.62 33.07
N LEU G 22 46.48 -33.36 32.90
CA LEU G 22 47.51 -32.75 33.74
C LEU G 22 47.12 -32.42 35.20
N VAL G 23 45.88 -32.74 35.59
CA VAL G 23 45.45 -32.68 37.00
C VAL G 23 46.33 -33.62 37.84
N ASN G 24 46.55 -33.26 39.11
CA ASN G 24 47.49 -33.93 40.04
C ASN G 24 48.91 -34.08 39.47
N HIS G 25 49.42 -32.99 38.91
CA HIS G 25 50.74 -32.94 38.31
C HIS G 25 51.32 -31.52 38.36
N ARG G 26 52.64 -31.40 38.26
CA ARG G 26 53.33 -30.10 38.33
C ARG G 26 53.00 -29.21 37.13
N VAL G 27 52.73 -27.94 37.40
CA VAL G 27 52.51 -26.91 36.37
C VAL G 27 53.07 -25.56 36.79
N GLY G 28 53.31 -24.70 35.81
CA GLY G 28 53.76 -23.32 36.03
C GLY G 28 52.99 -22.35 35.16
N VAL G 29 52.69 -21.16 35.70
CA VAL G 29 51.84 -20.17 35.02
C VAL G 29 52.49 -18.79 35.01
N LYS G 30 52.43 -18.13 33.85
CA LYS G 30 52.86 -16.73 33.69
C LYS G 30 51.60 -15.84 33.65
N LEU G 31 51.76 -14.53 33.87
CA LEU G 31 50.63 -13.62 34.08
C LEU G 31 50.69 -12.32 33.24
N LYS G 32 49.61 -11.52 33.32
CA LYS G 32 49.56 -10.17 32.68
C LYS G 32 50.29 -9.06 33.52
N PHE G 33 50.12 -7.77 33.15
CA PHE G 33 50.79 -6.58 33.79
C PHE G 33 51.33 -6.84 35.20
N ASN G 34 52.63 -6.59 35.37
CA ASN G 34 53.44 -7.15 36.48
C ASN G 34 53.47 -8.67 36.38
N SER G 35 54.15 -9.14 35.35
CA SER G 35 54.20 -10.57 35.01
C SER G 35 55.14 -11.32 35.96
N THR G 36 54.72 -12.53 36.31
CA THR G 36 55.42 -13.34 37.30
C THR G 36 55.11 -14.82 37.06
N GLU G 37 56.16 -15.65 37.04
CA GLU G 37 56.01 -17.10 36.87
C GLU G 37 55.57 -17.75 38.18
N TYR G 38 54.88 -18.88 38.06
CA TYR G 38 54.44 -19.68 39.21
C TYR G 38 54.93 -21.12 39.08
N ARG G 39 54.82 -21.90 40.15
CA ARG G 39 55.17 -23.33 40.10
C ARG G 39 54.44 -24.14 41.17
N GLY G 40 53.52 -25.01 40.76
CA GLY G 40 52.79 -25.84 41.73
C GLY G 40 52.05 -27.01 41.13
N THR G 41 51.65 -27.94 41.99
CA THR G 41 50.87 -29.12 41.61
C THR G 41 49.41 -28.73 41.37
N LEU G 42 48.88 -29.12 40.21
CA LEU G 42 47.51 -28.77 39.81
C LEU G 42 46.47 -29.61 40.53
N VAL G 43 45.48 -28.95 41.12
CA VAL G 43 44.41 -29.63 41.86
C VAL G 43 43.23 -29.95 40.93
N SER G 44 42.76 -28.95 40.19
CA SER G 44 41.60 -29.11 39.29
C SER G 44 41.44 -27.90 38.34
N THR G 45 40.64 -28.09 37.29
CA THR G 45 40.37 -27.05 36.28
C THR G 45 38.93 -27.09 35.77
N ASP G 46 38.55 -26.05 35.02
CA ASP G 46 37.20 -25.91 34.44
C ASP G 46 37.27 -25.43 32.99
N ASN G 47 36.09 -25.17 32.40
CA ASN G 47 36.00 -24.64 31.02
C ASN G 47 36.58 -23.23 30.87
N TYR G 48 36.39 -22.38 31.88
CA TYR G 48 36.91 -21.01 31.86
C TYR G 48 38.44 -20.88 32.07
N PHE G 49 39.11 -21.98 32.42
CA PHE G 49 40.56 -22.01 32.67
C PHE G 49 40.97 -21.18 33.90
N ASN G 50 40.17 -21.26 34.96
CA ASN G 50 40.58 -20.83 36.29
C ASN G 50 41.33 -21.98 36.93
N LEU G 51 42.32 -21.68 37.77
CA LEU G 51 43.18 -22.73 38.32
C LEU G 51 43.17 -22.79 39.85
N GLN G 52 43.45 -24.00 40.36
CA GLN G 52 43.63 -24.24 41.79
C GLN G 52 44.87 -25.11 41.96
N LEU G 53 45.88 -24.60 42.65
CA LEU G 53 47.16 -25.31 42.82
C LEU G 53 47.57 -25.49 44.28
N ASN G 54 48.36 -26.53 44.52
CA ASN G 54 49.00 -26.80 45.81
C ASN G 54 50.53 -26.74 45.64
N GLU G 55 51.22 -26.44 46.73
CA GLU G 55 52.68 -26.18 46.72
C GLU G 55 53.08 -25.12 45.70
N ALA G 56 52.41 -23.98 45.77
CA ALA G 56 52.68 -22.85 44.89
C ALA G 56 53.99 -22.16 45.29
N GLU G 57 54.88 -21.98 44.31
CA GLU G 57 56.13 -21.24 44.45
C GLU G 57 56.12 -20.11 43.43
N GLU G 58 56.43 -18.91 43.91
CA GLU G 58 56.31 -17.68 43.12
C GLU G 58 57.63 -17.30 42.44
N PHE G 59 57.80 -17.76 41.20
CA PHE G 59 59.00 -17.45 40.40
C PHE G 59 58.93 -16.04 39.81
N VAL G 60 59.47 -15.07 40.55
CA VAL G 60 59.52 -13.67 40.09
C VAL G 60 60.58 -13.53 38.99
N ALA G 61 60.16 -13.78 37.74
CA ALA G 61 61.04 -13.80 36.56
C ALA G 61 62.16 -14.85 36.68
N GLY G 62 61.77 -16.06 37.09
CA GLY G 62 62.72 -17.15 37.33
C GLY G 62 63.48 -17.04 38.64
N VAL G 63 62.83 -16.49 39.67
CA VAL G 63 63.39 -16.38 41.03
C VAL G 63 62.30 -16.72 42.04
N SER G 64 62.37 -17.91 42.64
CA SER G 64 61.38 -18.36 43.62
C SER G 64 61.41 -17.47 44.86
N HIS G 65 60.61 -16.41 44.83
CA HIS G 65 60.55 -15.41 45.91
C HIS G 65 59.96 -16.00 47.19
N GLY G 66 58.81 -16.65 47.05
CA GLY G 66 58.10 -17.25 48.18
C GLY G 66 57.30 -18.49 47.82
N THR G 67 57.07 -19.33 48.83
CA THR G 67 56.29 -20.55 48.69
C THR G 67 54.96 -20.37 49.43
N LEU G 68 53.89 -20.12 48.68
CA LEU G 68 52.57 -19.84 49.26
C LEU G 68 51.86 -21.10 49.72
N GLY G 69 51.87 -22.12 48.87
CA GLY G 69 51.25 -23.42 49.17
C GLY G 69 49.97 -23.62 48.39
N GLU G 70 48.84 -23.41 49.06
CA GLU G 70 47.51 -23.65 48.49
C GLU G 70 46.95 -22.36 47.91
N ILE G 71 46.79 -22.31 46.58
CA ILE G 71 46.34 -21.09 45.86
C ILE G 71 45.28 -21.37 44.79
N PHE G 72 44.61 -20.29 44.39
CA PHE G 72 43.57 -20.28 43.35
C PHE G 72 43.81 -19.11 42.39
N ILE G 73 44.20 -19.41 41.15
CA ILE G 73 44.46 -18.38 40.12
C ILE G 73 43.20 -18.14 39.31
N ARG G 74 42.84 -16.85 39.17
CA ARG G 74 41.77 -16.41 38.28
C ARG G 74 42.24 -16.43 36.83
N CYS G 75 41.33 -16.83 35.95
CA CYS G 75 41.63 -17.14 34.56
C CYS G 75 42.18 -15.99 33.71
N ASN G 76 41.57 -14.81 33.79
CA ASN G 76 41.88 -13.72 32.84
C ASN G 76 43.32 -13.15 32.95
N ASN G 77 43.94 -13.31 34.12
CA ASN G 77 45.33 -12.87 34.33
C ASN G 77 46.40 -13.81 33.75
N VAL G 78 45.98 -15.05 33.47
CA VAL G 78 46.84 -16.14 32.97
C VAL G 78 47.44 -15.80 31.59
N LEU G 79 48.64 -16.32 31.33
CA LEU G 79 49.29 -16.18 30.04
C LEU G 79 49.50 -17.55 29.36
N TYR G 80 50.18 -18.48 30.04
CA TYR G 80 50.36 -19.86 29.54
C TYR G 80 50.65 -20.89 30.63
N ILE G 81 50.42 -22.15 30.30
CA ILE G 81 50.68 -23.30 31.18
C ILE G 81 51.94 -24.02 30.69
N ARG G 82 52.72 -24.60 31.62
CA ARG G 82 53.93 -25.34 31.27
C ARG G 82 54.39 -26.32 32.35
N GLU G 83 55.10 -27.38 31.95
CA GLU G 83 55.71 -28.34 32.86
C GLU G 83 57.16 -27.93 33.15
N VAL H 2 26.45 -10.58 16.00
CA VAL H 2 25.40 -11.40 15.29
C VAL H 2 25.63 -11.35 13.78
N SER H 3 25.64 -10.15 13.22
CA SER H 3 25.83 -9.93 11.79
C SER H 3 27.31 -10.12 11.39
N THR H 4 27.52 -10.54 10.15
CA THR H 4 28.86 -10.72 9.60
C THR H 4 29.50 -9.37 9.28
N PRO H 5 30.79 -9.16 9.65
CA PRO H 5 31.49 -7.96 9.19
C PRO H 5 31.62 -7.92 7.67
N GLU H 6 30.97 -6.93 7.06
CA GLU H 6 30.95 -6.80 5.60
C GLU H 6 32.31 -6.37 5.07
N LEU H 7 33.19 -7.35 4.94
CA LEU H 7 34.54 -7.17 4.39
C LEU H 7 34.68 -7.89 3.03
N LYS H 8 33.55 -8.14 2.38
CA LYS H 8 33.52 -8.79 1.05
C LYS H 8 34.06 -7.84 -0.04
N LYS H 9 34.00 -6.54 0.21
CA LYS H 9 34.64 -5.54 -0.64
C LYS H 9 36.15 -5.69 -0.59
N TYR H 10 36.68 -5.88 0.63
CA TYR H 10 38.13 -6.00 0.85
C TYR H 10 38.71 -7.39 0.54
N MET H 11 37.87 -8.37 0.19
CA MET H 11 38.36 -9.72 -0.14
C MET H 11 39.36 -9.73 -1.30
N ASP H 12 40.45 -10.47 -1.11
CA ASP H 12 41.53 -10.59 -2.10
C ASP H 12 42.17 -9.24 -2.48
N LYS H 13 42.40 -8.41 -1.46
CA LYS H 13 43.13 -7.15 -1.60
C LYS H 13 44.11 -7.01 -0.43
N LYS H 14 45.20 -6.28 -0.67
CA LYS H 14 46.26 -6.12 0.33
C LYS H 14 45.85 -5.03 1.31
N ILE H 15 45.89 -5.35 2.62
CA ILE H 15 45.36 -4.43 3.66
C ILE H 15 46.39 -4.17 4.75
N LEU H 16 46.47 -2.92 5.19
CA LEU H 16 47.20 -2.54 6.40
C LEU H 16 46.35 -2.86 7.64
N LEU H 17 46.63 -4.01 8.25
CA LEU H 17 46.04 -4.38 9.54
C LEU H 17 46.80 -3.68 10.65
N ASN H 18 46.26 -2.55 11.10
CA ASN H 18 46.75 -1.85 12.27
C ASN H 18 46.35 -2.71 13.48
N ILE H 19 47.35 -3.16 14.24
CA ILE H 19 47.15 -4.17 15.29
C ILE H 19 47.63 -3.65 16.64
N ASN H 20 47.29 -4.40 17.70
CA ASN H 20 47.50 -3.98 19.09
C ASN H 20 48.95 -3.56 19.41
N GLY H 21 49.08 -2.55 20.28
CA GLY H 21 50.38 -2.09 20.77
C GLY H 21 51.17 -1.23 19.78
N SER H 22 50.47 -0.41 19.01
CA SER H 22 51.07 0.49 18.00
C SER H 22 51.95 -0.24 16.97
N ARG H 23 51.49 -1.42 16.54
CA ARG H 23 52.18 -2.25 15.55
C ARG H 23 51.36 -2.24 14.26
N LYS H 24 51.88 -2.89 13.22
CA LYS H 24 51.17 -3.03 11.94
C LYS H 24 51.39 -4.40 11.31
N VAL H 25 50.52 -4.75 10.36
CA VAL H 25 50.72 -5.92 9.48
C VAL H 25 50.20 -5.53 8.09
N ALA H 26 50.76 -6.16 7.06
CA ALA H 26 50.25 -6.05 5.69
C ALA H 26 49.76 -7.42 5.21
N GLY H 27 49.14 -7.45 4.02
CA GLY H 27 48.85 -8.70 3.32
C GLY H 27 47.48 -8.77 2.67
N ILE H 28 47.38 -9.67 1.69
CA ILE H 28 46.14 -9.87 0.92
C ILE H 28 45.11 -10.65 1.73
N LEU H 29 43.88 -10.15 1.75
CA LEU H 29 42.81 -10.71 2.57
C LEU H 29 42.25 -12.01 1.96
N ARG H 30 42.30 -13.08 2.74
CA ARG H 30 41.81 -14.42 2.31
C ARG H 30 40.52 -14.86 3.03
N GLY H 31 40.32 -14.44 4.28
CA GLY H 31 39.08 -14.76 5.00
C GLY H 31 38.88 -14.08 6.34
N TYR H 32 37.70 -14.30 6.93
CA TYR H 32 37.33 -13.70 8.23
C TYR H 32 36.08 -14.36 8.82
N ASP H 33 35.71 -13.96 10.04
CA ASP H 33 34.54 -14.50 10.74
C ASP H 33 33.78 -13.42 11.52
N ILE H 34 32.72 -13.83 12.21
CA ILE H 34 31.88 -12.90 13.02
C ILE H 34 32.59 -12.22 14.20
N PHE H 35 33.69 -12.81 14.68
CA PHE H 35 34.55 -12.17 15.69
C PHE H 35 35.60 -11.21 15.10
N LEU H 36 35.64 -11.08 13.78
CA LEU H 36 36.63 -10.27 13.06
C LEU H 36 38.07 -10.79 13.21
N ASN H 37 38.24 -12.11 13.24
CA ASN H 37 39.57 -12.70 13.01
C ASN H 37 39.83 -12.55 11.51
N VAL H 38 41.10 -12.42 11.13
CA VAL H 38 41.47 -12.22 9.73
C VAL H 38 42.44 -13.32 9.30
N VAL H 39 42.18 -13.90 8.14
CA VAL H 39 43.07 -14.87 7.51
C VAL H 39 43.59 -14.19 6.26
N LEU H 40 44.91 -14.08 6.13
CA LEU H 40 45.52 -13.29 5.05
C LEU H 40 46.82 -13.91 4.52
N ASP H 41 47.05 -13.80 3.21
CA ASP H 41 48.27 -14.38 2.60
C ASP H 41 49.44 -13.42 2.86
N ASP H 42 50.55 -13.97 3.36
CA ASP H 42 51.43 -13.25 4.29
C ASP H 42 52.17 -12.03 3.74
N ALA H 43 52.57 -11.17 4.68
CA ALA H 43 53.33 -9.95 4.41
C ALA H 43 54.02 -9.44 5.69
N MET H 44 54.65 -8.27 5.56
CA MET H 44 55.64 -7.81 6.53
C MET H 44 55.05 -7.07 7.72
N GLU H 45 55.90 -6.89 8.72
CA GLU H 45 55.58 -6.20 9.96
C GLU H 45 56.35 -4.88 9.93
N ILE H 46 55.63 -3.77 9.96
CA ILE H 46 56.23 -2.45 9.71
C ILE H 46 56.77 -1.86 11.03
N ASN H 53 64.00 -1.64 8.19
CA ASN H 53 62.70 -1.10 7.81
C ASN H 53 61.58 -2.13 7.92
N ASN H 54 61.79 -3.29 7.27
CA ASN H 54 60.69 -4.24 7.04
C ASN H 54 61.17 -5.69 6.85
N HIS H 55 60.34 -6.64 7.26
CA HIS H 55 60.69 -8.07 7.20
C HIS H 55 59.47 -9.03 7.28
N GLN H 56 59.27 -9.82 6.23
CA GLN H 56 58.17 -10.78 6.16
C GLN H 56 58.44 -12.00 7.04
N LEU H 57 57.40 -12.49 7.69
CA LEU H 57 57.40 -13.78 8.37
C LEU H 57 56.17 -14.56 7.94
N GLY H 58 56.38 -15.82 7.55
CA GLY H 58 55.28 -16.72 7.20
C GLY H 58 54.88 -16.68 5.74
N LEU H 59 54.12 -17.70 5.33
CA LEU H 59 53.59 -17.83 3.97
C LEU H 59 52.16 -17.29 3.94
N GLN H 60 51.33 -17.77 4.87
CA GLN H 60 50.06 -17.12 5.21
C GLN H 60 50.00 -16.88 6.70
N THR H 61 49.11 -15.96 7.10
CA THR H 61 48.98 -15.52 8.50
C THR H 61 47.51 -15.39 8.92
N VAL H 62 47.29 -15.58 10.23
CA VAL H 62 45.99 -15.41 10.86
C VAL H 62 46.11 -14.44 12.04
N ILE H 63 45.34 -13.35 11.99
CA ILE H 63 45.28 -12.34 13.04
C ILE H 63 43.99 -12.53 13.84
N ARG H 64 44.11 -12.51 15.16
CA ARG H 64 42.97 -12.63 16.07
C ARG H 64 42.09 -11.37 16.01
N GLY H 65 40.82 -11.53 16.34
CA GLY H 65 39.85 -10.44 16.30
C GLY H 65 40.16 -9.30 17.25
N ASN H 66 40.33 -9.63 18.52
CA ASN H 66 40.63 -8.63 19.56
C ASN H 66 41.79 -7.71 19.19
N SER H 67 42.83 -8.28 18.60
CA SER H 67 44.06 -7.55 18.31
C SER H 67 43.92 -6.42 17.28
N ILE H 68 42.90 -6.46 16.42
CA ILE H 68 42.79 -5.50 15.33
C ILE H 68 42.31 -4.13 15.81
N ILE H 69 43.14 -3.11 15.64
CA ILE H 69 42.68 -1.73 15.76
C ILE H 69 41.86 -1.43 14.53
N SER H 70 42.52 -1.57 13.38
CA SER H 70 41.96 -1.16 12.10
C SER H 70 42.46 -2.11 11.01
N LEU H 71 41.75 -2.16 9.89
CA LEU H 71 42.24 -2.80 8.68
C LEU H 71 42.02 -1.84 7.50
N GLU H 72 42.99 -0.93 7.34
CA GLU H 72 42.91 0.13 6.33
C GLU H 72 43.40 -0.41 4.99
N ALA H 73 42.58 -0.25 3.95
CA ALA H 73 42.88 -0.83 2.63
C ALA H 73 44.04 -0.11 1.93
N LEU H 74 45.03 -0.88 1.50
CA LEU H 74 46.17 -0.36 0.73
C LEU H 74 45.71 -0.12 -0.70
N ASP H 75 45.11 -1.15 -1.31
CA ASP H 75 44.47 -1.03 -2.62
C ASP H 75 43.11 -0.35 -2.47
N ALA H 76 42.68 0.36 -3.52
CA ALA H 76 41.41 1.10 -3.50
C ALA H 76 40.21 0.17 -3.56
N UNK I 1 -63.30 36.00 19.94
CA UNK I 1 -62.42 34.79 20.13
C UNK I 1 -62.12 34.18 18.79
N UNK I 2 -63.18 34.05 17.98
CA UNK I 2 -63.05 33.50 16.61
C UNK I 2 -62.08 34.34 15.81
N UNK I 3 -62.25 35.65 15.91
CA UNK I 3 -61.40 36.62 15.20
C UNK I 3 -59.95 36.42 15.59
N UNK I 4 -59.74 36.30 16.89
CA UNK I 4 -58.40 36.09 17.47
C UNK I 4 -57.77 34.85 16.89
N UNK I 5 -58.56 33.79 16.87
CA UNK I 5 -58.13 32.48 16.34
C UNK I 5 -57.68 32.62 14.89
N UNK I 6 -58.51 33.32 14.13
CA UNK I 6 -58.25 33.58 12.70
C UNK I 6 -56.93 34.28 12.53
N UNK I 7 -56.74 35.30 13.35
CA UNK I 7 -55.52 36.13 13.34
C UNK I 7 -54.31 35.26 13.59
N UNK I 8 -54.43 34.40 14.60
CA UNK I 8 -53.37 33.47 14.99
C UNK I 8 -52.99 32.58 13.83
N UNK I 9 -54.03 32.05 13.18
CA UNK I 9 -53.88 31.16 12.02
C UNK I 9 -53.10 31.85 10.93
N UNK I 10 -53.51 33.09 10.67
CA UNK I 10 -52.89 33.95 9.64
C UNK I 10 -51.41 34.12 9.93
N UNK I 11 -51.13 34.42 11.19
CA UNK I 11 -49.76 34.62 11.67
C UNK I 11 -48.91 33.39 11.40
N UNK I 12 -49.49 32.25 11.75
CA UNK I 12 -48.85 30.94 11.59
C UNK I 12 -48.49 30.71 10.13
N UNK I 13 -49.47 31.01 9.28
CA UNK I 13 -49.33 30.87 7.82
C UNK I 13 -48.17 31.71 7.32
N UNK I 14 -48.13 32.95 7.80
CA UNK I 14 -47.10 33.92 7.45
C UNK I 14 -45.73 33.38 7.81
N UNK I 15 -45.65 32.85 9.03
CA UNK I 15 -44.42 32.28 9.58
C UNK I 15 -43.93 31.15 8.69
N UNK I 16 -44.87 30.29 8.31
CA UNK I 16 -44.60 29.14 7.45
C UNK I 16 -44.01 29.60 6.12
N UNK I 17 -44.66 30.61 5.57
CA UNK I 17 -44.25 31.21 4.29
C UNK I 17 -42.81 31.71 4.37
N UNK I 18 -42.55 32.41 5.47
CA UNK I 18 -41.22 32.97 5.74
C UNK I 18 -40.17 31.89 5.76
N ASN J 4 17.01 -2.95 21.35
CA ASN J 4 18.35 -2.68 20.73
C ASN J 4 18.84 -1.27 21.09
N GLY J 5 20.15 -1.07 21.00
CA GLY J 5 20.78 0.21 21.34
C GLY J 5 20.44 1.35 20.41
N ILE J 6 20.02 2.48 20.99
CA ILE J 6 19.67 3.67 20.24
C ILE J 6 20.91 4.36 19.72
N PRO J 7 22.05 4.28 20.44
CA PRO J 7 23.27 4.84 19.89
C PRO J 7 23.69 4.13 18.62
N VAL J 8 23.53 2.81 18.61
CA VAL J 8 23.82 1.99 17.44
C VAL J 8 22.98 2.47 16.24
N LYS J 9 21.70 2.67 16.53
CA LYS J 9 20.72 3.13 15.54
C LYS J 9 21.16 4.45 14.95
N LEU J 10 21.56 5.34 15.83
CA LEU J 10 22.03 6.69 15.47
C LEU J 10 23.21 6.59 14.52
N LEU J 11 24.14 5.73 14.90
CA LEU J 11 25.36 5.48 14.12
C LEU J 11 25.00 5.02 12.71
N ASN J 12 24.07 4.08 12.66
CA ASN J 12 23.58 3.50 11.41
C ASN J 12 23.01 4.60 10.51
N GLU J 13 22.20 5.44 11.14
CA GLU J 13 21.55 6.57 10.46
C GLU J 13 22.59 7.48 9.84
N ALA J 14 23.61 7.78 10.65
CA ALA J 14 24.73 8.64 10.25
C ALA J 14 25.41 8.07 9.02
N GLN J 15 25.28 6.79 8.68
CA GLN J 15 25.76 6.28 7.37
C GLN J 15 25.53 7.28 6.24
N GLY J 16 26.55 7.43 5.41
CA GLY J 16 26.56 8.45 4.37
C GLY J 16 27.25 9.71 4.87
N HIS J 17 26.74 10.28 5.96
CA HIS J 17 27.33 11.49 6.54
C HIS J 17 28.81 11.38 6.91
N ILE J 18 29.42 12.57 7.08
CA ILE J 18 30.81 12.72 7.46
C ILE J 18 30.89 12.68 8.98
N VAL J 19 31.20 11.51 9.54
CA VAL J 19 31.39 11.37 10.99
C VAL J 19 32.86 11.56 11.36
N SER J 20 33.09 12.08 12.56
CA SER J 20 34.42 12.07 13.18
C SER J 20 34.47 10.92 14.17
N LEU J 21 35.67 10.44 14.48
CA LEU J 21 35.85 9.14 15.13
C LEU J 21 37.20 8.97 15.82
N GLU J 22 37.25 9.03 17.15
CA GLU J 22 38.49 8.75 17.90
C GLU J 22 38.50 7.33 18.48
N LEU J 23 39.71 6.77 18.60
CA LEU J 23 39.91 5.43 19.13
C LEU J 23 40.48 5.48 20.56
N THR J 24 40.74 4.30 21.11
CA THR J 24 41.49 4.13 22.36
C THR J 24 42.88 4.75 22.29
N THR J 25 43.54 4.55 21.14
CA THR J 25 44.86 5.12 20.85
C THR J 25 44.85 6.65 20.90
N GLY J 26 43.72 7.25 20.53
CA GLY J 26 43.55 8.70 20.48
C GLY J 26 43.89 9.25 19.11
N ALA J 27 43.51 8.52 18.07
CA ALA J 27 43.83 8.85 16.69
C ALA J 27 42.54 9.20 15.96
N THR J 28 42.21 10.49 15.92
CA THR J 28 40.92 10.92 15.37
C THR J 28 40.90 10.72 13.85
N TYR J 29 39.74 10.29 13.36
CA TYR J 29 39.44 10.21 11.94
C TYR J 29 38.24 11.08 11.67
N ARG J 30 38.05 11.44 10.40
CA ARG J 30 36.87 12.16 9.94
C ARG J 30 36.58 11.72 8.52
N GLY J 31 35.40 11.13 8.30
CA GLY J 31 35.04 10.65 6.95
C GLY J 31 33.60 10.25 6.75
N LYS J 32 33.22 10.04 5.49
CA LYS J 32 31.91 9.50 5.12
C LYS J 32 31.78 8.12 5.73
N LEU J 33 30.76 7.90 6.54
CA LEU J 33 30.54 6.59 7.16
C LEU J 33 29.94 5.62 6.16
N VAL J 34 30.71 4.62 5.75
CA VAL J 34 30.32 3.69 4.69
C VAL J 34 29.34 2.67 5.23
N GLU J 35 29.76 1.95 6.27
CA GLU J 35 28.93 0.92 6.88
C GLU J 35 29.20 0.81 8.38
N SER J 36 28.12 0.57 9.13
CA SER J 36 28.19 0.28 10.56
C SER J 36 27.36 -0.94 10.93
N GLU J 37 27.75 -1.61 12.00
CA GLU J 37 27.12 -2.83 12.48
C GLU J 37 26.73 -2.69 13.94
N ASP J 38 26.09 -3.70 14.52
CA ASP J 38 25.61 -3.64 15.91
C ASP J 38 26.77 -3.38 16.87
N SER J 39 27.81 -4.21 16.77
CA SER J 39 29.12 -3.84 17.29
C SER J 39 29.60 -2.75 16.38
N MET J 40 30.05 -1.63 16.92
CA MET J 40 30.34 -0.44 16.10
C MET J 40 31.54 -0.65 15.16
N ASN J 41 31.36 -1.53 14.17
CA ASN J 41 32.43 -1.97 13.28
C ASN J 41 32.37 -1.07 12.07
N VAL J 42 32.97 0.11 12.19
CA VAL J 42 32.72 1.18 11.24
C VAL J 42 33.64 1.01 10.03
N GLN J 43 33.12 1.33 8.84
CA GLN J 43 33.96 1.59 7.66
C GLN J 43 33.78 3.05 7.29
N LEU J 44 34.83 3.72 6.79
CA LEU J 44 34.71 5.11 6.35
C LEU J 44 35.53 5.43 5.08
N ARG J 45 35.01 6.37 4.28
CA ARG J 45 35.63 6.78 3.00
C ARG J 45 36.26 8.16 3.10
N ASP J 46 37.25 8.40 2.23
CA ASP J 46 37.88 9.73 2.05
C ASP J 46 38.37 10.33 3.36
N VAL J 47 39.01 9.48 4.16
CA VAL J 47 39.18 9.75 5.59
C VAL J 47 40.58 10.27 5.96
N ILE J 48 40.60 11.40 6.66
CA ILE J 48 41.85 11.93 7.25
C ILE J 48 42.11 11.18 8.56
N ALA J 49 43.36 11.17 9.00
CA ALA J 49 43.77 10.42 10.19
C ALA J 49 44.80 11.19 11.00
N THR J 50 44.37 11.77 12.11
CA THR J 50 45.28 12.53 12.97
C THR J 50 45.99 11.57 13.93
N GLU J 51 47.29 11.77 14.10
CA GLU J 51 48.07 11.04 15.10
C GLU J 51 47.80 11.67 16.47
N PRO J 52 47.92 10.88 17.56
CA PRO J 52 47.83 11.45 18.92
C PRO J 52 48.79 12.62 19.21
N GLN J 53 49.98 12.60 18.61
CA GLN J 53 50.98 13.66 18.78
C GLN J 53 50.57 14.96 18.08
N GLY J 54 50.12 14.87 16.83
CA GLY J 54 49.68 16.04 16.08
C GLY J 54 49.46 15.85 14.59
N ALA J 55 50.45 15.22 13.93
CA ALA J 55 50.49 15.12 12.46
C ALA J 55 49.28 14.39 11.86
N VAL J 56 48.89 14.81 10.66
CA VAL J 56 47.71 14.27 9.95
C VAL J 56 48.12 13.53 8.68
N THR J 57 47.32 12.52 8.32
CA THR J 57 47.58 11.69 7.15
C THR J 57 46.26 11.33 6.44
N HIS J 58 46.17 11.65 5.15
CA HIS J 58 45.00 11.29 4.34
C HIS J 58 45.02 9.79 4.03
N MET J 59 43.83 9.19 3.96
CA MET J 59 43.70 7.78 3.59
C MET J 59 42.31 7.44 3.05
N ASP J 60 42.24 6.35 2.30
CA ASP J 60 41.09 6.07 1.43
C ASP J 60 39.89 5.48 2.19
N GLN J 61 39.92 4.17 2.45
CA GLN J 61 38.79 3.44 3.03
C GLN J 61 39.22 2.72 4.31
N ILE J 62 39.15 3.44 5.44
CA ILE J 62 39.52 2.88 6.74
C ILE J 62 38.41 1.99 7.29
N PHE J 63 38.81 0.88 7.91
CA PHE J 63 37.93 0.09 8.73
C PHE J 63 38.37 0.26 10.18
N VAL J 64 37.40 0.26 11.08
CA VAL J 64 37.66 0.32 12.50
C VAL J 64 36.73 -0.65 13.21
N ARG J 65 37.28 -1.31 14.23
CA ARG J 65 36.51 -2.21 15.08
C ARG J 65 36.06 -1.42 16.33
N GLY J 66 34.75 -1.36 16.53
CA GLY J 66 34.13 -0.69 17.69
C GLY J 66 34.71 -0.90 19.08
N SER J 67 35.25 -2.09 19.32
CA SER J 67 35.98 -2.37 20.55
C SER J 67 37.01 -1.26 20.80
N GLN J 68 37.83 -1.00 19.79
CA GLN J 68 38.91 -0.01 19.89
C GLN J 68 38.46 1.44 19.63
N ILE J 69 37.18 1.65 19.26
CA ILE J 69 36.63 2.99 19.12
C ILE J 69 36.31 3.56 20.49
N LYS J 70 36.54 4.86 20.64
CA LYS J 70 36.28 5.58 21.89
C LYS J 70 34.96 6.34 21.79
N PHE J 71 34.91 7.35 20.92
CA PHE J 71 33.69 8.14 20.70
C PHE J 71 33.56 8.57 19.25
N ILE J 72 32.31 8.69 18.80
CA ILE J 72 31.98 9.04 17.42
C ILE J 72 31.18 10.33 17.43
N VAL J 73 31.65 11.32 16.66
CA VAL J 73 30.91 12.56 16.44
C VAL J 73 30.15 12.42 15.13
N VAL J 74 28.85 12.68 15.20
CA VAL J 74 27.93 12.65 14.07
C VAL J 74 27.58 14.11 13.74
N PRO J 75 27.22 14.40 12.48
CA PRO J 75 26.70 15.73 12.16
C PRO J 75 25.43 16.14 12.92
N ASP J 76 25.29 17.45 13.10
CA ASP J 76 24.27 18.01 13.99
C ASP J 76 22.86 17.99 13.40
N LEU J 77 22.74 17.73 12.11
CA LEU J 77 21.45 17.51 11.45
C LEU J 77 20.66 16.33 12.04
N LEU J 78 21.36 15.26 12.42
CA LEU J 78 20.72 14.04 12.90
C LEU J 78 20.04 14.20 14.26
N LYS J 79 20.44 15.24 14.99
CA LYS J 79 19.72 15.70 16.19
C LYS J 79 18.22 15.78 15.94
N ASN J 80 17.84 16.41 14.82
CA ASN J 80 16.45 16.67 14.49
C ASN J 80 15.58 15.43 14.46
N ALA J 81 15.94 14.47 13.60
CA ALA J 81 15.05 13.35 13.30
C ALA J 81 15.80 12.16 12.69
N PRO J 82 15.15 10.98 12.56
CA PRO J 82 13.78 10.70 12.97
C PRO J 82 13.78 9.42 13.82
N LEU J 83 14.83 9.31 14.62
CA LEU J 83 15.19 8.10 15.31
C LEU J 83 14.56 8.06 16.69
N PHE J 84 14.61 9.19 17.38
CA PHE J 84 14.28 9.25 18.80
C PHE J 84 12.77 9.11 18.97
N LYS J 85 12.00 9.98 18.33
CA LYS J 85 10.56 9.78 18.17
C LYS J 85 9.97 10.73 17.12
N MET K 1 23.37 -17.18 46.01
CA MET K 1 24.18 -17.49 44.79
C MET K 1 24.75 -16.22 44.17
N LYS K 2 23.86 -15.32 43.75
CA LYS K 2 24.24 -14.07 43.07
C LYS K 2 24.63 -12.98 44.08
N LEU K 3 25.78 -12.36 43.86
CA LEU K 3 26.16 -11.12 44.56
C LEU K 3 25.42 -9.87 44.08
N VAL K 4 24.94 -9.92 42.84
CA VAL K 4 24.14 -8.87 42.25
C VAL K 4 22.91 -8.58 43.11
N ASN K 5 22.25 -9.67 43.49
CA ASN K 5 21.04 -9.61 44.32
C ASN K 5 21.34 -8.89 45.64
N PHE K 6 22.46 -9.30 46.23
CA PHE K 6 22.92 -8.75 47.51
C PHE K 6 23.12 -7.24 47.37
N LEU K 7 23.78 -6.86 46.29
CA LEU K 7 24.08 -5.46 45.98
C LEU K 7 22.79 -4.66 45.89
N LYS K 8 21.83 -5.24 45.18
CA LYS K 8 20.50 -4.64 44.97
C LYS K 8 19.83 -4.38 46.31
N LYS K 9 19.89 -5.41 47.15
CA LYS K 9 19.31 -5.37 48.50
C LYS K 9 19.91 -4.21 49.30
N LEU K 10 21.22 -4.01 49.22
CA LEU K 10 21.86 -2.84 49.84
C LEU K 10 21.34 -1.54 49.22
N ARG K 11 20.43 -0.87 49.93
CA ARG K 11 19.79 0.36 49.46
C ARG K 11 19.98 1.48 50.47
N ASN K 12 20.11 2.71 49.97
CA ASN K 12 20.17 3.93 50.79
C ASN K 12 21.35 3.99 51.78
N GLU K 13 22.43 3.29 51.44
CA GLU K 13 23.59 3.15 52.32
C GLU K 13 24.63 4.21 51.98
N GLN K 14 25.09 4.96 52.99
CA GLN K 14 26.18 5.91 52.84
C GLN K 14 27.51 5.15 52.89
N VAL K 15 28.15 5.02 51.73
CA VAL K 15 29.31 4.13 51.55
C VAL K 15 30.45 4.79 50.78
N THR K 16 31.66 4.31 51.04
CA THR K 16 32.83 4.65 50.24
C THR K 16 32.92 3.64 49.08
N ILE K 17 33.40 4.09 47.92
CA ILE K 17 33.65 3.21 46.77
C ILE K 17 35.03 3.52 46.18
N GLU K 18 35.70 2.44 45.74
CA GLU K 18 37.07 2.45 45.24
C GLU K 18 37.07 1.95 43.80
N LEU K 19 37.78 2.66 42.92
CA LEU K 19 37.74 2.41 41.46
C LEU K 19 39.00 1.73 40.94
N LYS K 20 38.99 1.40 39.64
CA LYS K 20 40.19 0.86 38.95
C LYS K 20 41.33 1.89 38.96
N ASN K 21 40.98 3.18 38.88
CA ASN K 21 41.97 4.27 38.98
C ASN K 21 42.15 4.82 40.42
N GLY K 22 41.65 4.11 41.43
CA GLY K 22 41.93 4.40 42.83
C GLY K 22 41.19 5.56 43.49
N THR K 23 40.17 6.10 42.82
CA THR K 23 39.44 7.25 43.34
C THR K 23 38.47 6.81 44.45
N THR K 24 38.59 7.46 45.61
CA THR K 24 37.71 7.19 46.76
C THR K 24 36.46 8.06 46.68
N VAL K 25 35.31 7.39 46.75
CA VAL K 25 34.00 8.00 46.46
C VAL K 25 33.01 7.79 47.61
N TRP K 26 32.81 8.83 48.42
CA TRP K 26 31.89 8.80 49.58
C TRP K 26 30.48 9.23 49.19
N GLY K 27 29.54 8.29 49.14
CA GLY K 27 28.16 8.62 48.73
C GLY K 27 27.09 7.63 49.13
N THR K 28 25.83 8.09 49.09
CA THR K 28 24.67 7.27 49.45
C THR K 28 24.16 6.51 48.22
N LEU K 29 24.32 5.18 48.23
CA LEU K 29 23.82 4.36 47.12
C LEU K 29 22.31 4.39 47.03
N GLN K 30 21.77 5.13 46.06
CA GLN K 30 20.32 5.13 45.84
C GLN K 30 19.88 3.88 45.11
N SER K 31 20.70 3.43 44.14
CA SER K 31 20.45 2.19 43.43
C SER K 31 21.70 1.64 42.76
N VAL K 32 21.63 0.36 42.38
CA VAL K 32 22.68 -0.30 41.61
C VAL K 32 22.02 -1.16 40.53
N SER K 33 22.66 -1.23 39.36
CA SER K 33 22.17 -2.01 38.23
C SER K 33 22.45 -3.50 38.42
N PRO K 34 21.91 -4.34 37.52
CA PRO K 34 22.35 -5.74 37.49
C PRO K 34 23.83 -5.95 37.13
N GLN K 35 24.44 -4.97 36.43
CA GLN K 35 25.86 -5.02 36.07
C GLN K 35 26.71 -4.08 36.93
N MET K 36 26.31 -3.90 38.20
CA MET K 36 27.09 -3.15 39.20
C MET K 36 27.27 -1.64 38.93
N ASN K 37 26.46 -1.05 38.04
CA ASN K 37 26.54 0.39 37.79
C ASN K 37 25.95 1.14 38.99
N ALA K 38 26.82 1.76 39.79
CA ALA K 38 26.39 2.37 41.03
C ALA K 38 25.77 3.74 40.78
N ILE K 39 24.63 4.01 41.43
CA ILE K 39 23.96 5.31 41.36
C ILE K 39 23.94 5.91 42.77
N LEU K 40 24.77 6.92 42.96
CA LEU K 40 24.99 7.55 44.27
C LEU K 40 24.31 8.91 44.37
N THR K 41 24.10 9.33 45.62
CA THR K 41 23.56 10.65 45.95
C THR K 41 24.31 11.19 47.16
N ASP K 42 24.51 12.50 47.22
CA ASP K 42 25.31 13.16 48.27
C ASP K 42 26.77 12.66 48.19
N VAL K 43 27.37 12.88 47.03
CA VAL K 43 28.63 12.23 46.65
C VAL K 43 29.86 13.12 46.90
N LYS K 44 30.97 12.47 47.21
CA LYS K 44 32.21 13.15 47.61
C LYS K 44 33.41 12.40 47.03
N LEU K 45 34.02 12.96 45.99
CA LEU K 45 35.17 12.35 45.31
C LEU K 45 36.48 12.89 45.87
N THR K 46 37.32 11.96 46.36
CA THR K 46 38.68 12.29 46.82
C THR K 46 39.67 11.29 46.21
N LEU K 47 40.90 11.75 45.97
CA LEU K 47 41.94 10.94 45.35
C LEU K 47 42.85 10.29 46.40
N PRO K 48 43.56 9.20 46.03
CA PRO K 48 44.41 8.50 47.00
C PRO K 48 45.79 9.17 47.17
N SER K 76 45.80 12.00 48.72
CA SER K 76 46.99 12.85 48.72
C SER K 76 46.78 14.19 47.99
N ASP K 77 45.53 14.65 47.93
CA ASP K 77 45.16 15.94 47.29
C ASP K 77 43.74 16.37 47.71
N ASN K 78 43.33 17.55 47.24
CA ASN K 78 42.03 18.15 47.64
C ASN K 78 40.80 17.38 47.12
N ILE K 79 39.67 17.67 47.74
CA ILE K 79 38.40 16.94 47.54
C ILE K 79 37.52 17.66 46.53
N ALA K 80 36.64 16.90 45.86
CA ALA K 80 35.61 17.48 44.98
C ALA K 80 34.26 16.81 45.25
N SER K 81 33.28 17.58 45.72
CA SER K 81 31.94 17.08 46.07
C SER K 81 30.95 17.26 44.93
N LEU K 82 29.99 16.34 44.82
CA LEU K 82 28.96 16.37 43.77
C LEU K 82 27.64 15.81 44.30
N GLN K 83 26.52 16.28 43.75
CA GLN K 83 25.20 15.85 44.23
C GLN K 83 24.86 14.42 43.80
N TYR K 84 24.94 14.16 42.49
CA TYR K 84 24.53 12.88 41.90
C TYR K 84 25.64 12.33 41.01
N ILE K 85 26.01 11.07 41.21
CA ILE K 85 26.97 10.38 40.33
C ILE K 85 26.48 8.96 40.01
N ASN K 86 26.37 8.69 38.70
CA ASN K 86 26.20 7.34 38.18
C ASN K 86 27.57 6.83 37.71
N ILE K 87 28.19 5.99 38.54
CA ILE K 87 29.48 5.36 38.22
C ILE K 87 29.21 4.01 37.57
N ARG K 88 30.06 3.67 36.61
CA ARG K 88 29.93 2.43 35.84
C ARG K 88 30.44 1.21 36.59
N GLY K 89 29.88 0.04 36.28
CA GLY K 89 30.19 -1.21 36.99
C GLY K 89 31.59 -1.75 36.78
N ASN K 90 32.13 -1.59 35.57
CA ASN K 90 33.49 -2.03 35.26
C ASN K 90 34.56 -1.28 36.06
N THR K 91 34.27 -0.03 36.40
CA THR K 91 35.22 0.81 37.14
C THR K 91 35.31 0.46 38.62
N ILE K 92 34.17 0.16 39.24
CA ILE K 92 34.11 -0.04 40.69
C ILE K 92 34.83 -1.33 41.15
N ARG K 93 36.04 -1.14 41.67
CA ARG K 93 36.92 -2.21 42.17
C ARG K 93 36.38 -2.81 43.47
N GLN K 94 36.18 -1.95 44.46
CA GLN K 94 35.76 -2.36 45.81
C GLN K 94 34.76 -1.35 46.36
N ILE K 95 33.55 -1.78 46.66
CA ILE K 95 32.60 -0.95 47.39
C ILE K 95 32.80 -1.21 48.88
N ILE K 96 33.26 -0.19 49.61
CA ILE K 96 33.45 -0.30 51.05
C ILE K 96 32.07 -0.17 51.71
N LEU K 97 31.63 -1.23 52.37
CA LEU K 97 30.27 -1.31 52.92
C LEU K 97 30.11 -0.46 54.19
N PRO K 98 28.86 -0.32 54.70
CA PRO K 98 28.67 0.43 55.96
C PRO K 98 29.29 -0.21 57.21
N ASP K 99 29.18 0.48 58.34
CA ASP K 99 29.74 0.02 59.60
C ASP K 99 28.91 -1.14 60.17
N SER K 100 27.61 -0.88 60.38
CA SER K 100 26.68 -1.87 60.90
C SER K 100 25.95 -2.56 59.74
N LEU K 101 26.05 -3.89 59.67
CA LEU K 101 25.41 -4.67 58.60
C LEU K 101 25.27 -6.15 58.95
N ASN K 102 24.05 -6.68 58.81
CA ASN K 102 23.78 -8.10 59.02
C ASN K 102 23.90 -8.83 57.69
N LEU K 103 24.96 -9.62 57.54
CA LEU K 103 25.39 -10.11 56.23
C LEU K 103 24.68 -11.39 55.88
N ASP K 104 24.54 -12.28 56.87
CA ASP K 104 23.87 -13.56 56.69
C ASP K 104 22.43 -13.35 56.21
N SER K 105 21.76 -12.41 56.88
CA SER K 105 20.38 -12.07 56.56
C SER K 105 20.26 -11.62 55.11
N LEU K 106 21.19 -10.75 54.73
CA LEU K 106 21.25 -10.20 53.37
C LEU K 106 21.40 -11.32 52.36
N LEU K 107 22.30 -12.23 52.67
CA LEU K 107 22.60 -13.40 51.83
C LEU K 107 21.44 -14.40 51.61
N VAL K 108 20.36 -14.30 52.38
CA VAL K 108 19.16 -15.14 52.17
C VAL K 108 18.45 -14.73 50.86
N ASP K 109 17.92 -15.73 50.15
CA ASP K 109 17.21 -15.51 48.88
C ASP K 109 15.86 -14.83 49.12
N ARG L 15 16.60 -22.32 34.98
CA ARG L 15 17.57 -21.43 35.68
C ARG L 15 18.11 -22.17 36.91
N ALA L 16 17.17 -22.74 37.66
CA ALA L 16 17.47 -23.45 38.91
C ALA L 16 18.46 -24.59 38.64
N GLU L 17 18.13 -25.35 37.59
CA GLU L 17 18.95 -26.50 37.17
C GLU L 17 20.37 -26.05 36.87
N LEU L 18 20.45 -24.95 36.12
CA LEU L 18 21.74 -24.37 35.72
C LEU L 18 22.56 -24.01 36.95
N GLU L 19 21.88 -23.37 37.90
CA GLU L 19 22.48 -22.93 39.15
C GLU L 19 23.07 -24.13 39.90
N GLU L 20 22.25 -25.18 39.96
CA GLU L 20 22.63 -26.43 40.62
C GLU L 20 23.90 -27.00 40.00
N LEU L 21 23.89 -27.01 38.68
CA LEU L 21 25.02 -27.53 37.88
C LEU L 21 26.30 -26.75 38.22
N GLU L 22 26.14 -25.44 38.27
CA GLU L 22 27.23 -24.52 38.57
C GLU L 22 27.83 -24.84 39.94
N GLU L 23 26.92 -25.02 40.89
CA GLU L 23 27.27 -25.35 42.27
C GLU L 23 28.09 -26.63 42.32
N PHE L 24 27.59 -27.62 41.59
CA PHE L 24 28.23 -28.94 41.50
C PHE L 24 29.66 -28.79 40.99
N GLU L 25 29.78 -28.01 39.92
CA GLU L 25 31.06 -27.73 39.27
C GLU L 25 32.04 -27.14 40.26
N PHE L 26 31.54 -26.15 40.99
CA PHE L 26 32.32 -25.43 42.01
C PHE L 26 32.85 -26.41 43.05
N LYS L 27 31.94 -27.27 43.49
CA LYS L 27 32.25 -28.29 44.50
C LYS L 27 33.36 -29.19 44.01
N HIS L 28 33.23 -29.61 42.75
CA HIS L 28 34.22 -30.48 42.09
C HIS L 28 35.56 -29.72 41.78
N GLY L 29 35.46 -28.72 40.92
CA GLY L 29 36.62 -28.13 40.24
C GLY L 29 37.40 -27.09 41.03
N PRO L 30 37.99 -26.09 40.35
CA PRO L 30 38.91 -25.13 40.98
C PRO L 30 38.24 -24.07 41.88
N MET L 31 36.91 -23.98 41.86
CA MET L 31 36.17 -23.10 42.74
C MET L 31 35.68 -23.83 44.01
N SER L 32 36.30 -24.98 44.32
CA SER L 32 35.95 -25.78 45.49
C SER L 32 36.65 -25.23 46.72
N LEU L 33 37.94 -24.93 46.55
CA LEU L 33 38.81 -24.53 47.64
C LEU L 33 38.24 -23.29 48.34
N ILE L 34 37.88 -22.33 47.50
CA ILE L 34 37.34 -21.04 47.96
C ILE L 34 36.07 -21.28 48.77
N ASN L 35 35.22 -22.14 48.23
CA ASN L 35 33.94 -22.51 48.87
C ASN L 35 34.20 -23.08 50.25
N ASP L 36 35.16 -23.99 50.30
CA ASP L 36 35.57 -24.67 51.54
C ASP L 36 35.99 -23.64 52.58
N ALA L 37 36.83 -22.72 52.12
CA ALA L 37 37.36 -21.64 52.95
C ALA L 37 36.22 -20.82 53.56
N MET L 38 35.27 -20.49 52.69
CA MET L 38 34.09 -19.71 53.06
C MET L 38 33.31 -20.43 54.16
N VAL L 39 33.12 -21.72 53.94
CA VAL L 39 32.40 -22.59 54.87
C VAL L 39 33.08 -22.57 56.24
N THR L 40 34.40 -22.69 56.20
CA THR L 40 35.23 -22.71 57.40
C THR L 40 35.36 -21.32 57.98
N ARG L 41 35.30 -20.28 57.14
CA ARG L 41 35.64 -18.89 57.50
C ARG L 41 36.99 -18.77 58.22
N THR L 42 38.04 -19.11 57.46
CA THR L 42 39.43 -18.90 57.86
C THR L 42 39.94 -17.58 57.25
N PRO L 43 41.01 -17.00 57.83
CA PRO L 43 41.62 -15.83 57.19
C PRO L 43 42.39 -16.23 55.92
N VAL L 44 42.18 -15.47 54.85
CA VAL L 44 42.80 -15.74 53.55
C VAL L 44 43.33 -14.46 52.90
N ILE L 45 44.30 -14.63 52.01
CA ILE L 45 44.96 -13.53 51.32
C ILE L 45 44.61 -13.57 49.83
N ILE L 46 44.51 -12.40 49.21
CA ILE L 46 44.21 -12.27 47.77
C ILE L 46 45.18 -11.30 47.11
N SER L 47 45.73 -11.71 45.96
CA SER L 47 46.53 -10.84 45.10
C SER L 47 45.62 -10.18 44.07
N LEU L 48 45.98 -8.97 43.65
CA LEU L 48 45.09 -8.11 42.86
C LEU L 48 45.86 -7.34 41.77
N ARG L 49 45.12 -6.90 40.74
CA ARG L 49 45.72 -6.19 39.57
C ARG L 49 46.52 -4.94 39.97
N ASN L 50 46.03 -4.22 40.99
CA ASN L 50 46.61 -2.93 41.40
C ASN L 50 47.67 -2.98 42.52
N ASN L 51 48.28 -4.15 42.74
CA ASN L 51 49.24 -4.38 43.82
C ASN L 51 48.61 -4.11 45.19
N HIS L 52 47.58 -4.90 45.49
CA HIS L 52 46.90 -4.88 46.79
C HIS L 52 46.77 -6.31 47.32
N LYS L 53 47.56 -6.63 48.34
CA LYS L 53 47.45 -7.91 49.04
C LYS L 53 46.33 -7.83 50.07
N ILE L 54 45.16 -8.36 49.72
CA ILE L 54 43.96 -8.28 50.57
C ILE L 54 43.89 -9.49 51.50
N ILE L 55 44.29 -9.28 52.74
CA ILE L 55 44.17 -10.29 53.81
C ILE L 55 42.83 -10.06 54.51
N ALA L 56 41.88 -10.98 54.31
CA ALA L 56 40.51 -10.78 54.81
C ALA L 56 39.70 -12.05 54.99
N ARG L 57 38.57 -11.89 55.69
CA ARG L 57 37.64 -12.98 55.97
C ARG L 57 36.53 -12.96 54.91
N VAL L 58 36.40 -14.07 54.18
CA VAL L 58 35.45 -14.20 53.07
C VAL L 58 34.04 -14.39 53.62
N LYS L 59 33.07 -13.73 52.99
CA LYS L 59 31.65 -13.89 53.32
C LYS L 59 30.80 -14.41 52.16
N ALA L 60 30.97 -13.83 50.98
CA ALA L 60 30.22 -14.23 49.77
C ALA L 60 31.14 -14.67 48.62
N PHE L 61 30.53 -15.37 47.66
CA PHE L 61 31.25 -15.98 46.53
C PHE L 61 30.30 -16.24 45.35
N ASP L 62 30.80 -16.05 44.13
CA ASP L 62 29.98 -16.21 42.90
C ASP L 62 30.81 -16.67 41.69
N ARG L 63 30.14 -16.80 40.54
CA ARG L 63 30.78 -17.15 39.26
C ARG L 63 31.94 -16.24 38.87
N HIS L 64 31.78 -14.93 39.12
CA HIS L 64 32.76 -13.91 38.71
C HIS L 64 33.98 -13.79 39.65
N CYS L 65 33.94 -14.48 40.79
CA CYS L 65 34.91 -14.26 41.88
C CYS L 65 34.87 -12.84 42.45
N ASN L 66 33.66 -12.26 42.51
CA ASN L 66 33.39 -11.11 43.36
C ASN L 66 33.23 -11.63 44.77
N MET L 67 33.59 -10.81 45.75
CA MET L 67 33.61 -11.25 47.15
C MET L 67 33.14 -10.16 48.11
N VAL L 68 32.32 -10.57 49.08
CA VAL L 68 32.02 -9.73 50.24
C VAL L 68 33.03 -10.11 51.32
N LEU L 69 33.65 -9.09 51.92
CA LEU L 69 34.78 -9.29 52.84
C LEU L 69 34.54 -8.64 54.20
N GLU L 70 34.85 -9.38 55.26
CA GLU L 70 34.90 -8.86 56.63
C GLU L 70 36.31 -8.94 57.18
N ASN L 71 36.57 -8.19 58.25
CA ASN L 71 37.88 -8.17 58.92
C ASN L 71 39.01 -7.88 57.93
N VAL L 72 38.80 -6.83 57.13
CA VAL L 72 39.60 -6.63 55.93
C VAL L 72 40.89 -5.88 56.24
N LYS L 73 42.00 -6.38 55.69
CA LYS L 73 43.33 -5.80 55.88
C LYS L 73 44.09 -5.87 54.55
N GLU L 74 44.09 -4.75 53.82
CA GLU L 74 44.81 -4.63 52.56
C GLU L 74 46.27 -4.28 52.80
N LEU L 75 47.13 -4.61 51.83
CA LEU L 75 48.56 -4.29 51.89
C LEU L 75 49.09 -3.82 50.54
N TRP L 76 49.66 -2.62 50.52
CA TRP L 76 50.21 -1.99 49.31
C TRP L 76 51.43 -1.11 49.69
N THR L 77 51.79 -0.15 48.84
CA THR L 77 52.90 0.77 49.11
C THR L 77 52.77 2.10 48.35
N GLU L 78 52.31 3.16 49.04
CA GLU L 78 52.33 4.52 48.47
C GLU L 78 53.78 5.02 48.45
N LYS L 79 54.27 5.29 47.24
CA LYS L 79 55.71 5.41 46.99
C LYS L 79 55.97 6.09 45.64
N LYS L 80 56.54 7.30 45.69
CA LYS L 80 56.98 8.02 44.48
C LYS L 80 58.50 8.10 44.51
N GLY L 81 59.13 7.39 43.57
CA GLY L 81 60.54 7.01 43.68
C GLY L 81 61.58 8.13 43.62
N LYS L 82 62.74 7.98 44.28
CA LYS L 82 63.09 6.79 45.07
C LYS L 82 62.57 6.89 46.51
N ASN L 83 61.82 5.87 46.94
CA ASN L 83 61.27 5.81 48.29
C ASN L 83 60.85 4.36 48.59
N VAL L 84 60.81 4.00 49.88
CA VAL L 84 60.38 2.66 50.32
C VAL L 84 59.49 2.78 51.58
N ILE L 85 58.19 2.61 51.38
CA ILE L 85 57.20 2.63 52.47
C ILE L 85 56.27 1.41 52.32
N ASN L 86 55.88 0.81 53.46
CA ASN L 86 54.91 -0.29 53.49
C ASN L 86 53.70 0.10 54.34
N ARG L 87 52.54 0.27 53.69
CA ARG L 87 51.31 0.69 54.37
C ARG L 87 50.22 -0.38 54.29
N GLU L 88 49.36 -0.39 55.30
CA GLU L 88 48.21 -1.30 55.38
C GLU L 88 47.12 -0.69 56.27
N ARG L 89 45.85 -0.87 55.89
CA ARG L 89 44.71 -0.29 56.62
C ARG L 89 43.64 -1.34 56.92
N PHE L 90 43.03 -1.22 58.10
CA PHE L 90 41.91 -2.07 58.50
C PHE L 90 40.61 -1.48 57.97
N ILE L 91 39.75 -2.36 57.44
CA ILE L 91 38.38 -1.99 57.06
C ILE L 91 37.43 -3.08 57.56
N SER L 92 36.27 -2.65 58.06
CA SER L 92 35.32 -3.54 58.72
C SER L 92 34.62 -4.47 57.72
N LYS L 93 33.95 -3.87 56.73
CA LYS L 93 33.19 -4.60 55.71
C LYS L 93 33.49 -4.02 54.33
N LEU L 94 33.69 -4.88 53.33
CA LEU L 94 34.13 -4.42 52.00
C LEU L 94 33.76 -5.39 50.86
N PHE L 95 33.03 -4.86 49.87
CA PHE L 95 32.75 -5.58 48.62
C PHE L 95 33.96 -5.49 47.70
N LEU L 96 34.13 -6.51 46.85
CA LEU L 96 35.25 -6.60 45.90
C LEU L 96 34.77 -7.08 44.54
N ARG L 97 35.40 -6.57 43.47
CA ARG L 97 35.07 -6.96 42.09
C ARG L 97 36.05 -8.01 41.55
N GLY L 98 35.56 -8.84 40.64
CA GLY L 98 36.26 -10.04 40.16
C GLY L 98 37.47 -9.87 39.24
N ASP L 99 37.41 -8.94 38.27
CA ASP L 99 38.51 -8.76 37.30
C ASP L 99 39.82 -8.36 38.00
N SER L 100 39.67 -7.67 39.14
CA SER L 100 40.77 -7.32 40.02
C SER L 100 41.60 -8.53 40.47
N VAL L 101 40.90 -9.59 40.87
CA VAL L 101 41.53 -10.78 41.46
C VAL L 101 42.49 -11.46 40.50
N ILE L 102 43.73 -11.67 40.94
CA ILE L 102 44.70 -12.46 40.19
C ILE L 102 44.75 -13.86 40.78
N VAL L 103 45.20 -13.97 42.02
CA VAL L 103 45.37 -15.26 42.71
C VAL L 103 44.98 -15.14 44.18
N VAL L 104 44.04 -15.98 44.61
CA VAL L 104 43.66 -16.09 46.02
C VAL L 104 44.52 -17.19 46.64
N LEU L 105 44.77 -17.09 47.94
CA LEU L 105 45.55 -18.11 48.66
C LEU L 105 45.13 -18.24 50.12
N LYS L 106 45.45 -19.41 50.69
CA LYS L 106 45.09 -19.77 52.06
C LYS L 106 46.35 -20.14 52.85
N THR L 107 46.67 -19.34 53.87
CA THR L 107 47.80 -19.61 54.78
C THR L 107 47.29 -20.34 56.03
N PRO L 108 47.66 -21.64 56.21
CA PRO L 108 47.17 -22.39 57.36
C PRO L 108 47.92 -22.05 58.66
PG GTP M . -3.98 0.95 -10.99
O1G GTP M . -4.94 2.12 -11.04
O2G GTP M . -4.07 0.11 -12.22
O3G GTP M . -2.58 1.28 -10.52
O3B GTP M . -4.51 0.01 -9.79
PB GTP M . -4.46 0.57 -8.29
O1B GTP M . -4.91 2.01 -8.34
O2B GTP M . -3.13 0.26 -7.67
O3A GTP M . -5.58 -0.28 -7.53
PA GTP M . -6.56 0.45 -6.46
O1A GTP M . -7.73 1.06 -7.21
O2A GTP M . -5.70 1.30 -5.56
O5' GTP M . -7.12 -0.79 -5.62
C5' GTP M . -7.70 -1.89 -6.30
C4' GTP M . -9.22 -1.95 -6.15
O4' GTP M . -9.52 -3.18 -5.50
C3' GTP M . -9.83 -0.85 -5.30
O3' GTP M . -11.21 -0.72 -5.65
C2' GTP M . -9.64 -1.40 -3.91
O2' GTP M . -10.67 -0.94 -3.01
C1' GTP M . -9.65 -2.93 -4.11
N9 GTP M . -8.59 -3.57 -3.29
C8 GTP M . -7.31 -3.15 -3.11
N7 GTP M . -6.65 -3.97 -2.27
C5 GTP M . -7.50 -4.93 -1.90
C6 GTP M . -7.42 -6.10 -1.02
O6 GTP M . -6.34 -6.32 -0.44
N1 GTP M . -8.50 -6.87 -0.85
C2 GTP M . -9.66 -6.60 -1.49
N2 GTP M . -10.73 -7.42 -1.28
N3 GTP M . -9.81 -5.53 -2.32
C4 GTP M . -8.77 -4.68 -2.56
#